data_6SXN
#
_entry.id   6SXN
#
_cell.length_a   102.555
_cell.length_b   122.973
_cell.length_c   134.185
_cell.angle_alpha   90.00
_cell.angle_beta   90.00
_cell.angle_gamma   90.00
#
_symmetry.space_group_name_H-M   'P 21 21 21'
#
loop_
_entity.id
_entity.type
_entity.pdbx_description
1 polymer 'Geranylgeranyl pyrophosphate synthase'
2 polymer 'Geranylgeranyl pyrophosphate synthase'
3 polymer 'Geranylgeranyl pyrophosphate synthase'
4 polymer 'Geranylgeranyl pyrophosphate synthase'
5 polymer 'Geranylgeranyl pyrophosphate synthase'
6 polymer 'Geranylgeranyl pyrophosphate synthase'
7 water water
#
loop_
_entity_poly.entity_id
_entity_poly.type
_entity_poly.pdbx_seq_one_letter_code
_entity_poly.pdbx_strand_id
1 'polypeptide(L)'
;QGFSLAQYLQEQKTIVETALDQSLVITEPVTIYEAMRYSLLAGGKRLRPILCLAACEMLGGTAAMAMNTACALEMIHTMS
LIHDDLPAMDNDDLRRGKPTNHKVYGEDIAILAGDALLSYAFEYVARTPDVPAERLLQVIVRLGQAVGAEGLVGGQVVDL
ESEGKDVAVETLNFIHTHKTGALLEVCVTAGAILAGAKPEEVQLLSRYAQNIGLAFQIVDDILDITVTYPKSQAEAQKLV
AEAIASLEPYGEKANPLKALAEYIVNA
;
A
2 'polypeptide(L)'
;QGFSLAQYLQEQKTIVETALDQSLVITEPVTIYEAMRYSLLAGGKRLRPILCLAACEMLGGTAAMAMNTACALEMIHTMS
LIHDDLPAMDNDDLRRGKPTNHKVYGEDIAILAGDALLSYAFEYVARTPDVPAERLLQVIVRLGQAVGAEGLVGGQVVDL
ESETDVAVETLNFIHTHKTGALLEVCVTAGAILAGAKPEEVQLLSRYAQNIGLAFQIVDDILSLEKSQAEAQKLVAEAIA
SLEPYGEKANPLKALAEYI
;
B
3 'polypeptide(L)'
;QGFSLAQYLQEQKTIVETALDQSLVITEPVTIYEAMRYSLLAGGKRLRPILCLAACEMLGGTAAMAMNTACALEMIHTMS
LIHDDLPAMDNDDLRRGKPTNHKVYGEDIAILAGDALLSYAFEYVARTPDVPAERLLQVIVRLGQAVGAEGLVGGQVVDL
ESEGVETLNFIHTHKTGALLEVCVTAGAILAGAKPEEVQLLSRYAQNIGLAFQIVDDILLWGIEKSQAEAQKLVAEAIAS
LEPYGEKANPLKALAEYI
;
C
4 'polypeptide(L)'
;QGFSLAQYLQEQKTIVETALDQSLVITEPVTIYEAMRYSLLAGGKRLRPILCLAACEMLGGTAAMAMNTACALEMIHTMS
LIHDDLPAMDNDDLRRGKPTNHKVYGEDIAILAGDALLSYAFEYVARTPDVPAERLLQVIVRLGQAVGAEGLVGGQVVDL
ESEGKTDVAVETLNFIHTHKTGALLEVCVTAGAILAGAKPEEVQLLSRYAQNIGLAFQIVDDILTYPSLWGIEKSQAEAQ
KLVAEAIASLEPYGEKANPLKALAEYI
;
D
5 'polypeptide(L)'
;VADAHTQGFSLAQYLQEQKTIVETALDQSLVITEPVTIYEAMRYSLLAGGKRLRPILCLAACEMLGGTAAMAMNTACALE
MIHTMSLIHDDLPAMDNDDLRRGKPTNHKVYGEDIAILAGDALLSYAFEYVARTPDVPAERLLQVIVRLGQAVGAEGLVG
GQVVDLESEVAVETLNFIHTHKTGALLEVCVTAGAILAGAKPEEVQLLSRYAQNIGLAFQIVKSQAEAQKLVAEAIASLE
PYGEKANPLKALAEYIVNR
;
E
6 'polypeptide(L)'
;QGFSLAQYLQEQKTIVETALDQSLVITEPVTIYEAMRYSLLAGGKRLRPILCLAACEMLGGTAAMAMNTACALEMIHTMS
LIHDDLPAMDNDDLRRGKPTNHKVYGEDIAILAGDALLSYAFEYVARTPDVPAERLLQVIVRLGQAVGAEGLVGGQVVDL
ESEGKETLNFIHTHKTGALLEVCVTAGAILAGAKPEEVQLLSRYAQNIGLAFQIVDDSQAEAQKLVAEAIASLEPYGEKA
NPLKALAEYIVNR
;
F
#
# COMPACT_ATOMS: atom_id res chain seq x y z
N GLN A 1 1.44 -29.22 -31.67
CA GLN A 1 1.75 -29.16 -30.21
C GLN A 1 0.74 -28.26 -29.49
N GLY A 2 0.07 -28.82 -28.48
CA GLY A 2 -1.12 -28.22 -27.90
C GLY A 2 -1.06 -28.17 -26.39
N PHE A 3 -2.11 -27.68 -25.76
CA PHE A 3 -2.06 -27.16 -24.40
C PHE A 3 -3.03 -27.92 -23.50
N SER A 4 -2.56 -28.41 -22.36
CA SER A 4 -3.42 -29.12 -21.42
C SER A 4 -3.72 -28.28 -20.19
N LEU A 5 -4.97 -27.81 -20.08
CA LEU A 5 -5.40 -27.01 -18.94
C LEU A 5 -5.17 -27.76 -17.64
N ALA A 6 -5.49 -29.06 -17.62
CA ALA A 6 -5.44 -29.84 -16.39
C ALA A 6 -4.01 -29.85 -15.85
N GLN A 7 -3.00 -29.92 -16.73
CA GLN A 7 -1.61 -29.91 -16.31
C GLN A 7 -1.29 -28.53 -15.73
N TYR A 8 -1.62 -27.48 -16.50
CA TYR A 8 -1.38 -26.10 -16.14
C TYR A 8 -1.95 -25.82 -14.75
N LEU A 9 -3.25 -26.07 -14.58
CA LEU A 9 -3.93 -25.87 -13.31
C LEU A 9 -3.21 -26.63 -12.19
N GLN A 10 -2.72 -27.84 -12.48
CA GLN A 10 -2.05 -28.68 -11.50
C GLN A 10 -0.72 -28.02 -11.10
N GLU A 11 0.08 -27.62 -12.10
CA GLU A 11 1.38 -27.01 -11.86
C GLU A 11 1.19 -25.71 -11.05
N GLN A 12 0.31 -24.83 -11.55
CA GLN A 12 0.10 -23.51 -10.96
C GLN A 12 -0.48 -23.64 -9.56
N LYS A 13 -1.48 -24.52 -9.41
CA LYS A 13 -2.13 -24.72 -8.12
C LYS A 13 -1.08 -25.10 -7.08
N THR A 14 -0.08 -25.88 -7.49
CA THR A 14 0.91 -26.34 -6.54
C THR A 14 1.75 -25.17 -6.05
N ILE A 15 2.19 -24.33 -7.01
CA ILE A 15 3.09 -23.24 -6.66
C ILE A 15 2.34 -22.18 -5.84
N VAL A 16 1.06 -21.96 -6.16
CA VAL A 16 0.20 -21.02 -5.45
C VAL A 16 0.01 -21.50 -4.01
N GLU A 17 -0.25 -22.80 -3.83
CA GLU A 17 -0.55 -23.31 -2.51
C GLU A 17 0.68 -23.31 -1.61
N THR A 18 1.89 -23.41 -2.19
CA THR A 18 3.03 -23.35 -1.28
C THR A 18 3.24 -21.91 -0.84
N ALA A 19 2.89 -20.97 -1.74
CA ALA A 19 3.00 -19.56 -1.42
C ALA A 19 1.95 -19.17 -0.36
N LEU A 20 0.72 -19.64 -0.53
CA LEU A 20 -0.29 -19.39 0.48
C LEU A 20 0.16 -19.89 1.84
N ASP A 21 0.74 -21.09 1.85
CA ASP A 21 1.07 -21.73 3.11
C ASP A 21 2.18 -20.94 3.81
N GLN A 22 3.20 -20.54 3.02
CA GLN A 22 4.32 -19.75 3.51
C GLN A 22 3.87 -18.39 4.03
N SER A 23 2.78 -17.82 3.50
CA SER A 23 2.38 -16.46 3.83
C SER A 23 1.85 -16.37 5.26
N LEU A 24 1.31 -17.47 5.79
CA LEU A 24 0.71 -17.45 7.11
C LEU A 24 1.52 -18.30 8.08
N VAL A 25 2.59 -17.73 8.64
CA VAL A 25 3.44 -18.46 9.58
C VAL A 25 2.90 -18.25 10.99
N ILE A 26 2.69 -19.37 11.70
CA ILE A 26 1.82 -19.44 12.88
C ILE A 26 2.60 -18.93 14.09
N THR A 27 2.26 -17.73 14.58
CA THR A 27 2.75 -17.17 15.84
C THR A 27 1.58 -17.10 16.82
N GLU A 28 1.80 -16.48 17.99
CA GLU A 28 0.72 -16.29 18.95
C GLU A 28 -0.06 -15.03 18.56
N PRO A 29 -1.39 -14.94 18.78
CA PRO A 29 -2.21 -16.04 19.30
C PRO A 29 -2.54 -17.08 18.22
N VAL A 30 -2.33 -18.36 18.53
CA VAL A 30 -2.42 -19.41 17.52
C VAL A 30 -3.81 -19.43 16.90
N THR A 31 -4.84 -19.13 17.68
CA THR A 31 -6.19 -19.33 17.19
C THR A 31 -6.49 -18.47 15.95
N ILE A 32 -5.97 -17.23 15.88
CA ILE A 32 -6.24 -16.41 14.72
C ILE A 32 -5.58 -17.00 13.47
N TYR A 33 -4.31 -17.40 13.59
CA TYR A 33 -3.61 -18.00 12.46
C TYR A 33 -4.28 -19.30 12.04
N GLU A 34 -4.78 -20.07 13.04
CA GLU A 34 -5.44 -21.33 12.76
C GLU A 34 -6.67 -21.04 11.91
N ALA A 35 -7.48 -20.07 12.38
CA ALA A 35 -8.73 -19.74 11.72
C ALA A 35 -8.49 -19.18 10.31
N MET A 36 -7.41 -18.44 10.12
CA MET A 36 -7.08 -17.89 8.82
C MET A 36 -6.66 -19.03 7.88
N ARG A 37 -5.74 -19.87 8.37
CA ARG A 37 -5.16 -20.92 7.54
C ARG A 37 -6.26 -21.92 7.17
N TYR A 38 -7.22 -22.10 8.09
CA TYR A 38 -8.29 -23.06 7.88
C TYR A 38 -9.03 -22.74 6.59
N SER A 39 -9.42 -21.47 6.45
CA SER A 39 -10.20 -21.06 5.29
C SER A 39 -9.28 -20.85 4.09
N LEU A 40 -8.07 -20.29 4.32
CA LEU A 40 -7.24 -19.95 3.18
C LEU A 40 -6.61 -21.19 2.56
N LEU A 41 -6.36 -22.23 3.36
CA LEU A 41 -5.59 -23.36 2.86
C LEU A 41 -6.46 -24.57 2.52
N ALA A 42 -7.74 -24.55 2.91
CA ALA A 42 -8.75 -25.43 2.33
C ALA A 42 -8.62 -25.32 0.84
N GLY A 43 -8.44 -26.45 0.14
CA GLY A 43 -8.01 -26.33 -1.25
C GLY A 43 -9.12 -25.77 -2.13
N GLY A 44 -8.81 -25.62 -3.42
CA GLY A 44 -9.84 -25.20 -4.36
C GLY A 44 -9.28 -25.15 -5.76
N LYS A 45 -10.00 -24.50 -6.67
CA LYS A 45 -9.52 -24.34 -8.04
C LYS A 45 -8.41 -23.29 -8.08
N ARG A 46 -8.49 -22.27 -7.21
CA ARG A 46 -7.53 -21.16 -7.11
C ARG A 46 -7.51 -20.36 -8.41
N LEU A 47 -8.69 -20.12 -8.97
CA LEU A 47 -8.77 -19.47 -10.26
C LEU A 47 -8.29 -18.02 -10.21
N ARG A 48 -8.57 -17.33 -9.10
CA ARG A 48 -8.24 -15.90 -9.02
C ARG A 48 -6.73 -15.69 -8.97
N PRO A 49 -5.96 -16.38 -8.09
CA PRO A 49 -4.51 -16.30 -8.16
C PRO A 49 -3.97 -16.71 -9.52
N ILE A 50 -4.63 -17.70 -10.14
CA ILE A 50 -4.10 -18.21 -11.40
C ILE A 50 -4.35 -17.24 -12.55
N LEU A 51 -5.53 -16.60 -12.59
CA LEU A 51 -5.79 -15.57 -13.59
C LEU A 51 -4.71 -14.49 -13.50
N CYS A 52 -4.34 -14.13 -12.27
CA CYS A 52 -3.35 -13.08 -12.05
C CYS A 52 -2.00 -13.49 -12.66
N LEU A 53 -1.48 -14.67 -12.27
CA LEU A 53 -0.23 -15.15 -12.83
C LEU A 53 -0.36 -15.28 -14.35
N ALA A 54 -1.48 -15.83 -14.83
CA ALA A 54 -1.65 -16.00 -16.27
C ALA A 54 -1.45 -14.65 -16.94
N ALA A 55 -2.19 -13.63 -16.50
CA ALA A 55 -2.22 -12.32 -17.15
C ALA A 55 -0.83 -11.69 -17.08
N CYS A 56 -0.21 -11.79 -15.90
CA CYS A 56 1.13 -11.25 -15.76
C CYS A 56 2.09 -11.94 -16.75
N GLU A 57 2.04 -13.29 -16.79
CA GLU A 57 2.99 -14.10 -17.57
C GLU A 57 2.81 -13.87 -19.06
N MET A 58 1.56 -13.70 -19.49
CA MET A 58 1.27 -13.48 -20.90
C MET A 58 1.91 -12.17 -21.37
N LEU A 59 2.05 -11.19 -20.46
CA LEU A 59 2.56 -9.87 -20.83
C LEU A 59 4.07 -9.80 -20.60
N GLY A 60 4.69 -10.91 -20.22
CA GLY A 60 6.14 -10.93 -20.12
C GLY A 60 6.65 -10.86 -18.70
N GLY A 61 5.73 -10.84 -17.72
CA GLY A 61 6.12 -10.82 -16.32
C GLY A 61 6.37 -12.21 -15.80
N THR A 62 6.86 -12.30 -14.56
CA THR A 62 7.26 -13.57 -13.98
C THR A 62 6.34 -13.88 -12.79
N ALA A 63 6.34 -15.15 -12.40
CA ALA A 63 5.63 -15.64 -11.22
C ALA A 63 6.04 -14.84 -10.00
N ALA A 64 7.32 -14.45 -9.95
CA ALA A 64 7.86 -13.81 -8.76
C ALA A 64 7.31 -12.38 -8.63
N MET A 65 7.00 -11.76 -9.77
CA MET A 65 6.40 -10.44 -9.73
C MET A 65 4.95 -10.48 -9.23
N ALA A 66 4.23 -11.57 -9.51
CA ALA A 66 2.78 -11.57 -9.35
C ALA A 66 2.37 -12.43 -8.16
N MET A 67 3.30 -13.16 -7.57
CA MET A 67 2.90 -14.19 -6.62
C MET A 67 2.21 -13.58 -5.40
N ASN A 68 2.81 -12.51 -4.83
CA ASN A 68 2.22 -11.87 -3.66
C ASN A 68 0.81 -11.38 -3.98
N THR A 69 0.66 -10.65 -5.09
CA THR A 69 -0.66 -10.19 -5.48
C THR A 69 -1.61 -11.38 -5.65
N ALA A 70 -1.12 -12.46 -6.25
CA ALA A 70 -1.92 -13.64 -6.45
C ALA A 70 -2.43 -14.18 -5.11
N CYS A 71 -1.55 -14.24 -4.12
CA CYS A 71 -1.96 -14.69 -2.79
C CYS A 71 -2.94 -13.70 -2.16
N ALA A 72 -2.67 -12.40 -2.37
CA ALA A 72 -3.52 -11.35 -1.85
C ALA A 72 -4.95 -11.53 -2.38
N LEU A 73 -5.08 -11.79 -3.70
CA LEU A 73 -6.39 -11.95 -4.31
C LEU A 73 -7.12 -13.12 -3.66
N GLU A 74 -6.40 -14.21 -3.40
CA GLU A 74 -7.01 -15.37 -2.79
C GLU A 74 -7.40 -15.07 -1.35
N MET A 75 -6.59 -14.24 -0.68
CA MET A 75 -6.89 -13.90 0.70
C MET A 75 -8.20 -13.12 0.75
N ILE A 76 -8.35 -12.16 -0.18
CA ILE A 76 -9.54 -11.33 -0.23
C ILE A 76 -10.75 -12.20 -0.54
N HIS A 77 -10.62 -13.05 -1.56
CA HIS A 77 -11.65 -14.01 -1.90
C HIS A 77 -12.05 -14.85 -0.69
N THR A 78 -11.05 -15.38 0.03
CA THR A 78 -11.33 -16.16 1.22
C THR A 78 -12.13 -15.34 2.24
N MET A 79 -11.71 -14.11 2.53
CA MET A 79 -12.35 -13.37 3.60
C MET A 79 -13.77 -12.97 3.19
N SER A 80 -14.01 -12.76 1.90
CA SER A 80 -15.37 -12.46 1.50
C SER A 80 -16.26 -13.66 1.74
N LEU A 81 -15.77 -14.87 1.48
CA LEU A 81 -16.53 -16.08 1.81
C LEU A 81 -16.68 -16.21 3.33
N ILE A 82 -15.63 -15.97 4.15
CA ILE A 82 -15.76 -16.14 5.59
C ILE A 82 -16.89 -15.27 6.11
N HIS A 83 -16.90 -14.00 5.67
CA HIS A 83 -17.89 -13.05 6.13
C HIS A 83 -19.26 -13.38 5.54
N ASP A 84 -19.28 -13.83 4.27
CA ASP A 84 -20.54 -14.11 3.60
C ASP A 84 -21.23 -15.29 4.25
N ASP A 85 -20.47 -16.23 4.78
CA ASP A 85 -21.02 -17.44 5.35
C ASP A 85 -21.67 -17.16 6.69
N LEU A 86 -21.38 -16.01 7.31
CA LEU A 86 -21.84 -15.76 8.67
C LEU A 86 -23.38 -15.82 8.75
N PRO A 87 -23.92 -16.27 9.90
CA PRO A 87 -25.37 -16.27 10.13
C PRO A 87 -26.09 -15.00 9.70
N ALA A 88 -25.51 -13.83 10.00
CA ALA A 88 -26.17 -12.58 9.68
C ALA A 88 -26.27 -12.37 8.17
N MET A 89 -25.61 -13.22 7.38
CA MET A 89 -25.60 -13.08 5.94
C MET A 89 -26.17 -14.33 5.26
N ASP A 90 -25.35 -15.12 4.56
CA ASP A 90 -25.82 -16.30 3.84
C ASP A 90 -26.08 -17.46 4.78
N ASN A 91 -25.51 -17.42 5.99
CA ASN A 91 -25.71 -18.44 7.02
C ASN A 91 -25.37 -19.84 6.50
N ASP A 92 -24.14 -20.00 5.95
CA ASP A 92 -23.69 -21.25 5.38
C ASP A 92 -23.00 -22.10 6.43
N ASP A 93 -23.32 -23.40 6.36
CA ASP A 93 -22.92 -24.35 7.39
C ASP A 93 -21.73 -25.13 6.91
N LEU A 94 -21.52 -25.20 5.59
CA LEU A 94 -20.29 -25.79 5.10
C LEU A 94 -19.99 -25.32 3.68
N ARG A 95 -18.75 -25.60 3.23
CA ARG A 95 -18.19 -25.12 1.99
C ARG A 95 -17.12 -26.09 1.52
N ARG A 96 -17.23 -26.52 0.25
CA ARG A 96 -16.39 -27.55 -0.35
C ARG A 96 -16.40 -28.82 0.52
N GLY A 97 -17.57 -29.14 1.09
CA GLY A 97 -17.71 -30.35 1.87
C GLY A 97 -17.24 -30.21 3.31
N LYS A 98 -16.43 -29.19 3.61
CA LYS A 98 -15.91 -28.98 4.95
C LYS A 98 -16.73 -27.91 5.67
N PRO A 99 -16.87 -27.94 7.02
CA PRO A 99 -17.62 -26.90 7.75
C PRO A 99 -17.01 -25.52 7.59
N THR A 100 -17.85 -24.48 7.66
CA THR A 100 -17.40 -23.12 7.45
C THR A 100 -16.69 -22.58 8.70
N ASN A 101 -15.86 -21.57 8.49
CA ASN A 101 -14.98 -21.01 9.50
C ASN A 101 -15.70 -20.78 10.82
N HIS A 102 -16.87 -20.13 10.80
CA HIS A 102 -17.48 -19.74 12.06
C HIS A 102 -17.99 -20.96 12.83
N LYS A 103 -18.32 -22.05 12.10
CA LYS A 103 -18.82 -23.26 12.72
C LYS A 103 -17.69 -23.96 13.48
N VAL A 104 -16.44 -23.73 13.07
CA VAL A 104 -15.30 -24.29 13.78
C VAL A 104 -14.81 -23.36 14.89
N TYR A 105 -14.82 -22.02 14.69
CA TYR A 105 -14.08 -21.16 15.62
C TYR A 105 -14.98 -20.16 16.33
N GLY A 106 -16.23 -20.03 15.89
CA GLY A 106 -17.14 -19.03 16.41
C GLY A 106 -17.26 -17.84 15.47
N GLU A 107 -18.42 -17.17 15.51
CA GLU A 107 -18.67 -16.01 14.68
C GLU A 107 -17.58 -14.96 14.92
N ASP A 108 -17.25 -14.72 16.19
CA ASP A 108 -16.34 -13.66 16.56
C ASP A 108 -14.97 -13.88 15.90
N ILE A 109 -14.42 -15.09 16.05
CA ILE A 109 -13.12 -15.41 15.50
C ILE A 109 -13.17 -15.29 13.97
N ALA A 110 -14.30 -15.76 13.40
CA ALA A 110 -14.46 -15.73 11.96
C ALA A 110 -14.38 -14.28 11.46
N ILE A 111 -15.09 -13.37 12.13
CA ILE A 111 -15.09 -11.97 11.74
C ILE A 111 -13.66 -11.46 11.75
N LEU A 112 -12.94 -11.74 12.85
CA LEU A 112 -11.57 -11.24 12.99
C LEU A 112 -10.65 -11.92 11.96
N ALA A 113 -10.92 -13.19 11.64
CA ALA A 113 -10.05 -13.88 10.69
C ALA A 113 -10.17 -13.22 9.31
N GLY A 114 -11.39 -12.86 8.96
CA GLY A 114 -11.66 -12.17 7.70
C GLY A 114 -10.96 -10.83 7.65
N ASP A 115 -11.05 -10.07 8.76
CA ASP A 115 -10.41 -8.78 8.88
C ASP A 115 -8.90 -8.91 8.69
N ALA A 116 -8.31 -9.89 9.40
CA ALA A 116 -6.88 -10.13 9.31
C ALA A 116 -6.45 -10.42 7.87
N LEU A 117 -7.23 -11.25 7.16
CA LEU A 117 -6.90 -11.61 5.78
C LEU A 117 -7.02 -10.40 4.86
N LEU A 118 -8.08 -9.60 5.04
CA LEU A 118 -8.27 -8.44 4.19
C LEU A 118 -7.11 -7.48 4.36
N SER A 119 -6.64 -7.24 5.60
CA SER A 119 -5.54 -6.29 5.75
C SER A 119 -4.24 -6.91 5.27
N TYR A 120 -4.12 -8.21 5.48
CA TYR A 120 -2.88 -8.86 5.12
C TYR A 120 -2.72 -8.83 3.59
N ALA A 121 -3.86 -8.91 2.87
CA ALA A 121 -3.81 -8.86 1.42
C ALA A 121 -3.03 -7.62 0.94
N PHE A 122 -3.41 -6.47 1.46
CA PHE A 122 -2.77 -5.20 1.04
C PHE A 122 -1.30 -5.18 1.44
N GLU A 123 -1.03 -5.58 2.68
CA GLU A 123 0.35 -5.62 3.20
C GLU A 123 1.23 -6.54 2.36
N TYR A 124 0.70 -7.68 1.92
CA TYR A 124 1.44 -8.68 1.11
C TYR A 124 1.67 -8.19 -0.31
N VAL A 125 0.77 -7.38 -0.81
CA VAL A 125 0.96 -6.82 -2.17
C VAL A 125 2.03 -5.74 -2.07
N ALA A 126 2.09 -5.04 -0.94
CA ALA A 126 3.08 -3.96 -0.78
C ALA A 126 4.48 -4.51 -0.50
N ARG A 127 4.59 -5.78 -0.10
CA ARG A 127 5.87 -6.41 0.18
C ARG A 127 6.43 -7.10 -1.06
N THR A 128 5.72 -7.05 -2.19
CA THR A 128 6.19 -7.68 -3.41
C THR A 128 7.62 -7.26 -3.67
N PRO A 129 8.57 -8.21 -3.79
CA PRO A 129 9.96 -7.87 -4.16
C PRO A 129 10.11 -7.33 -5.58
N ASP A 130 11.13 -6.51 -5.80
CA ASP A 130 11.63 -6.26 -7.15
C ASP A 130 10.58 -5.80 -8.15
N VAL A 131 9.60 -5.01 -7.74
CA VAL A 131 8.65 -4.43 -8.67
C VAL A 131 8.60 -2.95 -8.37
N PRO A 132 8.66 -2.07 -9.39
CA PRO A 132 8.61 -0.63 -9.14
C PRO A 132 7.39 -0.28 -8.28
N ALA A 133 7.61 0.61 -7.30
CA ALA A 133 6.57 0.97 -6.33
C ALA A 133 5.34 1.56 -7.01
N GLU A 134 5.52 2.26 -8.13
CA GLU A 134 4.41 2.91 -8.81
C GLU A 134 3.39 1.87 -9.23
N ARG A 135 3.88 0.71 -9.68
CA ARG A 135 2.99 -0.34 -10.14
C ARG A 135 2.21 -0.87 -8.94
N LEU A 136 2.94 -1.17 -7.85
CA LEU A 136 2.34 -1.72 -6.65
C LEU A 136 1.23 -0.80 -6.13
N LEU A 137 1.45 0.53 -6.18
CA LEU A 137 0.43 1.44 -5.71
C LEU A 137 -0.82 1.32 -6.55
N GLN A 138 -0.65 1.21 -7.89
CA GLN A 138 -1.80 1.08 -8.76
C GLN A 138 -2.56 -0.19 -8.41
N VAL A 139 -1.85 -1.28 -8.17
CA VAL A 139 -2.51 -2.53 -7.84
C VAL A 139 -3.33 -2.32 -6.57
N ILE A 140 -2.70 -1.67 -5.58
CA ILE A 140 -3.33 -1.49 -4.28
C ILE A 140 -4.59 -0.63 -4.44
N VAL A 141 -4.51 0.41 -5.28
CA VAL A 141 -5.68 1.24 -5.49
C VAL A 141 -6.79 0.43 -6.17
N ARG A 142 -6.45 -0.30 -7.23
CA ARG A 142 -7.45 -1.05 -7.98
C ARG A 142 -8.05 -2.15 -7.10
N LEU A 143 -7.20 -2.75 -6.27
CA LEU A 143 -7.66 -3.77 -5.35
C LEU A 143 -8.66 -3.15 -4.39
N GLY A 144 -8.32 -1.97 -3.84
CA GLY A 144 -9.23 -1.23 -2.99
C GLY A 144 -10.59 -1.00 -3.63
N GLN A 145 -10.59 -0.48 -4.86
CA GLN A 145 -11.83 -0.22 -5.58
C GLN A 145 -12.62 -1.49 -5.83
N ALA A 146 -11.94 -2.63 -5.99
CA ALA A 146 -12.62 -3.87 -6.36
C ALA A 146 -13.34 -4.45 -5.16
N VAL A 147 -12.81 -4.20 -3.96
CA VAL A 147 -13.22 -4.91 -2.75
C VAL A 147 -14.32 -4.14 -2.03
N GLY A 148 -14.26 -2.80 -2.11
CA GLY A 148 -15.01 -1.95 -1.20
C GLY A 148 -16.43 -1.64 -1.69
N ALA A 149 -16.91 -0.44 -1.32
CA ALA A 149 -18.26 0.02 -1.62
C ALA A 149 -18.51 0.13 -3.12
N GLU A 150 -17.45 0.39 -3.89
CA GLU A 150 -17.57 0.52 -5.33
C GLU A 150 -17.45 -0.84 -6.02
N GLY A 151 -17.27 -1.91 -5.24
CA GLY A 151 -17.11 -3.24 -5.82
C GLY A 151 -17.80 -4.32 -4.99
N LEU A 152 -16.99 -5.27 -4.53
CA LEU A 152 -17.47 -6.47 -3.87
C LEU A 152 -18.52 -6.12 -2.82
N VAL A 153 -18.16 -5.29 -1.83
CA VAL A 153 -19.04 -5.01 -0.72
C VAL A 153 -20.28 -4.30 -1.23
N GLY A 154 -20.08 -3.34 -2.16
CA GLY A 154 -21.19 -2.67 -2.82
C GLY A 154 -22.20 -3.66 -3.37
N GLY A 155 -21.71 -4.63 -4.16
CA GLY A 155 -22.54 -5.70 -4.71
C GLY A 155 -23.32 -6.45 -3.62
N GLN A 156 -22.60 -6.91 -2.59
CA GLN A 156 -23.21 -7.68 -1.52
C GLN A 156 -24.33 -6.84 -0.88
N VAL A 157 -24.17 -5.51 -0.81
CA VAL A 157 -25.17 -4.68 -0.14
C VAL A 157 -26.45 -4.63 -0.97
N VAL A 158 -26.32 -4.38 -2.28
CA VAL A 158 -27.44 -4.34 -3.21
C VAL A 158 -28.14 -5.70 -3.24
N ASP A 159 -27.34 -6.77 -3.22
CA ASP A 159 -27.81 -8.14 -3.19
C ASP A 159 -28.71 -8.33 -1.98
N LEU A 160 -28.28 -7.84 -0.82
CA LEU A 160 -29.02 -8.08 0.42
C LEU A 160 -30.35 -7.32 0.37
N GLU A 161 -30.31 -6.12 -0.21
CA GLU A 161 -31.45 -5.24 -0.27
C GLU A 161 -32.51 -5.77 -1.24
N SER A 162 -32.10 -6.68 -2.14
CA SER A 162 -32.99 -7.25 -3.13
C SER A 162 -33.37 -8.68 -2.78
N GLU A 163 -32.81 -9.24 -1.69
CA GLU A 163 -33.32 -10.49 -1.15
C GLU A 163 -34.80 -10.35 -0.83
N GLY A 164 -35.27 -9.11 -0.70
CA GLY A 164 -36.70 -8.80 -0.58
C GLY A 164 -37.47 -8.86 -1.90
N LYS A 165 -37.97 -10.06 -2.22
CA LYS A 165 -38.65 -10.38 -3.47
C LYS A 165 -37.72 -10.12 -4.67
N ASP A 166 -41.67 -6.87 -4.92
CA ASP A 166 -42.01 -7.23 -6.32
C ASP A 166 -41.00 -8.25 -6.82
N VAL A 167 -40.29 -7.89 -7.89
CA VAL A 167 -39.19 -8.68 -8.40
C VAL A 167 -38.01 -7.75 -8.60
N ALA A 168 -36.79 -8.30 -8.42
CA ALA A 168 -35.55 -7.68 -8.86
C ALA A 168 -35.62 -7.40 -10.37
N VAL A 169 -35.30 -6.15 -10.77
CA VAL A 169 -35.05 -5.77 -12.15
C VAL A 169 -33.84 -6.54 -12.70
N GLU A 170 -33.65 -6.53 -14.03
CA GLU A 170 -32.51 -7.20 -14.66
C GLU A 170 -31.22 -6.39 -14.48
N THR A 171 -31.38 -5.09 -14.24
CA THR A 171 -30.27 -4.18 -14.01
C THR A 171 -29.80 -4.29 -12.55
N LEU A 172 -30.71 -4.71 -11.68
CA LEU A 172 -30.37 -4.99 -10.28
C LEU A 172 -29.59 -6.30 -10.21
N ASN A 173 -29.80 -7.16 -11.21
CA ASN A 173 -29.04 -8.39 -11.35
C ASN A 173 -27.65 -8.09 -11.89
N PHE A 174 -27.55 -7.04 -12.71
CA PHE A 174 -26.29 -6.66 -13.33
C PHE A 174 -25.34 -5.99 -12.33
N ILE A 175 -25.89 -5.19 -11.43
CA ILE A 175 -25.01 -4.54 -10.43
C ILE A 175 -24.48 -5.62 -9.46
N HIS A 176 -25.30 -6.59 -9.07
CA HIS A 176 -24.77 -7.64 -8.16
C HIS A 176 -23.62 -8.39 -8.84
N THR A 177 -23.85 -8.83 -10.08
CA THR A 177 -22.81 -9.58 -10.83
C THR A 177 -21.66 -8.65 -11.20
N HIS A 178 -21.91 -7.36 -11.45
CA HIS A 178 -20.81 -6.39 -11.73
C HIS A 178 -19.85 -6.45 -10.54
N LYS A 179 -20.43 -6.34 -9.34
CA LYS A 179 -19.71 -6.36 -8.04
C LYS A 179 -19.00 -7.68 -7.81
N THR A 180 -19.58 -8.86 -8.11
CA THR A 180 -18.73 -10.09 -7.89
C THR A 180 -17.76 -10.33 -9.05
N GLY A 181 -17.90 -9.61 -10.16
CA GLY A 181 -16.97 -9.68 -11.29
C GLY A 181 -15.91 -8.61 -11.15
N ALA A 182 -15.99 -7.82 -10.07
CA ALA A 182 -14.98 -6.77 -9.81
C ALA A 182 -13.68 -7.44 -9.35
N LEU A 183 -13.77 -8.45 -8.50
CA LEU A 183 -12.61 -9.21 -8.05
C LEU A 183 -11.95 -9.90 -9.25
N LEU A 184 -12.79 -10.46 -10.14
CA LEU A 184 -12.29 -11.18 -11.29
C LEU A 184 -11.51 -10.25 -12.21
N GLU A 185 -12.07 -9.07 -12.46
CA GLU A 185 -11.44 -8.12 -13.36
C GLU A 185 -10.10 -7.67 -12.80
N VAL A 186 -10.02 -7.50 -11.48
CA VAL A 186 -8.81 -6.96 -10.89
C VAL A 186 -7.70 -8.02 -10.91
N CYS A 187 -8.07 -9.30 -11.01
CA CYS A 187 -7.10 -10.37 -11.14
C CYS A 187 -6.24 -10.18 -12.38
N VAL A 188 -6.88 -9.99 -13.54
CA VAL A 188 -6.11 -9.91 -14.78
C VAL A 188 -5.49 -8.53 -14.90
N THR A 189 -6.21 -7.54 -14.39
CA THR A 189 -5.75 -6.15 -14.39
C THR A 189 -4.48 -6.01 -13.56
N ALA A 190 -4.49 -6.56 -12.34
CA ALA A 190 -3.33 -6.51 -11.47
C ALA A 190 -2.13 -7.15 -12.16
N GLY A 191 -2.36 -8.35 -12.74
CA GLY A 191 -1.31 -9.07 -13.42
C GLY A 191 -0.68 -8.20 -14.51
N ALA A 192 -1.54 -7.59 -15.33
CA ALA A 192 -1.07 -6.75 -16.41
C ALA A 192 -0.21 -5.61 -15.87
N ILE A 193 -0.71 -4.92 -14.83
CA ILE A 193 0.00 -3.77 -14.30
C ILE A 193 1.35 -4.20 -13.73
N LEU A 194 1.37 -5.30 -12.99
CA LEU A 194 2.63 -5.80 -12.45
C LEU A 194 3.64 -6.01 -13.58
N ALA A 195 3.17 -6.47 -14.74
CA ALA A 195 4.06 -6.76 -15.86
C ALA A 195 4.59 -5.49 -16.52
N GLY A 196 3.91 -4.37 -16.26
CA GLY A 196 4.28 -3.10 -16.88
C GLY A 196 3.54 -2.92 -18.21
N ALA A 197 2.37 -3.56 -18.32
CA ALA A 197 1.53 -3.39 -19.50
C ALA A 197 1.23 -1.89 -19.69
N LYS A 198 1.04 -1.51 -20.95
CA LYS A 198 0.58 -0.17 -21.32
C LYS A 198 -0.94 -0.14 -21.19
N PRO A 199 -1.55 1.03 -20.88
CA PRO A 199 -2.98 1.12 -20.61
C PRO A 199 -3.97 0.41 -21.55
N GLU A 200 -3.66 0.37 -22.85
CA GLU A 200 -4.50 -0.30 -23.83
C GLU A 200 -4.57 -1.80 -23.54
N GLU A 201 -3.45 -2.37 -23.08
CA GLU A 201 -3.39 -3.79 -22.76
C GLU A 201 -4.19 -4.08 -21.51
N VAL A 202 -4.09 -3.17 -20.53
CA VAL A 202 -4.85 -3.33 -19.29
C VAL A 202 -6.32 -3.29 -19.64
N GLN A 203 -6.70 -2.52 -20.66
CA GLN A 203 -8.09 -2.43 -21.06
C GLN A 203 -8.52 -3.70 -21.81
N LEU A 204 -7.65 -4.17 -22.72
CA LEU A 204 -7.82 -5.45 -23.40
C LEU A 204 -8.21 -6.51 -22.38
N LEU A 205 -7.36 -6.69 -21.37
CA LEU A 205 -7.59 -7.71 -20.33
C LEU A 205 -8.84 -7.37 -19.53
N SER A 206 -9.08 -6.09 -19.31
CA SER A 206 -10.26 -5.68 -18.51
C SER A 206 -11.53 -6.17 -19.18
N ARG A 207 -11.68 -5.92 -20.46
CA ARG A 207 -12.90 -6.35 -21.18
C ARG A 207 -12.90 -7.87 -21.27
N TYR A 208 -11.73 -8.49 -21.43
CA TYR A 208 -11.67 -9.97 -21.46
C TYR A 208 -12.29 -10.49 -20.17
N ALA A 209 -11.95 -9.85 -19.06
CA ALA A 209 -12.36 -10.26 -17.72
C ALA A 209 -13.84 -9.98 -17.51
N GLN A 210 -14.33 -8.85 -18.02
CA GLN A 210 -15.72 -8.50 -17.87
C GLN A 210 -16.62 -9.52 -18.58
N ASN A 211 -16.20 -9.96 -19.78
CA ASN A 211 -16.95 -10.94 -20.55
C ASN A 211 -17.00 -12.30 -19.84
N ILE A 212 -15.85 -12.75 -19.37
CA ILE A 212 -15.77 -14.01 -18.66
C ILE A 212 -16.64 -13.93 -17.41
N GLY A 213 -16.47 -12.85 -16.63
CA GLY A 213 -17.21 -12.60 -15.41
C GLY A 213 -18.71 -12.78 -15.61
N LEU A 214 -19.24 -12.32 -16.74
CA LEU A 214 -20.67 -12.40 -17.00
C LEU A 214 -21.05 -13.87 -17.22
N ALA A 215 -20.26 -14.54 -18.08
CA ALA A 215 -20.47 -15.93 -18.45
C ALA A 215 -20.50 -16.82 -17.20
N PHE A 216 -19.61 -16.56 -16.25
CA PHE A 216 -19.49 -17.37 -15.03
C PHE A 216 -20.80 -17.37 -14.25
N GLN A 217 -21.47 -16.23 -14.13
CA GLN A 217 -22.66 -16.11 -13.30
C GLN A 217 -23.87 -16.71 -14.01
N ILE A 218 -23.78 -16.86 -15.34
CA ILE A 218 -24.84 -17.53 -16.06
C ILE A 218 -24.84 -19.02 -15.74
N VAL A 219 -23.65 -19.64 -15.78
CA VAL A 219 -23.56 -21.08 -15.54
C VAL A 219 -23.68 -21.34 -14.03
N ASP A 220 -23.12 -20.46 -13.20
CA ASP A 220 -22.93 -20.73 -11.79
C ASP A 220 -24.27 -20.57 -11.06
N ASP A 221 -25.16 -19.76 -11.67
CA ASP A 221 -26.53 -19.57 -11.19
C ASP A 221 -27.38 -20.78 -11.56
N ILE A 222 -27.13 -21.41 -12.72
CA ILE A 222 -27.72 -22.71 -13.08
C ILE A 222 -27.18 -23.86 -12.20
N LEU A 223 -27.80 -24.03 -11.02
CA LEU A 223 -27.57 -25.16 -10.14
C LEU A 223 -28.81 -26.07 -10.24
N ASP A 224 -28.61 -27.26 -10.84
CA ASP A 224 -29.65 -28.25 -10.99
C ASP A 224 -29.82 -29.00 -9.66
N ILE A 225 -30.71 -28.50 -8.79
CA ILE A 225 -31.00 -29.11 -7.49
C ILE A 225 -31.97 -30.28 -7.71
N THR A 226 -31.55 -31.48 -7.28
CA THR A 226 -32.33 -32.71 -7.43
C THR A 226 -31.99 -33.67 -6.29
N VAL A 227 -35.51 -18.72 -3.09
CA VAL A 227 -35.17 -19.61 -4.25
C VAL A 227 -36.03 -19.22 -5.46
N THR A 228 -35.72 -18.05 -6.03
CA THR A 228 -36.17 -17.58 -7.32
C THR A 228 -35.44 -16.28 -7.66
N TYR A 229 -35.47 -15.91 -8.96
CA TYR A 229 -34.93 -14.67 -9.54
C TYR A 229 -33.40 -14.72 -9.64
N PRO A 230 -32.85 -15.66 -10.44
CA PRO A 230 -31.40 -15.84 -10.61
C PRO A 230 -30.79 -15.42 -11.95
N LYS A 231 -30.43 -22.55 -21.69
CA LYS A 231 -31.40 -22.43 -22.80
C LYS A 231 -30.84 -21.46 -23.86
N SER A 232 -31.22 -20.19 -23.73
CA SER A 232 -30.66 -19.07 -24.46
C SER A 232 -29.65 -18.30 -23.59
N GLN A 233 -29.74 -18.50 -22.26
CA GLN A 233 -28.73 -18.16 -21.28
C GLN A 233 -27.40 -18.79 -21.67
N ALA A 234 -27.40 -20.09 -21.99
CA ALA A 234 -26.18 -20.81 -22.36
C ALA A 234 -25.67 -20.33 -23.73
N GLU A 235 -26.55 -19.78 -24.56
CA GLU A 235 -26.16 -19.24 -25.86
C GLU A 235 -25.32 -17.97 -25.67
N ALA A 236 -25.78 -17.10 -24.74
CA ALA A 236 -25.13 -15.82 -24.47
C ALA A 236 -23.74 -16.04 -23.88
N GLN A 237 -23.67 -16.90 -22.85
CA GLN A 237 -22.43 -17.28 -22.21
C GLN A 237 -21.41 -17.66 -23.27
N LYS A 238 -21.84 -18.32 -24.33
CA LYS A 238 -20.95 -18.80 -25.37
C LYS A 238 -20.47 -17.64 -26.24
N LEU A 239 -21.40 -16.76 -26.65
CA LEU A 239 -21.06 -15.63 -27.50
C LEU A 239 -20.00 -14.76 -26.80
N VAL A 240 -20.15 -14.67 -25.48
CA VAL A 240 -19.36 -13.77 -24.66
C VAL A 240 -17.95 -14.37 -24.45
N ALA A 241 -17.86 -15.66 -24.10
CA ALA A 241 -16.58 -16.35 -23.96
C ALA A 241 -15.85 -16.39 -25.30
N GLU A 242 -16.62 -16.35 -26.38
CA GLU A 242 -16.07 -16.37 -27.73
C GLU A 242 -15.40 -15.03 -28.03
N ALA A 243 -16.12 -13.94 -27.73
CA ALA A 243 -15.61 -12.59 -27.93
C ALA A 243 -14.30 -12.41 -27.16
N ILE A 244 -14.30 -12.91 -25.91
CA ILE A 244 -13.18 -12.83 -24.99
C ILE A 244 -11.97 -13.56 -25.57
N ALA A 245 -12.17 -14.83 -25.97
CA ALA A 245 -11.10 -15.70 -26.48
C ALA A 245 -10.47 -15.07 -27.72
N SER A 246 -11.02 -13.96 -28.20
CA SER A 246 -10.30 -13.09 -29.11
C SER A 246 -9.43 -12.05 -28.39
N LEU A 247 -8.30 -12.56 -27.87
CA LEU A 247 -7.09 -11.79 -27.64
C LEU A 247 -5.97 -12.48 -28.44
N GLU A 248 -6.26 -12.68 -29.73
CA GLU A 248 -5.43 -13.44 -30.67
C GLU A 248 -4.07 -12.76 -30.84
N PRO A 249 -3.96 -11.41 -30.75
CA PRO A 249 -2.65 -10.74 -30.79
C PRO A 249 -1.49 -11.34 -30.01
N TYR A 250 -1.75 -12.19 -29.03
CA TYR A 250 -0.68 -12.71 -28.19
C TYR A 250 -0.26 -14.09 -28.67
N GLY A 251 -1.12 -14.69 -29.49
CA GLY A 251 -0.92 -16.00 -30.08
C GLY A 251 -0.85 -17.07 -29.01
N GLU A 252 0.29 -17.78 -28.99
CA GLU A 252 0.44 -18.98 -28.20
C GLU A 252 0.53 -18.59 -26.73
N LYS A 253 1.03 -17.36 -26.46
CA LYS A 253 1.23 -16.89 -25.10
C LYS A 253 -0.10 -16.81 -24.34
N ALA A 254 -1.20 -16.80 -25.12
CA ALA A 254 -2.54 -16.57 -24.62
C ALA A 254 -3.29 -17.87 -24.34
N ASN A 255 -2.59 -19.01 -24.36
CA ASN A 255 -3.29 -20.29 -24.26
C ASN A 255 -3.96 -20.43 -22.91
N PRO A 256 -3.25 -20.19 -21.79
CA PRO A 256 -3.86 -20.35 -20.46
C PRO A 256 -5.13 -19.54 -20.30
N LEU A 257 -5.11 -18.28 -20.79
CA LEU A 257 -6.31 -17.46 -20.62
C LEU A 257 -7.43 -17.94 -21.53
N LYS A 258 -7.12 -18.27 -22.79
CA LYS A 258 -8.10 -18.84 -23.70
C LYS A 258 -8.66 -20.13 -23.11
N ALA A 259 -7.77 -21.02 -22.66
CA ALA A 259 -8.20 -22.26 -22.05
C ALA A 259 -9.16 -21.97 -20.91
N LEU A 260 -8.74 -21.07 -20.00
CA LEU A 260 -9.41 -20.79 -18.74
C LEU A 260 -10.80 -20.21 -19.01
N ALA A 261 -10.89 -19.40 -20.07
CA ALA A 261 -12.15 -18.83 -20.54
C ALA A 261 -13.17 -19.95 -20.77
N GLU A 262 -12.74 -20.99 -21.48
CA GLU A 262 -13.61 -22.09 -21.87
C GLU A 262 -14.02 -22.89 -20.63
N TYR A 263 -13.13 -22.98 -19.65
CA TYR A 263 -13.35 -23.83 -18.48
C TYR A 263 -14.46 -23.27 -17.60
N ILE A 264 -14.68 -21.96 -17.65
CA ILE A 264 -15.78 -21.34 -16.92
C ILE A 264 -17.13 -21.60 -17.60
N VAL A 265 -17.16 -21.50 -18.93
CA VAL A 265 -18.38 -21.67 -19.71
C VAL A 265 -18.75 -23.15 -19.84
N ASN A 266 -17.78 -24.07 -19.77
CA ASN A 266 -18.02 -25.51 -19.88
C ASN A 266 -17.94 -26.22 -18.53
N ALA A 267 -18.13 -25.48 -17.43
CA ALA A 267 -18.33 -25.99 -16.08
C ALA A 267 -17.10 -26.78 -15.58
N GLN B 1 6.65 31.85 25.06
CA GLN B 1 5.53 31.17 24.36
C GLN B 1 5.30 29.79 24.97
N GLY B 2 4.06 29.56 25.41
CA GLY B 2 3.61 28.28 25.95
C GLY B 2 2.47 27.67 25.11
N PHE B 3 2.24 26.37 25.25
CA PHE B 3 1.52 25.58 24.27
C PHE B 3 0.19 25.09 24.84
N SER B 4 -0.89 25.39 24.11
CA SER B 4 -2.23 24.98 24.54
C SER B 4 -2.75 23.82 23.69
N LEU B 5 -2.79 22.64 24.32
CA LEU B 5 -3.25 21.43 23.68
C LEU B 5 -4.70 21.61 23.23
N ALA B 6 -5.53 22.26 24.05
CA ALA B 6 -6.95 22.39 23.77
C ALA B 6 -7.16 23.12 22.45
N GLN B 7 -6.35 24.16 22.18
CA GLN B 7 -6.46 24.90 20.93
C GLN B 7 -6.04 24.00 19.78
N TYR B 8 -4.87 23.37 19.93
CA TYR B 8 -4.28 22.49 18.94
C TYR B 8 -5.28 21.41 18.55
N LEU B 9 -5.78 20.66 19.54
CA LEU B 9 -6.76 19.61 19.32
C LEU B 9 -7.98 20.17 18.59
N GLN B 10 -8.40 21.39 18.90
CA GLN B 10 -9.55 22.01 18.30
C GLN B 10 -9.27 22.29 16.83
N GLU B 11 -8.13 22.91 16.55
CA GLU B 11 -7.74 23.26 15.19
C GLU B 11 -7.65 21.97 14.35
N GLN B 12 -6.87 21.00 14.86
CA GLN B 12 -6.60 19.76 14.13
C GLN B 12 -7.89 18.96 13.93
N LYS B 13 -8.68 18.84 14.98
CA LYS B 13 -9.92 18.07 14.93
C LYS B 13 -10.81 18.62 13.82
N THR B 14 -10.78 19.93 13.62
CA THR B 14 -11.66 20.55 12.63
C THR B 14 -11.22 20.12 11.24
N ILE B 15 -9.90 20.19 11.00
CA ILE B 15 -9.39 19.92 9.66
C ILE B 15 -9.52 18.41 9.35
N VAL B 16 -9.35 17.57 10.37
CA VAL B 16 -9.51 16.12 10.26
C VAL B 16 -10.94 15.77 9.91
N GLU B 17 -11.90 16.41 10.59
CA GLU B 17 -13.29 16.05 10.36
C GLU B 17 -13.78 16.49 8.99
N THR B 18 -13.20 17.57 8.42
CA THR B 18 -13.66 17.91 7.09
C THR B 18 -13.08 16.92 6.08
N ALA B 19 -11.90 16.40 6.40
CA ALA B 19 -11.23 15.42 5.53
C ALA B 19 -12.01 14.10 5.59
N LEU B 20 -12.37 13.67 6.80
CA LEU B 20 -13.15 12.45 6.92
C LEU B 20 -14.42 12.57 6.09
N ASP B 21 -15.08 13.73 6.17
CA ASP B 21 -16.38 13.91 5.54
C ASP B 21 -16.21 13.84 4.02
N GLN B 22 -15.18 14.52 3.50
CA GLN B 22 -14.87 14.54 2.08
C GLN B 22 -14.51 13.16 1.56
N SER B 23 -13.98 12.26 2.41
CA SER B 23 -13.49 10.98 1.94
C SER B 23 -14.62 10.05 1.53
N LEU B 24 -15.81 10.22 2.11
CA LEU B 24 -16.92 9.32 1.84
C LEU B 24 -18.01 10.09 1.11
N VAL B 25 -17.92 10.17 -0.22
CA VAL B 25 -18.97 10.77 -1.03
C VAL B 25 -20.00 9.70 -1.41
N ILE B 26 -21.27 10.01 -1.16
CA ILE B 26 -22.38 9.07 -1.19
C ILE B 26 -22.82 8.80 -2.63
N THR B 27 -22.78 7.52 -3.03
CA THR B 27 -23.20 7.09 -4.38
C THR B 27 -23.87 5.72 -4.34
N GLU B 28 -23.97 5.11 -5.52
CA GLU B 28 -24.46 3.75 -5.86
C GLU B 28 -25.46 3.18 -4.86
N PRO B 29 -25.09 2.22 -4.01
CA PRO B 29 -25.89 1.84 -2.85
C PRO B 29 -25.65 2.83 -1.69
N VAL B 30 -26.55 3.79 -1.52
CA VAL B 30 -26.39 4.84 -0.48
C VAL B 30 -26.36 4.26 0.93
N THR B 31 -26.99 3.10 1.18
CA THR B 31 -27.02 2.57 2.53
C THR B 31 -25.60 2.24 3.05
N ILE B 32 -24.69 1.74 2.20
CA ILE B 32 -23.37 1.39 2.68
C ILE B 32 -22.61 2.65 3.09
N TYR B 33 -22.66 3.68 2.24
CA TYR B 33 -21.99 4.93 2.55
C TYR B 33 -22.60 5.57 3.81
N GLU B 34 -23.92 5.44 3.96
CA GLU B 34 -24.62 5.98 5.10
C GLU B 34 -24.10 5.31 6.36
N ALA B 35 -24.03 3.98 6.32
CA ALA B 35 -23.60 3.18 7.47
C ALA B 35 -22.14 3.49 7.82
N MET B 36 -21.32 3.74 6.82
CA MET B 36 -19.92 4.08 7.04
C MET B 36 -19.82 5.45 7.68
N ARG B 37 -20.52 6.43 7.10
CA ARG B 37 -20.44 7.81 7.55
C ARG B 37 -20.97 7.92 8.97
N TYR B 38 -21.98 7.10 9.27
CA TYR B 38 -22.63 7.12 10.58
C TYR B 38 -21.59 6.92 11.67
N SER B 39 -20.78 5.87 11.52
CA SER B 39 -19.78 5.54 12.52
C SER B 39 -18.54 6.42 12.36
N LEU B 40 -18.15 6.74 11.11
CA LEU B 40 -16.91 7.47 10.93
C LEU B 40 -17.05 8.93 11.35
N LEU B 41 -18.25 9.49 11.20
CA LEU B 41 -18.42 10.93 11.39
C LEU B 41 -19.03 11.28 12.74
N ALA B 42 -19.59 10.30 13.45
CA ALA B 42 -19.88 10.41 14.88
C ALA B 42 -18.60 10.93 15.53
N GLY B 43 -18.72 12.00 16.31
CA GLY B 43 -17.51 12.71 16.70
C GLY B 43 -16.61 11.91 17.64
N GLY B 44 -15.53 12.53 18.09
CA GLY B 44 -14.64 11.91 19.05
C GLY B 44 -13.39 12.76 19.23
N LYS B 45 -12.38 12.22 19.93
CA LYS B 45 -11.18 12.99 20.21
C LYS B 45 -10.30 13.08 18.96
N ARG B 46 -10.32 12.02 18.13
CA ARG B 46 -9.57 11.87 16.88
C ARG B 46 -8.08 11.90 17.17
N LEU B 47 -7.67 11.24 18.26
CA LEU B 47 -6.28 11.24 18.65
C LEU B 47 -5.40 10.54 17.61
N ARG B 48 -5.91 9.49 16.97
CA ARG B 48 -5.09 8.71 16.05
C ARG B 48 -4.70 9.54 14.81
N PRO B 49 -5.66 10.14 14.07
CA PRO B 49 -5.31 11.05 12.97
C PRO B 49 -4.43 12.21 13.45
N ILE B 50 -4.65 12.66 14.69
CA ILE B 50 -3.89 13.81 15.15
C ILE B 50 -2.44 13.43 15.47
N LEU B 51 -2.21 12.27 16.10
CA LEU B 51 -0.87 11.77 16.33
C LEU B 51 -0.11 11.71 15.01
N CYS B 52 -0.80 11.27 13.95
CA CYS B 52 -0.18 11.12 12.64
C CYS B 52 0.29 12.47 12.12
N LEU B 53 -0.63 13.44 12.03
CA LEU B 53 -0.27 14.79 11.61
C LEU B 53 0.83 15.37 12.53
N ALA B 54 0.68 15.17 13.85
CA ALA B 54 1.69 15.69 14.78
C ALA B 54 3.05 15.21 14.36
N ALA B 55 3.18 13.88 14.23
CA ALA B 55 4.47 13.25 14.00
C ALA B 55 5.01 13.68 12.66
N CYS B 56 4.15 13.73 11.65
CA CYS B 56 4.58 14.16 10.34
C CYS B 56 5.09 15.59 10.40
N GLU B 57 4.32 16.48 11.04
CA GLU B 57 4.64 17.91 11.09
C GLU B 57 5.92 18.18 11.87
N MET B 58 6.15 17.42 12.95
CA MET B 58 7.33 17.57 13.77
C MET B 58 8.58 17.27 12.94
N LEU B 59 8.47 16.38 11.95
CA LEU B 59 9.62 15.94 11.18
C LEU B 59 9.75 16.77 9.89
N GLY B 60 8.91 17.80 9.73
CA GLY B 60 9.08 18.69 8.61
C GLY B 60 8.08 18.46 7.49
N GLY B 61 7.16 17.51 7.67
CA GLY B 61 6.14 17.22 6.67
C GLY B 61 4.93 18.15 6.82
N THR B 62 4.00 18.06 5.88
CA THR B 62 2.83 18.92 5.86
C THR B 62 1.57 18.09 6.11
N ALA B 63 0.50 18.80 6.48
CA ALA B 63 -0.81 18.19 6.67
C ALA B 63 -1.24 17.45 5.39
N ALA B 64 -0.84 17.99 4.23
CA ALA B 64 -1.30 17.46 2.97
C ALA B 64 -0.62 16.13 2.67
N MET B 65 0.59 15.94 3.20
CA MET B 65 1.29 14.67 3.06
C MET B 65 0.65 13.57 3.91
N ALA B 66 0.06 13.93 5.07
CA ALA B 66 -0.32 12.95 6.06
C ALA B 66 -1.83 12.78 6.11
N MET B 67 -2.58 13.64 5.41
CA MET B 67 -4.00 13.72 5.71
C MET B 67 -4.73 12.40 5.36
N ASN B 68 -4.44 11.85 4.19
CA ASN B 68 -5.02 10.58 3.78
C ASN B 68 -4.72 9.47 4.78
N THR B 69 -3.43 9.32 5.15
CA THR B 69 -3.08 8.32 6.13
C THR B 69 -3.84 8.59 7.43
N ALA B 70 -3.94 9.87 7.82
CA ALA B 70 -4.63 10.22 9.04
C ALA B 70 -6.08 9.74 8.98
N CYS B 71 -6.75 9.98 7.84
CA CYS B 71 -8.12 9.49 7.69
C CYS B 71 -8.17 7.96 7.70
N ALA B 72 -7.17 7.34 7.04
CA ALA B 72 -7.06 5.89 6.99
C ALA B 72 -7.05 5.31 8.42
N LEU B 73 -6.21 5.91 9.29
CA LEU B 73 -6.05 5.42 10.64
C LEU B 73 -7.39 5.49 11.35
N GLU B 74 -8.13 6.59 11.14
CA GLU B 74 -9.41 6.77 11.82
C GLU B 74 -10.41 5.78 11.25
N MET B 75 -10.31 5.47 9.95
CA MET B 75 -11.23 4.54 9.34
C MET B 75 -11.02 3.17 9.98
N ILE B 76 -9.75 2.78 10.16
CA ILE B 76 -9.43 1.48 10.72
C ILE B 76 -9.95 1.41 12.16
N HIS B 77 -9.66 2.45 12.94
CA HIS B 77 -10.18 2.57 14.30
C HIS B 77 -11.70 2.46 14.31
N THR B 78 -12.38 3.19 13.40
CA THR B 78 -13.82 3.10 13.32
C THR B 78 -14.29 1.66 13.07
N MET B 79 -13.68 0.99 12.09
CA MET B 79 -14.21 -0.32 11.72
C MET B 79 -13.95 -1.33 12.84
N SER B 80 -12.88 -1.14 13.61
CA SER B 80 -12.68 -2.04 14.74
C SER B 80 -13.80 -1.86 15.76
N LEU B 81 -14.25 -0.62 15.99
CA LEU B 81 -15.40 -0.36 16.85
C LEU B 81 -16.69 -0.98 16.28
N ILE B 82 -16.93 -0.81 14.96
CA ILE B 82 -18.15 -1.33 14.36
C ILE B 82 -18.23 -2.83 14.59
N HIS B 83 -17.11 -3.52 14.32
CA HIS B 83 -17.04 -4.96 14.43
C HIS B 83 -17.09 -5.36 15.91
N ASP B 84 -16.45 -4.61 16.79
CA ASP B 84 -16.37 -4.96 18.19
C ASP B 84 -17.75 -4.90 18.82
N ASP B 85 -18.59 -4.00 18.34
CA ASP B 85 -19.89 -3.80 18.94
C ASP B 85 -20.85 -4.94 18.58
N LEU B 86 -20.51 -5.73 17.56
CA LEU B 86 -21.46 -6.73 17.06
C LEU B 86 -21.87 -7.73 18.16
N PRO B 87 -23.12 -8.22 18.13
CA PRO B 87 -23.58 -9.27 19.06
C PRO B 87 -22.58 -10.41 19.28
N ALA B 88 -21.98 -10.91 18.19
CA ALA B 88 -21.07 -12.04 18.32
C ALA B 88 -19.80 -11.67 19.08
N MET B 89 -19.61 -10.37 19.39
CA MET B 89 -18.43 -9.91 20.09
C MET B 89 -18.82 -9.24 21.41
N ASP B 90 -18.65 -7.91 21.54
CA ASP B 90 -18.94 -7.21 22.79
C ASP B 90 -20.44 -6.99 22.96
N ASN B 91 -21.21 -7.07 21.88
CA ASN B 91 -22.66 -6.93 21.89
C ASN B 91 -23.10 -5.61 22.52
N ASP B 92 -22.59 -4.49 21.99
CA ASP B 92 -22.88 -3.15 22.50
C ASP B 92 -24.09 -2.58 21.77
N ASP B 93 -24.98 -1.96 22.54
CA ASP B 93 -26.26 -1.47 22.01
C ASP B 93 -26.17 0.03 21.76
N LEU B 94 -25.21 0.68 22.41
CA LEU B 94 -24.93 2.07 22.09
C LEU B 94 -23.52 2.46 22.52
N ARG B 95 -23.07 3.61 22.02
CA ARG B 95 -21.70 4.08 22.09
C ARG B 95 -21.73 5.61 22.03
N ARG B 96 -21.11 6.24 23.05
CA ARG B 96 -21.15 7.69 23.25
C ARG B 96 -22.60 8.18 23.26
N GLY B 97 -23.48 7.38 23.86
CA GLY B 97 -24.87 7.76 24.02
C GLY B 97 -25.73 7.54 22.78
N LYS B 98 -25.10 7.35 21.61
CA LYS B 98 -25.81 7.12 20.38
C LYS B 98 -25.85 5.61 20.09
N PRO B 99 -26.90 5.08 19.41
CA PRO B 99 -26.97 3.64 19.11
C PRO B 99 -25.84 3.20 18.18
N THR B 100 -25.44 1.92 18.31
CA THR B 100 -24.31 1.41 17.56
C THR B 100 -24.74 1.07 16.13
N ASN B 101 -23.75 1.01 15.23
CA ASN B 101 -23.95 0.83 13.81
C ASN B 101 -24.99 -0.26 13.52
N HIS B 102 -24.82 -1.45 14.11
CA HIS B 102 -25.66 -2.57 13.69
C HIS B 102 -27.10 -2.38 14.14
N LYS B 103 -27.31 -1.60 15.23
CA LYS B 103 -28.64 -1.35 15.74
C LYS B 103 -29.40 -0.43 14.77
N VAL B 104 -28.68 0.37 14.00
CA VAL B 104 -29.32 1.25 13.03
C VAL B 104 -29.47 0.55 11.68
N TYR B 105 -28.49 -0.28 11.26
CA TYR B 105 -28.48 -0.72 9.86
C TYR B 105 -28.60 -2.23 9.71
N GLY B 106 -28.46 -2.96 10.83
CA GLY B 106 -28.44 -4.42 10.80
C GLY B 106 -27.02 -4.96 10.90
N GLU B 107 -26.87 -6.17 11.47
CA GLU B 107 -25.58 -6.80 11.65
C GLU B 107 -24.88 -6.94 10.30
N ASP B 108 -25.65 -7.34 9.28
CA ASP B 108 -25.10 -7.60 7.96
C ASP B 108 -24.43 -6.36 7.40
N ILE B 109 -25.16 -5.24 7.38
CA ILE B 109 -24.66 -3.99 6.84
C ILE B 109 -23.46 -3.55 7.66
N ALA B 110 -23.54 -3.72 8.99
CA ALA B 110 -22.46 -3.30 9.89
C ALA B 110 -21.17 -4.03 9.52
N ILE B 111 -21.26 -5.35 9.32
CA ILE B 111 -20.10 -6.15 8.97
C ILE B 111 -19.50 -5.59 7.68
N LEU B 112 -20.36 -5.38 6.67
CA LEU B 112 -19.91 -4.87 5.38
C LEU B 112 -19.37 -3.44 5.51
N ALA B 113 -19.94 -2.63 6.39
CA ALA B 113 -19.50 -1.25 6.52
C ALA B 113 -18.06 -1.24 7.05
N GLY B 114 -17.80 -2.15 8.00
CA GLY B 114 -16.48 -2.29 8.57
C GLY B 114 -15.48 -2.72 7.51
N ASP B 115 -15.88 -3.70 6.69
CA ASP B 115 -15.04 -4.24 5.63
C ASP B 115 -14.69 -3.15 4.64
N ALA B 116 -15.71 -2.37 4.23
CA ALA B 116 -15.54 -1.28 3.30
C ALA B 116 -14.52 -0.26 3.83
N LEU B 117 -14.63 0.09 5.11
CA LEU B 117 -13.73 1.06 5.72
C LEU B 117 -12.32 0.52 5.78
N LEU B 118 -12.18 -0.76 6.17
CA LEU B 118 -10.85 -1.35 6.28
C LEU B 118 -10.16 -1.30 4.92
N SER B 119 -10.86 -1.66 3.84
CA SER B 119 -10.17 -1.70 2.55
C SER B 119 -9.95 -0.27 2.07
N TYR B 120 -10.91 0.61 2.38
CA TYR B 120 -10.80 1.96 1.88
C TYR B 120 -9.60 2.64 2.55
N ALA B 121 -9.29 2.26 3.80
CA ALA B 121 -8.13 2.81 4.48
C ALA B 121 -6.87 2.66 3.62
N PHE B 122 -6.64 1.45 3.14
CA PHE B 122 -5.45 1.18 2.34
C PHE B 122 -5.53 1.92 1.00
N GLU B 123 -6.70 1.86 0.34
CA GLU B 123 -6.87 2.59 -0.90
C GLU B 123 -6.47 4.05 -0.68
N TYR B 124 -6.91 4.62 0.47
CA TYR B 124 -6.74 6.05 0.68
C TYR B 124 -5.27 6.39 0.91
N VAL B 125 -4.56 5.58 1.70
CA VAL B 125 -3.14 5.81 1.88
C VAL B 125 -2.48 5.86 0.50
N ALA B 126 -2.92 4.99 -0.40
CA ALA B 126 -2.20 4.78 -1.64
C ALA B 126 -2.48 5.91 -2.62
N ARG B 127 -3.57 6.65 -2.38
CA ARG B 127 -3.98 7.77 -3.24
C ARG B 127 -3.40 9.07 -2.71
N THR B 128 -2.59 9.01 -1.65
CA THR B 128 -1.96 10.21 -1.13
C THR B 128 -1.27 10.98 -2.25
N PRO B 129 -1.63 12.25 -2.47
CA PRO B 129 -1.06 13.04 -3.56
C PRO B 129 0.44 13.24 -3.72
N ASP B 130 1.17 13.84 -2.78
CA ASP B 130 2.46 14.36 -3.20
C ASP B 130 3.62 13.71 -2.45
N VAL B 131 3.62 12.39 -2.42
CA VAL B 131 4.55 11.67 -1.58
C VAL B 131 5.17 10.57 -2.44
N PRO B 132 6.50 10.37 -2.40
CA PRO B 132 7.11 9.25 -3.13
C PRO B 132 6.40 7.94 -2.76
N ALA B 133 6.17 7.10 -3.75
CA ALA B 133 5.46 5.84 -3.61
C ALA B 133 6.15 4.91 -2.61
N GLU B 134 7.48 4.97 -2.53
CA GLU B 134 8.23 4.07 -1.66
C GLU B 134 7.80 4.29 -0.22
N ARG B 135 7.53 5.57 0.14
CA ARG B 135 7.12 5.87 1.51
C ARG B 135 5.73 5.31 1.76
N LEU B 136 4.82 5.54 0.81
CA LEU B 136 3.46 5.07 0.94
C LEU B 136 3.44 3.54 1.11
N LEU B 137 4.29 2.80 0.38
CA LEU B 137 4.31 1.36 0.52
C LEU B 137 4.72 0.98 1.94
N GLN B 138 5.72 1.67 2.49
CA GLN B 138 6.15 1.37 3.85
C GLN B 138 5.00 1.60 4.83
N VAL B 139 4.25 2.69 4.64
CA VAL B 139 3.13 2.97 5.51
C VAL B 139 2.15 1.81 5.41
N ILE B 140 1.85 1.37 4.16
CA ILE B 140 0.88 0.33 3.91
C ILE B 140 1.33 -0.97 4.59
N VAL B 141 2.63 -1.26 4.54
CA VAL B 141 3.11 -2.47 5.18
C VAL B 141 2.91 -2.37 6.68
N ARG B 142 3.32 -1.24 7.25
CA ARG B 142 3.26 -1.07 8.70
C ARG B 142 1.81 -1.05 9.17
N LEU B 143 0.96 -0.46 8.36
CA LEU B 143 -0.45 -0.42 8.66
C LEU B 143 -0.99 -1.84 8.69
N GLY B 144 -0.64 -2.64 7.68
CA GLY B 144 -1.02 -4.03 7.64
C GLY B 144 -0.61 -4.76 8.93
N GLN B 145 0.67 -4.65 9.31
CA GLN B 145 1.14 -5.31 10.51
C GLN B 145 0.41 -4.84 11.77
N ALA B 146 -0.02 -3.56 11.79
CA ALA B 146 -0.60 -3.01 13.01
C ALA B 146 -2.03 -3.51 13.21
N VAL B 147 -2.71 -3.79 12.10
CA VAL B 147 -4.15 -3.99 12.10
C VAL B 147 -4.47 -5.48 12.25
N GLY B 148 -3.62 -6.33 11.67
CA GLY B 148 -3.92 -7.73 11.49
C GLY B 148 -3.61 -8.60 12.71
N ALA B 149 -3.21 -9.85 12.40
CA ALA B 149 -2.98 -10.89 13.39
C ALA B 149 -1.84 -10.51 14.32
N GLU B 150 -0.87 -9.74 13.81
CA GLU B 150 0.30 -9.36 14.60
C GLU B 150 0.00 -8.08 15.39
N GLY B 151 -1.22 -7.55 15.27
CA GLY B 151 -1.56 -6.34 15.99
C GLY B 151 -3.00 -6.35 16.51
N LEU B 152 -3.77 -5.37 16.04
CA LEU B 152 -5.11 -5.09 16.54
C LEU B 152 -5.91 -6.38 16.66
N VAL B 153 -6.06 -7.13 15.55
CA VAL B 153 -6.91 -8.31 15.54
C VAL B 153 -6.34 -9.35 16.50
N GLY B 154 -5.01 -9.53 16.45
CA GLY B 154 -4.31 -10.39 17.39
C GLY B 154 -4.74 -10.09 18.84
N GLY B 155 -4.65 -8.83 19.24
CA GLY B 155 -5.05 -8.38 20.56
C GLY B 155 -6.50 -8.74 20.88
N GLN B 156 -7.41 -8.40 19.98
CA GLN B 156 -8.82 -8.68 20.17
C GLN B 156 -9.02 -10.18 20.40
N VAL B 157 -8.22 -11.03 19.74
CA VAL B 157 -8.40 -12.46 19.87
C VAL B 157 -8.03 -12.95 21.27
N VAL B 158 -6.85 -12.51 21.75
CA VAL B 158 -6.35 -12.84 23.07
C VAL B 158 -7.32 -12.29 24.14
N ASP B 159 -7.82 -11.08 23.91
CA ASP B 159 -8.80 -10.43 24.77
C ASP B 159 -10.02 -11.33 24.91
N LEU B 160 -10.51 -11.89 23.79
CA LEU B 160 -11.74 -12.66 23.84
C LEU B 160 -11.51 -13.96 24.60
N GLU B 161 -10.32 -14.54 24.42
CA GLU B 161 -9.95 -15.80 25.03
C GLU B 161 -9.80 -15.64 26.55
N SER B 162 -9.58 -14.41 27.01
CA SER B 162 -9.38 -14.15 28.43
C SER B 162 -10.63 -13.55 29.07
N GLU B 163 -11.57 -13.10 28.21
CA GLU B 163 -12.81 -12.48 28.67
C GLU B 163 -13.58 -13.54 29.46
N THR B 164 -12.19 -15.06 32.89
CA THR B 164 -11.08 -15.67 33.68
C THR B 164 -10.53 -14.60 34.62
N ASP B 165 -10.59 -14.83 35.95
CA ASP B 165 -10.04 -13.92 36.95
C ASP B 165 -8.54 -14.11 37.11
N VAL B 166 -8.06 -15.30 36.70
CA VAL B 166 -6.69 -15.74 36.95
C VAL B 166 -5.75 -15.22 35.86
N ALA B 167 -6.21 -14.24 35.06
CA ALA B 167 -5.51 -13.73 33.90
C ALA B 167 -4.17 -13.13 34.31
N VAL B 168 -3.08 -13.58 33.67
CA VAL B 168 -1.71 -13.20 34.00
C VAL B 168 -1.49 -11.73 33.63
N GLU B 169 -0.40 -11.12 34.12
CA GLU B 169 -0.07 -9.73 33.85
C GLU B 169 0.51 -9.58 32.43
N THR B 170 1.05 -10.68 31.89
CA THR B 170 1.65 -10.70 30.56
C THR B 170 0.54 -10.89 29.53
N LEU B 171 -0.58 -11.49 29.96
CA LEU B 171 -1.75 -11.65 29.13
C LEU B 171 -2.46 -10.30 29.01
N ASN B 172 -2.24 -9.45 30.02
CA ASN B 172 -2.76 -8.09 30.02
C ASN B 172 -1.92 -7.23 29.08
N PHE B 173 -0.61 -7.57 28.99
CA PHE B 173 0.32 -6.78 28.21
C PHE B 173 0.17 -7.07 26.72
N ILE B 174 -0.09 -8.32 26.32
CA ILE B 174 -0.35 -8.62 24.90
C ILE B 174 -1.69 -8.04 24.47
N HIS B 175 -2.71 -8.06 25.36
CA HIS B 175 -4.02 -7.55 25.01
C HIS B 175 -3.94 -6.05 24.69
N THR B 176 -3.14 -5.32 25.46
CA THR B 176 -3.13 -3.87 25.37
C THR B 176 -2.01 -3.40 24.44
N HIS B 177 -1.13 -4.33 24.12
CA HIS B 177 -0.01 -4.09 23.17
C HIS B 177 -0.57 -3.83 21.77
N LYS B 178 -1.70 -4.46 21.43
CA LYS B 178 -2.37 -4.40 20.09
C LYS B 178 -3.13 -3.08 19.88
N THR B 179 -3.70 -2.51 20.94
CA THR B 179 -4.25 -1.14 20.80
C THR B 179 -3.05 -0.18 20.69
N GLY B 180 -1.92 -0.51 21.33
CA GLY B 180 -0.70 0.28 21.17
C GLY B 180 -0.19 0.16 19.75
N ALA B 181 -0.35 -1.00 19.14
CA ALA B 181 0.05 -1.24 17.74
C ALA B 181 -0.70 -0.25 16.86
N LEU B 182 -1.99 -0.05 17.09
CA LEU B 182 -2.60 0.99 16.23
C LEU B 182 -1.92 2.35 16.45
N LEU B 183 -1.74 2.74 17.71
CA LEU B 183 -1.18 3.99 18.20
C LEU B 183 0.24 4.16 17.70
N GLU B 184 1.05 3.10 17.73
CA GLU B 184 2.43 3.18 17.29
C GLU B 184 2.49 3.53 15.82
N VAL B 185 1.57 2.96 15.03
CA VAL B 185 1.67 3.14 13.60
C VAL B 185 1.22 4.55 13.21
N CYS B 186 0.46 5.22 14.09
CA CYS B 186 0.09 6.59 13.85
C CYS B 186 1.33 7.47 13.74
N VAL B 187 2.23 7.39 14.71
CA VAL B 187 3.37 8.28 14.73
C VAL B 187 4.41 7.78 13.73
N THR B 188 4.49 6.47 13.59
CA THR B 188 5.42 5.84 12.67
C THR B 188 5.09 6.22 11.24
N ALA B 189 3.79 6.11 10.86
CA ALA B 189 3.36 6.50 9.53
C ALA B 189 3.71 7.96 9.26
N GLY B 190 3.38 8.83 10.22
CA GLY B 190 3.68 10.25 10.11
C GLY B 190 5.16 10.49 9.82
N ALA B 191 6.01 9.83 10.60
CA ALA B 191 7.44 9.98 10.44
C ALA B 191 7.85 9.55 9.03
N ILE B 192 7.38 8.37 8.59
CA ILE B 192 7.77 7.85 7.30
C ILE B 192 7.31 8.79 6.19
N LEU B 193 6.07 9.27 6.28
CA LEU B 193 5.58 10.19 5.26
C LEU B 193 6.52 11.39 5.14
N ALA B 194 7.06 11.85 6.27
CA ALA B 194 7.92 13.03 6.27
C ALA B 194 9.30 12.72 5.69
N GLY B 195 9.66 11.45 5.58
CA GLY B 195 10.95 11.08 5.06
C GLY B 195 11.96 10.84 6.19
N ALA B 196 11.46 10.56 7.38
CA ALA B 196 12.31 10.32 8.52
C ALA B 196 13.26 9.16 8.23
N LYS B 197 14.45 9.21 8.82
CA LYS B 197 15.42 8.13 8.79
C LYS B 197 15.05 7.10 9.85
N PRO B 198 15.36 5.79 9.62
CA PRO B 198 14.92 4.72 10.51
C PRO B 198 15.09 4.88 12.03
N GLU B 199 16.16 5.56 12.46
CA GLU B 199 16.42 5.80 13.88
C GLU B 199 15.31 6.66 14.48
N GLU B 200 14.84 7.63 13.68
CA GLU B 200 13.77 8.52 14.12
C GLU B 200 12.47 7.74 14.23
N VAL B 201 12.24 6.85 13.24
CA VAL B 201 11.02 6.07 13.23
C VAL B 201 11.01 5.20 14.48
N GLN B 202 12.21 4.76 14.92
CA GLN B 202 12.29 3.95 16.13
C GLN B 202 12.06 4.79 17.39
N LEU B 203 12.68 5.98 17.41
CA LEU B 203 12.45 6.96 18.45
C LEU B 203 10.94 7.10 18.68
N LEU B 204 10.20 7.40 17.60
CA LEU B 204 8.77 7.61 17.67
C LEU B 204 8.07 6.32 18.09
N SER B 205 8.57 5.19 17.60
CA SER B 205 7.93 3.93 17.91
C SER B 205 7.90 3.70 19.42
N ARG B 206 9.07 3.96 20.04
CA ARG B 206 9.21 3.66 21.46
C ARG B 206 8.37 4.65 22.26
N TYR B 207 8.38 5.92 21.82
CA TYR B 207 7.49 6.94 22.35
C TYR B 207 6.04 6.43 22.36
N ALA B 208 5.61 5.87 21.23
CA ALA B 208 4.24 5.43 21.04
C ALA B 208 3.91 4.23 21.94
N GLN B 209 4.88 3.32 22.04
CA GLN B 209 4.68 2.12 22.84
C GLN B 209 4.48 2.50 24.32
N ASN B 210 5.29 3.47 24.79
CA ASN B 210 5.24 3.93 26.17
C ASN B 210 3.92 4.61 26.48
N ILE B 211 3.49 5.51 25.61
CA ILE B 211 2.21 6.20 25.78
C ILE B 211 1.09 5.16 25.81
N GLY B 212 1.08 4.25 24.82
CA GLY B 212 0.05 3.23 24.72
C GLY B 212 -0.15 2.46 26.03
N LEU B 213 0.95 2.16 26.70
CA LEU B 213 0.90 1.40 27.93
C LEU B 213 0.29 2.25 29.03
N ALA B 214 0.79 3.50 29.14
CA ALA B 214 0.39 4.46 30.15
C ALA B 214 -1.13 4.69 30.12
N PHE B 215 -1.71 4.77 28.92
CA PHE B 215 -3.14 5.01 28.77
C PHE B 215 -3.96 3.95 29.49
N GLN B 216 -3.58 2.69 29.32
CA GLN B 216 -4.39 1.58 29.82
C GLN B 216 -4.19 1.40 31.32
N ILE B 217 -3.10 1.96 31.85
CA ILE B 217 -2.84 1.91 33.28
C ILE B 217 -3.82 2.85 33.99
N VAL B 218 -3.94 4.07 33.47
CA VAL B 218 -4.76 5.10 34.11
C VAL B 218 -6.24 4.81 33.89
N ASP B 219 -6.61 4.20 32.76
CA ASP B 219 -7.96 3.76 32.48
C ASP B 219 -8.37 2.63 33.43
N ASP B 220 -7.36 1.85 33.87
CA ASP B 220 -7.53 0.80 34.86
C ASP B 220 -7.58 1.41 36.26
N ILE B 221 -6.78 2.46 36.52
CA ILE B 221 -6.96 3.24 37.76
C ILE B 221 -8.09 4.25 37.52
N LEU B 222 -9.31 3.75 37.30
CA LEU B 222 -10.48 4.60 37.12
C LEU B 222 -11.36 4.51 38.38
N SER B 223 -6.65 -3.71 36.13
CA SER B 223 -5.25 -3.65 35.61
C SER B 223 -4.35 -2.88 36.59
N LEU B 224 -4.91 -2.53 37.76
CA LEU B 224 -4.23 -1.91 38.89
C LEU B 224 -4.44 -2.82 40.12
N GLU B 225 -2.27 0.36 42.98
CA GLU B 225 -2.77 1.64 42.42
C GLU B 225 -1.77 2.77 42.65
N LYS B 226 -1.14 2.79 43.83
CA LYS B 226 -0.15 3.80 44.18
C LYS B 226 1.16 3.52 43.43
N SER B 227 1.36 2.26 43.00
CA SER B 227 2.55 1.88 42.25
C SER B 227 2.23 1.72 40.77
N GLN B 228 0.93 1.47 40.48
CA GLN B 228 0.41 1.47 39.12
C GLN B 228 0.61 2.85 38.49
N ALA B 229 0.24 3.90 39.25
CA ALA B 229 0.33 5.29 38.80
C ALA B 229 1.80 5.70 38.74
N GLU B 230 2.68 5.02 39.49
CA GLU B 230 4.11 5.30 39.46
C GLU B 230 4.69 4.86 38.12
N ALA B 231 4.30 3.67 37.64
CA ALA B 231 4.79 3.11 36.39
C ALA B 231 4.35 3.98 35.20
N GLN B 232 3.06 4.29 35.15
CA GLN B 232 2.50 5.16 34.12
C GLN B 232 3.34 6.42 34.00
N LYS B 233 3.83 6.93 35.12
CA LYS B 233 4.59 8.18 35.16
C LYS B 233 5.99 7.95 34.61
N LEU B 234 6.67 6.87 35.03
CA LEU B 234 8.02 6.57 34.58
C LEU B 234 8.02 6.47 33.05
N VAL B 235 6.94 5.89 32.53
CA VAL B 235 6.84 5.54 31.12
C VAL B 235 6.57 6.81 30.29
N ALA B 236 5.59 7.64 30.72
CA ALA B 236 5.29 8.91 30.05
C ALA B 236 6.49 9.84 30.14
N GLU B 237 7.31 9.65 31.18
CA GLU B 237 8.48 10.49 31.40
C GLU B 237 9.56 10.14 30.39
N ALA B 238 9.81 8.82 30.23
CA ALA B 238 10.79 8.32 29.28
C ALA B 238 10.42 8.82 27.88
N ILE B 239 9.13 8.71 27.55
CA ILE B 239 8.57 9.10 26.27
C ILE B 239 8.82 10.58 25.99
N ALA B 240 8.40 11.43 26.94
CA ALA B 240 8.47 12.89 26.81
C ALA B 240 9.92 13.33 26.62
N SER B 241 10.86 12.38 26.74
CA SER B 241 12.21 12.60 26.27
C SER B 241 12.36 12.23 24.78
N LEU B 242 11.82 13.14 23.94
CA LEU B 242 12.27 13.39 22.58
C LEU B 242 12.66 14.87 22.51
N GLU B 243 13.50 15.29 23.46
CA GLU B 243 14.00 16.63 23.63
C GLU B 243 14.78 17.10 22.39
N PRO B 244 15.49 16.22 21.65
CA PRO B 244 16.14 16.60 20.40
C PRO B 244 15.38 17.49 19.41
N TYR B 245 14.04 17.56 19.51
CA TYR B 245 13.27 18.30 18.54
C TYR B 245 12.90 19.67 19.10
N GLY B 246 13.07 19.81 20.42
CA GLY B 246 12.79 21.04 21.14
C GLY B 246 11.32 21.46 21.01
N GLU B 247 11.12 22.65 20.45
CA GLU B 247 9.81 23.29 20.45
C GLU B 247 8.90 22.54 19.49
N LYS B 248 9.49 21.94 18.45
CA LYS B 248 8.75 21.24 17.41
C LYS B 248 7.97 20.06 18.00
N ALA B 249 8.39 19.62 19.19
CA ALA B 249 7.89 18.44 19.86
C ALA B 249 6.78 18.74 20.87
N ASN B 250 6.24 19.96 20.86
CA ASN B 250 5.30 20.35 21.88
C ASN B 250 4.03 19.52 21.78
N PRO B 251 3.40 19.41 20.59
CA PRO B 251 2.16 18.66 20.43
C PRO B 251 2.27 17.23 20.96
N LEU B 252 3.40 16.57 20.64
CA LEU B 252 3.54 15.19 21.07
C LEU B 252 3.76 15.12 22.56
N LYS B 253 4.63 16.00 23.10
CA LYS B 253 4.85 16.06 24.55
C LYS B 253 3.54 16.38 25.24
N ALA B 254 2.82 17.39 24.75
CA ALA B 254 1.53 17.75 25.32
C ALA B 254 0.64 16.52 25.36
N LEU B 255 0.49 15.86 24.20
CA LEU B 255 -0.47 14.79 23.96
C LEU B 255 -0.16 13.61 24.88
N ALA B 256 1.15 13.38 25.09
CA ALA B 256 1.65 12.36 26.00
C ALA B 256 1.03 12.55 27.38
N GLU B 257 1.06 13.78 27.86
CA GLU B 257 0.65 14.12 29.21
C GLU B 257 -0.85 13.96 29.36
N TYR B 258 -1.56 13.28 28.45
CA TYR B 258 -2.83 12.65 28.85
C TYR B 258 -2.59 11.57 29.94
N ILE B 259 -2.67 12.03 31.20
CA ILE B 259 -2.71 11.14 32.35
C ILE B 259 -4.03 11.33 33.13
N GLN C 1 -59.53 13.83 -11.84
CA GLN C 1 -58.67 14.45 -12.90
C GLN C 1 -57.65 13.41 -13.39
N GLY C 2 -57.71 13.11 -14.69
CA GLY C 2 -56.67 12.37 -15.37
C GLY C 2 -55.48 13.28 -15.71
N PHE C 3 -54.37 12.67 -16.11
CA PHE C 3 -53.15 13.42 -16.38
C PHE C 3 -52.78 13.27 -17.85
N SER C 4 -52.68 14.41 -18.54
CA SER C 4 -52.42 14.41 -19.97
C SER C 4 -51.00 14.88 -20.24
N LEU C 5 -50.16 13.95 -20.69
CA LEU C 5 -48.77 14.25 -21.01
C LEU C 5 -48.68 15.35 -22.05
N ALA C 6 -49.54 15.30 -23.07
CA ALA C 6 -49.48 16.26 -24.18
C ALA C 6 -49.64 17.67 -23.67
N GLN C 7 -50.55 17.89 -22.71
CA GLN C 7 -50.75 19.21 -22.13
C GLN C 7 -49.49 19.61 -21.35
N TYR C 8 -49.05 18.71 -20.46
CA TYR C 8 -47.88 18.91 -19.61
C TYR C 8 -46.70 19.34 -20.47
N LEU C 9 -46.34 18.49 -21.44
CA LEU C 9 -45.23 18.76 -22.35
C LEU C 9 -45.41 20.13 -23.01
N GLN C 10 -46.64 20.50 -23.38
CA GLN C 10 -46.92 21.76 -24.05
C GLN C 10 -46.64 22.91 -23.08
N GLU C 11 -47.19 22.83 -21.86
CA GLU C 11 -47.02 23.87 -20.86
C GLU C 11 -45.52 24.03 -20.53
N GLN C 12 -44.85 22.91 -20.22
CA GLN C 12 -43.46 22.91 -19.79
C GLN C 12 -42.55 23.36 -20.91
N LYS C 13 -42.78 22.85 -22.12
CA LYS C 13 -41.98 23.21 -23.28
C LYS C 13 -42.03 24.74 -23.45
N THR C 14 -43.18 25.36 -23.17
CA THR C 14 -43.32 26.79 -23.38
C THR C 14 -42.44 27.52 -22.37
N ILE C 15 -42.48 27.10 -21.10
CA ILE C 15 -41.76 27.82 -20.07
C ILE C 15 -40.25 27.62 -20.23
N VAL C 16 -39.86 26.41 -20.67
CA VAL C 16 -38.47 26.07 -20.95
C VAL C 16 -37.96 26.93 -22.09
N GLU C 17 -38.74 27.07 -23.15
CA GLU C 17 -38.28 27.78 -24.34
C GLU C 17 -38.19 29.27 -24.07
N THR C 18 -38.97 29.82 -23.13
CA THR C 18 -38.79 31.24 -22.90
C THR C 18 -37.52 31.45 -22.08
N ALA C 19 -37.19 30.46 -21.25
CA ALA C 19 -35.98 30.50 -20.45
C ALA C 19 -34.74 30.36 -21.35
N LEU C 20 -34.79 29.41 -22.26
CA LEU C 20 -33.69 29.26 -23.21
C LEU C 20 -33.47 30.56 -23.96
N ASP C 21 -34.56 31.17 -24.40
CA ASP C 21 -34.47 32.34 -25.27
C ASP C 21 -33.86 33.51 -24.50
N GLN C 22 -34.32 33.70 -23.25
CA GLN C 22 -33.80 34.74 -22.38
C GLN C 22 -32.33 34.54 -22.03
N SER C 23 -31.85 33.29 -22.05
CA SER C 23 -30.49 33.00 -21.59
C SER C 23 -29.45 33.53 -22.58
N LEU C 24 -29.83 33.62 -23.86
CA LEU C 24 -28.90 34.01 -24.90
C LEU C 24 -29.32 35.36 -25.49
N VAL C 25 -28.92 36.45 -24.82
CA VAL C 25 -29.20 37.80 -25.31
C VAL C 25 -28.09 38.24 -26.27
N ILE C 26 -28.47 38.69 -27.47
CA ILE C 26 -27.58 38.87 -28.61
C ILE C 26 -26.83 40.20 -28.45
N THR C 27 -25.54 40.13 -28.10
CA THR C 27 -24.59 41.24 -28.13
C THR C 27 -23.58 40.91 -29.24
N GLU C 28 -22.54 41.74 -29.35
CA GLU C 28 -21.49 41.48 -30.32
C GLU C 28 -20.50 40.48 -29.75
N PRO C 29 -19.87 39.57 -30.55
CA PRO C 29 -20.14 39.45 -31.99
C PRO C 29 -21.42 38.66 -32.27
N VAL C 30 -22.31 39.20 -33.11
CA VAL C 30 -23.64 38.62 -33.25
C VAL C 30 -23.55 37.18 -33.76
N THR C 31 -22.55 36.90 -34.61
CA THR C 31 -22.51 35.59 -35.23
C THR C 31 -22.45 34.44 -34.20
N ILE C 32 -21.72 34.60 -33.09
CA ILE C 32 -21.63 33.51 -32.13
C ILE C 32 -22.99 33.28 -31.47
N TYR C 33 -23.66 34.36 -31.04
CA TYR C 33 -24.97 34.24 -30.44
C TYR C 33 -25.97 33.66 -31.43
N GLU C 34 -25.85 34.05 -32.70
CA GLU C 34 -26.74 33.56 -33.73
C GLU C 34 -26.57 32.06 -33.88
N ALA C 35 -25.31 31.61 -33.96
CA ALA C 35 -24.98 30.21 -34.13
C ALA C 35 -25.45 29.39 -32.94
N MET C 36 -25.34 29.95 -31.73
CA MET C 36 -25.77 29.27 -30.51
C MET C 36 -27.29 29.16 -30.52
N ARG C 37 -27.97 30.29 -30.79
CA ARG C 37 -29.42 30.34 -30.72
C ARG C 37 -30.02 29.43 -31.78
N TYR C 38 -29.34 29.33 -32.92
CA TYR C 38 -29.82 28.50 -34.03
C TYR C 38 -30.02 27.07 -33.55
N SER C 39 -29.02 26.50 -32.89
CA SER C 39 -29.07 25.13 -32.46
C SER C 39 -29.89 25.02 -31.17
N LEU C 40 -29.74 25.98 -30.26
CA LEU C 40 -30.38 25.83 -28.96
C LEU C 40 -31.88 26.08 -29.07
N LEU C 41 -32.33 26.92 -30.01
CA LEU C 41 -33.73 27.34 -30.01
C LEU C 41 -34.53 26.65 -31.11
N ALA C 42 -33.87 25.94 -32.03
CA ALA C 42 -34.53 24.98 -32.92
C ALA C 42 -35.35 24.08 -32.01
N GLY C 43 -36.65 23.94 -32.30
CA GLY C 43 -37.48 23.31 -31.29
C GLY C 43 -37.18 21.83 -31.15
N GLY C 44 -37.94 21.16 -30.28
CA GLY C 44 -37.77 19.73 -30.06
C GLY C 44 -38.62 19.31 -28.86
N LYS C 45 -38.37 18.10 -28.36
CA LYS C 45 -39.21 17.57 -27.27
C LYS C 45 -38.85 18.25 -25.95
N ARG C 46 -37.55 18.60 -25.77
CA ARG C 46 -37.00 19.22 -24.58
C ARG C 46 -37.15 18.28 -23.37
N LEU C 47 -36.89 16.99 -23.59
CA LEU C 47 -37.13 16.01 -22.54
C LEU C 47 -36.17 16.20 -21.36
N ARG C 48 -34.93 16.60 -21.65
CA ARG C 48 -33.90 16.71 -20.62
C ARG C 48 -34.23 17.81 -19.63
N PRO C 49 -34.49 19.07 -20.07
CA PRO C 49 -34.93 20.11 -19.15
C PRO C 49 -36.21 19.72 -18.43
N ILE C 50 -37.08 18.98 -19.11
CA ILE C 50 -38.36 18.67 -18.50
C ILE C 50 -38.22 17.63 -17.41
N LEU C 51 -37.39 16.59 -17.65
CA LEU C 51 -37.09 15.60 -16.62
C LEU C 51 -36.60 16.30 -15.34
N CYS C 52 -35.75 17.32 -15.54
CA CYS C 52 -35.15 18.03 -14.43
C CYS C 52 -36.23 18.74 -13.63
N LEU C 53 -37.05 19.58 -14.29
CA LEU C 53 -38.14 20.26 -13.61
C LEU C 53 -39.07 19.23 -12.97
N ALA C 54 -39.41 18.16 -13.71
CA ALA C 54 -40.31 17.18 -13.15
C ALA C 54 -39.76 16.68 -11.81
N ALA C 55 -38.50 16.25 -11.81
CA ALA C 55 -37.89 15.61 -10.65
C ALA C 55 -37.81 16.61 -9.50
N CYS C 56 -37.42 17.84 -9.82
CA CYS C 56 -37.35 18.85 -8.79
C CYS C 56 -38.74 19.08 -8.18
N GLU C 57 -39.77 19.23 -9.05
CA GLU C 57 -41.11 19.59 -8.63
C GLU C 57 -41.73 18.47 -7.79
N MET C 58 -41.45 17.23 -8.16
CA MET C 58 -41.99 16.08 -7.46
C MET C 58 -41.49 16.07 -6.02
N LEU C 59 -40.28 16.61 -5.77
CA LEU C 59 -39.68 16.57 -4.45
C LEU C 59 -40.01 17.82 -3.65
N GLY C 60 -40.83 18.71 -4.22
CA GLY C 60 -41.24 19.88 -3.47
C GLY C 60 -40.47 21.14 -3.85
N GLY C 61 -39.60 21.04 -4.86
CA GLY C 61 -38.91 22.24 -5.33
C GLY C 61 -39.76 23.00 -6.34
N THR C 62 -39.29 24.18 -6.74
CA THR C 62 -40.01 25.04 -7.65
C THR C 62 -39.31 25.14 -9.00
N ALA C 63 -40.03 25.57 -10.02
CA ALA C 63 -39.49 25.80 -11.35
C ALA C 63 -38.31 26.76 -11.26
N ALA C 64 -38.39 27.72 -10.33
CA ALA C 64 -37.38 28.76 -10.24
C ALA C 64 -36.07 28.19 -9.70
N MET C 65 -36.16 27.14 -8.87
CA MET C 65 -34.99 26.47 -8.38
C MET C 65 -34.29 25.65 -9.48
N ALA C 66 -35.05 25.11 -10.43
CA ALA C 66 -34.50 24.13 -11.35
C ALA C 66 -34.28 24.72 -12.75
N MET C 67 -34.78 25.92 -13.00
CA MET C 67 -34.89 26.37 -14.39
C MET C 67 -33.51 26.53 -15.04
N ASN C 68 -32.57 27.17 -14.33
CA ASN C 68 -31.22 27.32 -14.82
C ASN C 68 -30.57 25.98 -15.14
N THR C 69 -30.63 25.04 -14.18
CA THR C 69 -30.09 23.72 -14.44
C THR C 69 -30.76 23.10 -15.66
N ALA C 70 -32.09 23.29 -15.75
CA ALA C 70 -32.84 22.71 -16.86
C ALA C 70 -32.28 23.26 -18.18
N CYS C 71 -32.06 24.58 -18.25
CA CYS C 71 -31.51 25.17 -19.46
C CYS C 71 -30.08 24.68 -19.71
N ALA C 72 -29.32 24.53 -18.62
CA ALA C 72 -27.96 24.04 -18.70
C ALA C 72 -27.93 22.67 -19.37
N LEU C 73 -28.82 21.77 -18.92
CA LEU C 73 -28.89 20.41 -19.46
C LEU C 73 -29.16 20.48 -20.97
N GLU C 74 -30.08 21.38 -21.37
CA GLU C 74 -30.41 21.49 -22.78
C GLU C 74 -29.23 22.07 -23.55
N MET C 75 -28.48 22.97 -22.91
CA MET C 75 -27.33 23.56 -23.58
C MET C 75 -26.30 22.47 -23.85
N ILE C 76 -26.06 21.62 -22.85
CA ILE C 76 -25.07 20.55 -22.98
C ILE C 76 -25.51 19.59 -24.07
N HIS C 77 -26.79 19.17 -24.03
CA HIS C 77 -27.35 18.32 -25.05
C HIS C 77 -27.17 18.93 -26.45
N THR C 78 -27.49 20.25 -26.57
CA THR C 78 -27.32 20.92 -27.83
C THR C 78 -25.87 20.82 -28.30
N MET C 79 -24.92 21.15 -27.41
CA MET C 79 -23.54 21.25 -27.89
C MET C 79 -23.00 19.87 -28.24
N SER C 80 -23.50 18.82 -27.57
CA SER C 80 -23.05 17.48 -27.95
C SER C 80 -23.49 17.16 -29.37
N LEU C 81 -24.72 17.58 -29.75
CA LEU C 81 -25.18 17.39 -31.12
C LEU C 81 -24.36 18.25 -32.08
N ILE C 82 -24.07 19.52 -31.73
CA ILE C 82 -23.33 20.38 -32.64
C ILE C 82 -21.99 19.73 -32.98
N HIS C 83 -21.31 19.26 -31.95
CA HIS C 83 -20.00 18.66 -32.10
C HIS C 83 -20.08 17.30 -32.79
N ASP C 84 -21.14 16.53 -32.48
CA ASP C 84 -21.27 15.19 -33.04
C ASP C 84 -21.53 15.29 -34.53
N ASP C 85 -22.20 16.36 -34.97
CA ASP C 85 -22.57 16.50 -36.37
C ASP C 85 -21.37 16.88 -37.23
N LEU C 86 -20.27 17.32 -36.61
CA LEU C 86 -19.14 17.81 -37.38
C LEU C 86 -18.58 16.75 -38.34
N PRO C 87 -18.06 17.18 -39.51
CA PRO C 87 -17.41 16.26 -40.46
C PRO C 87 -16.46 15.25 -39.83
N ALA C 88 -15.63 15.70 -38.89
CA ALA C 88 -14.65 14.81 -38.28
C ALA C 88 -15.31 13.71 -37.47
N MET C 89 -16.64 13.82 -37.26
CA MET C 89 -17.35 12.86 -36.43
C MET C 89 -18.46 12.18 -37.23
N ASP C 90 -19.73 12.45 -36.94
CA ASP C 90 -20.84 11.81 -37.63
C ASP C 90 -21.06 12.40 -39.02
N ASN C 91 -20.56 13.62 -39.25
CA ASN C 91 -20.65 14.29 -40.54
C ASN C 91 -22.09 14.42 -41.03
N ASP C 92 -22.96 14.99 -40.19
CA ASP C 92 -24.37 15.12 -40.48
C ASP C 92 -24.64 16.44 -41.18
N ASP C 93 -25.51 16.39 -42.17
CA ASP C 93 -25.75 17.52 -43.07
C ASP C 93 -27.06 18.18 -42.67
N LEU C 94 -27.93 17.42 -42.00
CA LEU C 94 -29.11 18.04 -41.42
C LEU C 94 -29.67 17.16 -40.31
N ARG C 95 -30.59 17.74 -39.53
CA ARG C 95 -31.08 17.21 -38.27
C ARG C 95 -32.48 17.79 -38.06
N ARG C 96 -33.47 16.91 -37.83
CA ARG C 96 -34.88 17.25 -37.74
C ARG C 96 -35.29 18.03 -39.00
N GLY C 97 -34.73 17.66 -40.15
CA GLY C 97 -35.04 18.24 -41.44
C GLY C 97 -34.38 19.60 -41.68
N LYS C 98 -33.84 20.21 -40.64
CA LYS C 98 -33.18 21.51 -40.76
C LYS C 98 -31.67 21.28 -40.88
N PRO C 99 -30.92 22.13 -41.62
CA PRO C 99 -29.47 21.94 -41.75
C PRO C 99 -28.76 22.06 -40.39
N THR C 100 -27.63 21.35 -40.25
CA THR C 100 -26.89 21.35 -39.00
C THR C 100 -26.06 22.63 -38.89
N ASN C 101 -25.72 22.96 -37.65
CA ASN C 101 -25.07 24.20 -37.30
C ASN C 101 -23.92 24.51 -38.26
N HIS C 102 -23.00 23.55 -38.48
CA HIS C 102 -21.80 23.87 -39.23
C HIS C 102 -22.10 24.17 -40.69
N LYS C 103 -23.21 23.63 -41.21
CA LYS C 103 -23.59 23.84 -42.60
C LYS C 103 -24.11 25.26 -42.78
N VAL C 104 -24.62 25.87 -41.71
CA VAL C 104 -25.03 27.27 -41.77
C VAL C 104 -23.86 28.21 -41.46
N TYR C 105 -22.96 27.88 -40.52
CA TYR C 105 -22.06 28.91 -39.97
C TYR C 105 -20.60 28.57 -40.21
N GLY C 106 -20.32 27.34 -40.63
CA GLY C 106 -18.95 26.86 -40.80
C GLY C 106 -18.53 25.97 -39.62
N GLU C 107 -17.61 25.04 -39.89
CA GLU C 107 -17.16 24.11 -38.86
C GLU C 107 -16.57 24.90 -37.70
N ASP C 108 -15.79 25.95 -38.02
CA ASP C 108 -15.08 26.72 -37.00
C ASP C 108 -16.07 27.32 -36.01
N ILE C 109 -17.08 28.03 -36.52
CA ILE C 109 -18.05 28.69 -35.69
C ILE C 109 -18.82 27.62 -34.88
N ALA C 110 -19.12 26.50 -35.51
CA ALA C 110 -19.84 25.42 -34.87
C ALA C 110 -19.08 24.94 -33.65
N ILE C 111 -17.76 24.70 -33.83
CA ILE C 111 -16.93 24.24 -32.74
C ILE C 111 -17.02 25.24 -31.59
N LEU C 112 -16.86 26.53 -31.90
CA LEU C 112 -16.90 27.58 -30.91
C LEU C 112 -18.28 27.71 -30.27
N ALA C 113 -19.33 27.49 -31.07
CA ALA C 113 -20.67 27.64 -30.54
C ALA C 113 -20.92 26.57 -29.48
N GLY C 114 -20.44 25.35 -29.77
CA GLY C 114 -20.53 24.24 -28.84
C GLY C 114 -19.77 24.54 -27.55
N ASP C 115 -18.54 25.08 -27.70
CA ASP C 115 -17.71 25.42 -26.56
C ASP C 115 -18.39 26.45 -25.67
N ALA C 116 -18.94 27.50 -26.31
CA ALA C 116 -19.65 28.53 -25.60
C ALA C 116 -20.82 27.96 -24.78
N LEU C 117 -21.60 27.06 -25.41
CA LEU C 117 -22.75 26.47 -24.73
C LEU C 117 -22.29 25.61 -23.56
N LEU C 118 -21.22 24.81 -23.77
CA LEU C 118 -20.76 23.93 -22.71
C LEU C 118 -20.33 24.75 -21.50
N SER C 119 -19.59 25.84 -21.70
CA SER C 119 -19.15 26.60 -20.55
C SER C 119 -20.32 27.37 -19.94
N TYR C 120 -21.23 27.81 -20.81
CA TYR C 120 -22.34 28.61 -20.31
C TYR C 120 -23.23 27.74 -19.42
N ALA C 121 -23.32 26.43 -19.75
CA ALA C 121 -24.13 25.54 -18.94
C ALA C 121 -23.71 25.62 -17.47
N PHE C 122 -22.39 25.52 -17.22
CA PHE C 122 -21.89 25.53 -15.86
C PHE C 122 -22.11 26.91 -15.24
N GLU C 123 -21.82 27.98 -15.98
CA GLU C 123 -22.04 29.32 -15.48
C GLU C 123 -23.50 29.41 -15.02
N TYR C 124 -24.42 28.87 -15.83
CA TYR C 124 -25.84 29.11 -15.60
C TYR C 124 -26.28 28.35 -14.34
N VAL C 125 -25.84 27.09 -14.18
CA VAL C 125 -26.17 26.38 -12.96
C VAL C 125 -25.74 27.23 -11.76
N ALA C 126 -24.59 27.88 -11.87
CA ALA C 126 -23.96 28.51 -10.74
C ALA C 126 -24.67 29.82 -10.39
N ARG C 127 -25.37 30.40 -11.36
CA ARG C 127 -26.11 31.64 -11.20
C ARG C 127 -27.53 31.37 -10.70
N THR C 128 -27.89 30.09 -10.48
CA THR C 128 -29.21 29.75 -9.97
C THR C 128 -29.52 30.61 -8.75
N PRO C 129 -30.64 31.37 -8.78
CA PRO C 129 -31.01 32.27 -7.69
C PRO C 129 -31.13 31.78 -6.25
N ASP C 130 -32.05 30.86 -5.93
CA ASP C 130 -32.43 30.77 -4.52
C ASP C 130 -32.13 29.40 -3.93
N VAL C 131 -30.92 28.92 -4.14
CA VAL C 131 -30.61 27.54 -3.77
C VAL C 131 -29.30 27.56 -3.00
N PRO C 132 -29.17 26.86 -1.86
CA PRO C 132 -27.91 26.76 -1.13
C PRO C 132 -26.80 26.37 -2.09
N ALA C 133 -25.64 27.03 -1.94
CA ALA C 133 -24.46 26.79 -2.74
C ALA C 133 -24.03 25.33 -2.73
N GLU C 134 -24.18 24.63 -1.60
CA GLU C 134 -23.69 23.28 -1.50
C GLU C 134 -24.42 22.39 -2.50
N ARG C 135 -25.70 22.66 -2.71
CA ARG C 135 -26.48 21.84 -3.65
C ARG C 135 -25.99 22.13 -5.06
N LEU C 136 -25.83 23.41 -5.39
CA LEU C 136 -25.37 23.82 -6.71
C LEU C 136 -24.03 23.18 -7.03
N LEU C 137 -23.12 23.09 -6.04
CA LEU C 137 -21.83 22.48 -6.30
C LEU C 137 -22.01 21.01 -6.63
N GLN C 138 -22.90 20.32 -5.92
CA GLN C 138 -23.13 18.91 -6.20
C GLN C 138 -23.65 18.75 -7.63
N VAL C 139 -24.57 19.65 -8.05
CA VAL C 139 -25.10 19.55 -9.38
C VAL C 139 -23.94 19.69 -10.37
N ILE C 140 -23.08 20.69 -10.11
CA ILE C 140 -21.98 21.01 -11.00
C ILE C 140 -21.03 19.81 -11.10
N VAL C 141 -20.79 19.15 -9.96
CA VAL C 141 -19.92 17.99 -9.98
C VAL C 141 -20.56 16.88 -10.81
N ARG C 142 -21.83 16.58 -10.53
CA ARG C 142 -22.50 15.47 -11.20
C ARG C 142 -22.64 15.78 -12.69
N LEU C 143 -22.88 17.05 -13.02
CA LEU C 143 -22.97 17.46 -14.39
C LEU C 143 -21.64 17.20 -15.09
N GLY C 144 -20.55 17.62 -14.43
CA GLY C 144 -19.21 17.33 -14.93
C GLY C 144 -19.01 15.85 -15.22
N GLN C 145 -19.29 14.99 -14.23
CA GLN C 145 -19.13 13.56 -14.40
C GLN C 145 -20.01 13.00 -15.51
N ALA C 146 -21.15 13.59 -15.77
CA ALA C 146 -22.09 13.02 -16.73
C ALA C 146 -21.63 13.34 -18.16
N VAL C 147 -20.94 14.47 -18.33
CA VAL C 147 -20.67 15.03 -19.64
C VAL C 147 -19.32 14.54 -20.15
N GLY C 148 -18.36 14.33 -19.23
CA GLY C 148 -16.97 14.19 -19.63
C GLY C 148 -16.56 12.76 -19.94
N ALA C 149 -15.28 12.45 -19.68
CA ALA C 149 -14.66 11.16 -19.97
C ALA C 149 -15.37 10.03 -19.24
N GLU C 150 -15.95 10.30 -18.06
CA GLU C 150 -16.63 9.29 -17.28
C GLU C 150 -18.08 9.12 -17.73
N GLY C 151 -18.52 9.89 -18.72
CA GLY C 151 -19.90 9.84 -19.17
C GLY C 151 -20.02 10.03 -20.69
N LEU C 152 -20.73 11.09 -21.09
CA LEU C 152 -21.10 11.32 -22.46
C LEU C 152 -19.89 11.14 -23.40
N VAL C 153 -18.82 11.90 -23.17
CA VAL C 153 -17.65 11.89 -24.05
C VAL C 153 -17.01 10.50 -24.01
N GLY C 154 -16.91 9.90 -22.83
CA GLY C 154 -16.44 8.54 -22.68
C GLY C 154 -17.18 7.58 -23.61
N GLY C 155 -18.53 7.63 -23.58
CA GLY C 155 -19.38 6.85 -24.46
C GLY C 155 -19.04 7.09 -25.92
N GLN C 156 -19.01 8.36 -26.33
CA GLN C 156 -18.74 8.72 -27.71
C GLN C 156 -17.39 8.13 -28.14
N VAL C 157 -16.42 8.05 -27.22
CA VAL C 157 -15.08 7.59 -27.60
C VAL C 157 -15.12 6.09 -27.88
N VAL C 158 -15.73 5.32 -26.99
CA VAL C 158 -15.88 3.88 -27.13
C VAL C 158 -16.69 3.56 -28.40
N ASP C 159 -17.74 4.35 -28.64
CA ASP C 159 -18.59 4.26 -29.82
C ASP C 159 -17.72 4.38 -31.07
N LEU C 160 -16.82 5.37 -31.10
CA LEU C 160 -16.03 5.64 -32.29
C LEU C 160 -15.05 4.49 -32.53
N GLU C 161 -14.53 3.94 -31.43
CA GLU C 161 -13.52 2.90 -31.47
C GLU C 161 -14.13 1.59 -31.93
N SER C 162 -15.47 1.47 -31.88
CA SER C 162 -16.14 0.26 -32.25
C SER C 162 -16.82 0.39 -33.62
N GLU C 163 -16.73 1.55 -34.27
CA GLU C 163 -17.02 1.63 -35.71
C GLU C 163 -16.17 0.62 -36.49
N GLY C 164 -16.85 -0.37 -37.10
CA GLY C 164 -16.20 -1.55 -37.68
C GLY C 164 -16.59 -2.83 -36.94
N VAL C 165 -18.74 -6.53 -29.30
CA VAL C 165 -19.18 -7.29 -28.09
C VAL C 165 -20.35 -6.55 -27.45
N GLU C 166 -21.13 -7.27 -26.63
CA GLU C 166 -22.37 -6.78 -26.05
C GLU C 166 -22.09 -5.82 -24.89
N THR C 167 -20.90 -5.95 -24.28
CA THR C 167 -20.50 -5.14 -23.15
C THR C 167 -19.95 -3.80 -23.65
N LEU C 168 -19.46 -3.81 -24.90
CA LEU C 168 -19.01 -2.59 -25.56
C LEU C 168 -20.23 -1.79 -25.98
N ASN C 169 -21.36 -2.49 -26.16
CA ASN C 169 -22.63 -1.84 -26.47
C ASN C 169 -23.20 -1.22 -25.19
N PHE C 170 -22.91 -1.85 -24.05
CA PHE C 170 -23.46 -1.40 -22.78
C PHE C 170 -22.76 -0.15 -22.25
N ILE C 171 -21.47 0.01 -22.51
CA ILE C 171 -20.79 1.25 -22.06
C ILE C 171 -21.28 2.44 -22.90
N HIS C 172 -21.36 2.31 -24.22
CA HIS C 172 -21.80 3.43 -25.08
C HIS C 172 -23.21 3.91 -24.69
N THR C 173 -24.13 2.97 -24.61
CA THR C 173 -25.53 3.33 -24.26
C THR C 173 -25.58 3.90 -22.84
N HIS C 174 -24.78 3.38 -21.91
CA HIS C 174 -24.72 3.91 -20.52
C HIS C 174 -24.29 5.37 -20.51
N LYS C 175 -23.33 5.76 -21.35
CA LYS C 175 -22.84 7.16 -21.40
C LYS C 175 -23.95 8.07 -21.95
N THR C 176 -24.65 7.57 -22.98
CA THR C 176 -25.83 8.35 -23.43
C THR C 176 -26.88 8.46 -22.31
N GLY C 177 -27.08 7.40 -21.53
CA GLY C 177 -28.04 7.32 -20.40
C GLY C 177 -27.55 7.99 -19.13
N ALA C 178 -26.33 8.49 -19.14
CA ALA C 178 -25.72 9.27 -18.05
C ALA C 178 -26.20 10.70 -18.27
N LEU C 179 -26.37 11.10 -19.54
CA LEU C 179 -26.97 12.47 -19.63
C LEU C 179 -28.40 12.54 -19.04
N LEU C 180 -29.18 11.46 -19.14
CA LEU C 180 -30.54 11.21 -18.69
C LEU C 180 -30.61 11.11 -17.16
N GLU C 181 -29.66 10.37 -16.59
CA GLU C 181 -29.65 10.15 -15.16
C GLU C 181 -29.42 11.48 -14.43
N VAL C 182 -28.56 12.33 -14.98
CA VAL C 182 -28.20 13.53 -14.26
C VAL C 182 -29.36 14.54 -14.31
N CYS C 183 -30.27 14.38 -15.28
CA CYS C 183 -31.43 15.26 -15.32
C CYS C 183 -32.27 15.13 -14.05
N VAL C 184 -32.59 13.87 -13.69
CA VAL C 184 -33.51 13.68 -12.57
C VAL C 184 -32.73 13.84 -11.29
N THR C 185 -31.47 13.43 -11.31
CA THR C 185 -30.59 13.54 -10.17
C THR C 185 -30.41 15.01 -9.78
N ALA C 186 -30.07 15.86 -10.77
CA ALA C 186 -29.89 17.27 -10.51
C ALA C 186 -31.16 17.87 -9.89
N GLY C 187 -32.31 17.57 -10.49
CA GLY C 187 -33.59 18.06 -10.01
C GLY C 187 -33.78 17.71 -8.54
N ALA C 188 -33.56 16.43 -8.21
CA ALA C 188 -33.72 15.97 -6.85
C ALA C 188 -32.80 16.78 -5.92
N ILE C 189 -31.52 16.90 -6.29
CA ILE C 189 -30.56 17.56 -5.43
C ILE C 189 -30.95 19.02 -5.22
N LEU C 190 -31.36 19.70 -6.29
CA LEU C 190 -31.80 21.09 -6.16
C LEU C 190 -32.91 21.19 -5.11
N ALA C 191 -33.80 20.20 -5.08
CA ALA C 191 -34.95 20.24 -4.19
C ALA C 191 -34.54 19.97 -2.73
N GLY C 192 -33.34 19.43 -2.53
CA GLY C 192 -32.88 19.11 -1.19
C GLY C 192 -33.18 17.67 -0.83
N ALA C 193 -33.33 16.82 -1.84
CA ALA C 193 -33.60 15.42 -1.60
C ALA C 193 -32.52 14.82 -0.71
N LYS C 194 -32.91 13.84 0.09
CA LYS C 194 -32.00 13.02 0.89
C LYS C 194 -31.46 11.91 0.00
N PRO C 195 -30.23 11.40 0.25
CA PRO C 195 -29.57 10.45 -0.64
C PRO C 195 -30.37 9.24 -1.18
N GLU C 196 -31.26 8.70 -0.37
CA GLU C 196 -32.12 7.57 -0.75
C GLU C 196 -33.01 7.98 -1.93
N GLU C 197 -33.50 9.22 -1.89
CA GLU C 197 -34.37 9.74 -2.92
C GLU C 197 -33.58 9.94 -4.22
N VAL C 198 -32.37 10.46 -4.09
CA VAL C 198 -31.52 10.66 -5.24
C VAL C 198 -31.26 9.30 -5.91
N GLN C 199 -31.20 8.25 -5.09
CA GLN C 199 -30.94 6.88 -5.59
C GLN C 199 -32.22 6.31 -6.22
N LEU C 200 -33.36 6.56 -5.60
CA LEU C 200 -34.66 6.23 -6.16
C LEU C 200 -34.73 6.77 -7.58
N LEU C 201 -34.43 8.08 -7.76
CA LEU C 201 -34.50 8.71 -9.05
C LEU C 201 -33.46 8.12 -9.99
N SER C 202 -32.29 7.82 -9.45
CA SER C 202 -31.22 7.32 -10.27
C SER C 202 -31.63 5.99 -10.92
N ARG C 203 -32.25 5.11 -10.11
CA ARG C 203 -32.57 3.78 -10.59
C ARG C 203 -33.73 3.90 -11.58
N TYR C 204 -34.67 4.80 -11.29
CA TYR C 204 -35.74 5.14 -12.23
C TYR C 204 -35.14 5.51 -13.57
N ALA C 205 -34.12 6.38 -13.55
CA ALA C 205 -33.51 6.90 -14.76
C ALA C 205 -32.76 5.80 -15.50
N GLN C 206 -32.07 4.93 -14.75
CA GLN C 206 -31.32 3.85 -15.35
C GLN C 206 -32.25 2.88 -16.07
N ASN C 207 -33.40 2.58 -15.48
CA ASN C 207 -34.40 1.69 -16.06
C ASN C 207 -34.98 2.28 -17.36
N ILE C 208 -35.37 3.56 -17.33
CA ILE C 208 -35.89 4.21 -18.49
C ILE C 208 -34.83 4.21 -19.58
N GLY C 209 -33.61 4.63 -19.24
CA GLY C 209 -32.49 4.72 -20.15
C GLY C 209 -32.30 3.42 -20.93
N LEU C 210 -32.45 2.29 -20.23
CA LEU C 210 -32.22 1.00 -20.87
C LEU C 210 -33.35 0.73 -21.85
N ALA C 211 -34.59 0.94 -21.40
CA ALA C 211 -35.80 0.71 -22.18
C ALA C 211 -35.76 1.48 -23.50
N PHE C 212 -35.27 2.73 -23.47
CA PHE C 212 -35.22 3.56 -24.68
C PHE C 212 -34.39 2.88 -25.77
N GLN C 213 -33.23 2.35 -25.39
CA GLN C 213 -32.26 1.83 -26.35
C GLN C 213 -32.66 0.43 -26.80
N ILE C 214 -33.55 -0.22 -26.04
CA ILE C 214 -34.09 -1.51 -26.46
C ILE C 214 -35.01 -1.28 -27.67
N VAL C 215 -35.91 -0.29 -27.57
CA VAL C 215 -37.00 -0.17 -28.52
C VAL C 215 -36.50 0.35 -29.86
N ASP C 216 -35.48 1.24 -29.85
CA ASP C 216 -34.96 1.71 -31.13
C ASP C 216 -34.11 0.61 -31.80
N ASP C 217 -33.59 -0.30 -30.95
CA ASP C 217 -32.90 -1.50 -31.41
C ASP C 217 -33.93 -2.55 -31.84
N ILE C 218 -35.03 -2.65 -31.08
CA ILE C 218 -36.15 -3.53 -31.39
C ILE C 218 -37.04 -2.78 -32.37
N LEU C 219 -36.50 -2.48 -33.55
CA LEU C 219 -37.18 -1.70 -34.57
C LEU C 219 -37.68 -2.61 -35.73
N LEU C 220 -30.02 -6.77 -27.34
CA LEU C 220 -31.45 -7.02 -27.59
C LEU C 220 -31.68 -7.29 -29.08
N TRP C 221 -30.57 -7.45 -29.82
CA TRP C 221 -30.56 -7.81 -31.25
C TRP C 221 -30.16 -9.28 -31.43
N GLY C 222 -30.50 -10.09 -30.41
CA GLY C 222 -30.23 -11.52 -30.34
C GLY C 222 -31.22 -12.23 -29.44
N ILE C 223 -32.39 -11.59 -29.28
CA ILE C 223 -33.59 -12.02 -28.53
C ILE C 223 -34.61 -10.89 -28.67
N GLU C 224 -35.80 -11.12 -29.28
CA GLU C 224 -36.68 -10.04 -29.75
C GLU C 224 -38.07 -10.07 -29.10
N LYS C 225 -38.62 -11.28 -28.98
CA LYS C 225 -39.93 -11.49 -28.36
C LYS C 225 -39.82 -11.30 -26.84
N SER C 226 -38.61 -11.47 -26.32
CA SER C 226 -38.33 -11.30 -24.90
C SER C 226 -37.65 -9.95 -24.64
N GLN C 227 -37.01 -9.39 -25.67
CA GLN C 227 -36.44 -8.05 -25.64
C GLN C 227 -37.56 -7.04 -25.39
N ALA C 228 -38.67 -7.17 -26.14
CA ALA C 228 -39.81 -6.26 -26.02
C ALA C 228 -40.51 -6.44 -24.66
N GLU C 229 -40.37 -7.64 -24.09
CA GLU C 229 -40.97 -7.97 -22.81
C GLU C 229 -40.24 -7.19 -21.70
N ALA C 230 -38.90 -7.18 -21.78
CA ALA C 230 -38.02 -6.59 -20.78
C ALA C 230 -38.23 -5.09 -20.74
N GLN C 231 -38.27 -4.41 -21.89
CA GLN C 231 -38.52 -2.97 -21.92
C GLN C 231 -39.74 -2.63 -21.07
N LYS C 232 -40.75 -3.50 -21.12
CA LYS C 232 -42.00 -3.27 -20.40
C LYS C 232 -41.80 -3.50 -18.90
N LEU C 233 -41.15 -4.60 -18.54
CA LEU C 233 -40.92 -4.95 -17.14
C LEU C 233 -40.14 -3.82 -16.46
N VAL C 234 -39.23 -3.19 -17.21
CA VAL C 234 -38.30 -2.21 -16.69
C VAL C 234 -39.03 -0.88 -16.49
N ALA C 235 -39.82 -0.42 -17.49
CA ALA C 235 -40.62 0.79 -17.36
C ALA C 235 -41.65 0.63 -16.24
N GLU C 236 -42.06 -0.62 -16.02
CA GLU C 236 -43.05 -0.94 -15.00
C GLU C 236 -42.43 -0.80 -13.62
N ALA C 237 -41.23 -1.36 -13.44
CA ALA C 237 -40.49 -1.30 -12.19
C ALA C 237 -40.28 0.16 -11.81
N ILE C 238 -39.90 0.97 -12.81
CA ILE C 238 -39.62 2.39 -12.64
C ILE C 238 -40.87 3.12 -12.15
N ALA C 239 -41.98 2.95 -12.90
CA ALA C 239 -43.24 3.64 -12.63
C ALA C 239 -43.72 3.31 -11.23
N SER C 240 -43.06 2.38 -10.55
CA SER C 240 -43.26 2.21 -9.12
C SER C 240 -42.33 3.11 -8.30
N LEU C 241 -42.73 4.38 -8.25
CA LEU C 241 -42.35 5.32 -7.20
C LEU C 241 -43.65 5.87 -6.61
N GLU C 242 -44.49 4.92 -6.15
CA GLU C 242 -45.83 5.20 -5.63
C GLU C 242 -45.77 6.13 -4.40
N PRO C 243 -44.72 6.05 -3.55
CA PRO C 243 -44.59 6.94 -2.39
C PRO C 243 -44.88 8.43 -2.57
N TYR C 244 -44.88 8.94 -3.80
CA TYR C 244 -45.03 10.38 -4.01
C TYR C 244 -46.46 10.71 -4.39
N GLY C 245 -47.21 9.65 -4.74
CA GLY C 245 -48.59 9.74 -5.16
C GLY C 245 -48.74 10.57 -6.42
N GLU C 246 -49.54 11.61 -6.30
CA GLU C 246 -50.01 12.37 -7.47
C GLU C 246 -48.84 13.20 -8.00
N LYS C 247 -47.92 13.57 -7.10
CA LYS C 247 -46.79 14.42 -7.45
C LYS C 247 -45.88 13.71 -8.47
N ALA C 248 -46.04 12.39 -8.60
CA ALA C 248 -45.22 11.56 -9.46
C ALA C 248 -45.77 11.38 -10.88
N ASN C 249 -46.85 12.08 -11.22
CA ASN C 249 -47.53 11.77 -12.46
C ASN C 249 -46.65 12.09 -13.66
N PRO C 250 -46.04 13.30 -13.71
CA PRO C 250 -45.18 13.67 -14.83
C PRO C 250 -44.07 12.66 -15.09
N LEU C 251 -43.42 12.19 -14.02
CA LEU C 251 -42.33 11.23 -14.22
C LEU C 251 -42.88 9.89 -14.69
N LYS C 252 -43.96 9.40 -14.05
CA LYS C 252 -44.60 8.18 -14.50
C LYS C 252 -45.03 8.32 -15.97
N ALA C 253 -45.70 9.42 -16.30
CA ALA C 253 -46.13 9.66 -17.66
C ALA C 253 -44.93 9.59 -18.62
N LEU C 254 -43.88 10.34 -18.25
CA LEU C 254 -42.72 10.56 -19.10
C LEU C 254 -41.98 9.24 -19.33
N ALA C 255 -42.01 8.36 -18.32
CA ALA C 255 -41.46 7.02 -18.38
C ALA C 255 -42.06 6.28 -19.56
N GLU C 256 -43.40 6.34 -19.69
CA GLU C 256 -44.07 5.63 -20.77
C GLU C 256 -43.66 6.22 -22.14
N TYR C 257 -43.52 7.55 -22.17
CA TYR C 257 -43.29 8.24 -23.41
C TYR C 257 -41.89 7.97 -23.96
N ILE C 258 -40.92 7.71 -23.08
CA ILE C 258 -39.51 7.65 -23.52
C ILE C 258 -39.17 6.26 -24.08
N GLN D 1 2.67 -46.03 41.48
CA GLN D 1 3.36 -45.44 40.29
C GLN D 1 3.33 -43.91 40.40
N GLY D 2 4.53 -43.31 40.41
CA GLY D 2 4.67 -41.86 40.29
C GLY D 2 5.63 -41.49 39.18
N PHE D 3 5.79 -40.17 38.97
CA PHE D 3 6.87 -39.64 38.16
C PHE D 3 7.88 -38.91 39.06
N SER D 4 9.15 -39.34 38.98
CA SER D 4 10.19 -38.72 39.80
C SER D 4 11.10 -37.85 38.93
N LEU D 5 11.00 -36.52 39.10
CA LEU D 5 11.82 -35.58 38.38
C LEU D 5 13.31 -35.87 38.62
N ALA D 6 13.68 -36.16 39.87
CA ALA D 6 15.08 -36.32 40.22
C ALA D 6 15.71 -37.46 39.42
N GLN D 7 14.95 -38.55 39.22
CA GLN D 7 15.44 -39.68 38.45
C GLN D 7 15.62 -39.26 37.00
N TYR D 8 14.54 -38.66 36.44
CA TYR D 8 14.48 -38.21 35.07
C TYR D 8 15.67 -37.30 34.77
N LEU D 9 15.83 -36.23 35.55
CA LEU D 9 16.93 -35.29 35.40
C LEU D 9 18.26 -36.02 35.42
N GLN D 10 18.39 -37.03 36.30
CA GLN D 10 19.62 -37.77 36.45
C GLN D 10 19.89 -38.58 35.18
N GLU D 11 18.87 -39.32 34.72
CA GLU D 11 18.99 -40.14 33.53
C GLU D 11 19.34 -39.27 32.32
N GLN D 12 18.55 -38.22 32.10
CA GLN D 12 18.67 -37.34 30.94
C GLN D 12 20.01 -36.61 30.96
N LYS D 13 20.37 -36.06 32.12
CA LYS D 13 21.61 -35.32 32.25
C LYS D 13 22.78 -36.22 31.84
N THR D 14 22.70 -37.52 32.15
CA THR D 14 23.80 -38.42 31.85
C THR D 14 23.93 -38.59 30.34
N ILE D 15 22.78 -38.79 29.66
CA ILE D 15 22.81 -39.07 28.24
C ILE D 15 23.22 -37.79 27.47
N VAL D 16 22.79 -36.63 27.97
CA VAL D 16 23.14 -35.34 27.39
C VAL D 16 24.63 -35.10 27.51
N GLU D 17 25.21 -35.40 28.67
CA GLU D 17 26.62 -35.10 28.88
C GLU D 17 27.51 -36.03 28.07
N THR D 18 27.05 -37.25 27.75
CA THR D 18 27.93 -38.06 26.93
C THR D 18 27.88 -37.56 25.49
N ALA D 19 26.72 -37.00 25.10
CA ALA D 19 26.57 -36.44 23.78
C ALA D 19 27.42 -35.17 23.65
N LEU D 20 27.37 -34.30 24.66
CA LEU D 20 28.21 -33.12 24.65
C LEU D 20 29.67 -33.51 24.47
N ASP D 21 30.09 -34.54 25.22
CA ASP D 21 31.49 -34.93 25.25
C ASP D 21 31.91 -35.42 23.87
N GLN D 22 31.07 -36.27 23.26
CA GLN D 22 31.30 -36.82 21.94
C GLN D 22 31.35 -35.74 20.87
N SER D 23 30.65 -34.62 21.06
CA SER D 23 30.54 -33.61 20.00
C SER D 23 31.87 -32.85 19.80
N LEU D 24 32.70 -32.79 20.83
CA LEU D 24 33.94 -32.03 20.74
C LEU D 24 35.13 -32.98 20.84
N VAL D 25 35.55 -33.56 19.70
CA VAL D 25 36.75 -34.39 19.66
C VAL D 25 37.98 -33.51 19.41
N ILE D 26 39.00 -33.66 20.26
CA ILE D 26 40.12 -32.75 20.37
C ILE D 26 41.13 -33.02 19.25
N THR D 27 41.18 -32.15 18.24
CA THR D 27 42.22 -32.13 17.20
C THR D 27 43.03 -30.85 17.41
N GLU D 28 43.96 -30.57 16.49
CA GLU D 28 44.75 -29.36 16.56
C GLU D 28 43.95 -28.20 15.95
N PRO D 29 44.05 -26.94 16.45
CA PRO D 29 44.87 -26.60 17.62
C PRO D 29 44.19 -26.96 18.93
N VAL D 30 44.90 -27.66 19.83
CA VAL D 30 44.26 -28.27 20.99
C VAL D 30 43.62 -27.19 21.87
N THR D 31 44.26 -26.03 21.94
CA THR D 31 43.81 -25.01 22.87
C THR D 31 42.34 -24.60 22.61
N ILE D 32 41.90 -24.50 21.35
CA ILE D 32 40.54 -24.08 21.10
C ILE D 32 39.55 -25.13 21.59
N TYR D 33 39.82 -26.41 21.27
CA TYR D 33 38.96 -27.47 21.71
C TYR D 33 38.94 -27.56 23.25
N GLU D 34 40.11 -27.30 23.86
CA GLU D 34 40.23 -27.36 25.30
C GLU D 34 39.32 -26.30 25.89
N ALA D 35 39.44 -25.08 25.35
CA ALA D 35 38.68 -23.92 25.84
C ALA D 35 37.18 -24.13 25.66
N MET D 36 36.78 -24.79 24.59
CA MET D 36 35.38 -25.08 24.33
C MET D 36 34.88 -26.11 25.33
N ARG D 37 35.63 -27.21 25.47
CA ARG D 37 35.20 -28.31 26.32
C ARG D 37 35.15 -27.85 27.79
N TYR D 38 36.06 -26.93 28.13
CA TYR D 38 36.15 -26.44 29.49
C TYR D 38 34.80 -25.87 29.93
N SER D 39 34.24 -24.99 29.09
CA SER D 39 33.00 -24.32 29.42
C SER D 39 31.82 -25.24 29.14
N LEU D 40 31.88 -26.03 28.05
CA LEU D 40 30.73 -26.81 27.68
C LEU D 40 30.54 -27.99 28.61
N LEU D 41 31.63 -28.54 29.15
CA LEU D 41 31.54 -29.79 29.88
C LEU D 41 31.56 -29.59 31.39
N ALA D 42 31.92 -28.39 31.86
CA ALA D 42 31.65 -27.97 33.24
C ALA D 42 30.18 -28.24 33.49
N GLY D 43 29.88 -28.97 34.55
CA GLY D 43 28.52 -29.48 34.68
C GLY D 43 27.50 -28.36 34.93
N GLY D 44 26.23 -28.76 34.98
CA GLY D 44 25.16 -27.83 35.28
C GLY D 44 23.84 -28.59 35.31
N LYS D 45 22.73 -27.85 35.31
CA LYS D 45 21.41 -28.49 35.36
C LYS D 45 21.07 -29.10 33.99
N ARG D 46 21.53 -28.44 32.91
CA ARG D 46 21.33 -28.82 31.52
C ARG D 46 19.83 -28.80 31.18
N LEU D 47 19.16 -27.75 31.67
CA LEU D 47 17.72 -27.69 31.49
C LEU D 47 17.35 -27.49 30.03
N ARG D 48 18.18 -26.74 29.28
CA ARG D 48 17.85 -26.40 27.91
C ARG D 48 17.86 -27.64 27.01
N PRO D 49 18.95 -28.44 26.98
CA PRO D 49 18.92 -29.72 26.25
C PRO D 49 17.79 -30.64 26.73
N ILE D 50 17.49 -30.58 28.04
CA ILE D 50 16.49 -31.51 28.55
C ILE D 50 15.07 -31.09 28.13
N LEU D 51 14.78 -29.78 28.16
CA LEU D 51 13.50 -29.26 27.67
C LEU D 51 13.27 -29.75 26.23
N CYS D 52 14.35 -29.70 25.43
CA CYS D 52 14.27 -30.07 24.02
C CYS D 52 13.88 -31.55 23.89
N LEU D 53 14.64 -32.44 24.55
CA LEU D 53 14.32 -33.86 24.51
C LEU D 53 12.91 -34.10 25.05
N ALA D 54 12.58 -33.44 26.18
CA ALA D 54 11.26 -33.63 26.75
C ALA D 54 10.20 -33.34 25.69
N ALA D 55 10.28 -32.17 25.06
CA ALA D 55 9.25 -31.70 24.15
C ALA D 55 9.19 -32.62 22.94
N CYS D 56 10.36 -33.00 22.43
CA CYS D 56 10.38 -33.91 21.30
C CYS D 56 9.71 -35.23 21.66
N GLU D 57 10.08 -35.79 22.83
CA GLU D 57 9.61 -37.11 23.24
C GLU D 57 8.11 -37.12 23.50
N MET D 58 7.59 -36.02 24.07
CA MET D 58 6.18 -35.90 24.37
C MET D 58 5.37 -35.99 23.08
N LEU D 59 5.93 -35.52 21.95
CA LEU D 59 5.20 -35.42 20.71
C LEU D 59 5.45 -36.66 19.84
N GLY D 60 6.17 -37.65 20.40
CA GLY D 60 6.33 -38.90 19.66
C GLY D 60 7.69 -39.06 19.01
N GLY D 61 8.58 -38.09 19.23
CA GLY D 61 9.92 -38.19 18.67
C GLY D 61 10.85 -38.96 19.61
N THR D 62 12.09 -39.20 19.15
CA THR D 62 13.06 -39.95 19.91
C THR D 62 14.22 -39.05 20.34
N ALA D 63 14.99 -39.52 21.33
CA ALA D 63 16.18 -38.83 21.79
C ALA D 63 17.15 -38.63 20.63
N ALA D 64 17.17 -39.60 19.70
CA ALA D 64 18.14 -39.58 18.63
C ALA D 64 17.78 -38.49 17.61
N MET D 65 16.50 -38.16 17.50
CA MET D 65 16.08 -37.07 16.62
C MET D 65 16.47 -35.70 17.18
N ALA D 66 16.50 -35.58 18.52
CA ALA D 66 16.61 -34.27 19.15
C ALA D 66 18.00 -34.04 19.73
N MET D 67 18.84 -35.07 19.76
CA MET D 67 20.04 -34.99 20.56
C MET D 67 21.00 -33.89 20.06
N ASN D 68 21.23 -33.84 18.74
CA ASN D 68 22.08 -32.81 18.15
C ASN D 68 21.56 -31.41 18.51
N THR D 69 20.26 -31.19 18.25
CA THR D 69 19.69 -29.89 18.59
C THR D 69 19.88 -29.61 20.08
N ALA D 70 19.67 -30.64 20.92
CA ALA D 70 19.81 -30.47 22.36
C ALA D 70 21.22 -30.01 22.70
N CYS D 71 22.24 -30.63 22.07
CA CYS D 71 23.62 -30.21 22.28
C CYS D 71 23.86 -28.80 21.76
N ALA D 72 23.25 -28.50 20.60
CA ALA D 72 23.35 -27.18 20.00
C ALA D 72 22.86 -26.11 20.97
N LEU D 73 21.70 -26.36 21.59
CA LEU D 73 21.10 -25.40 22.52
C LEU D 73 22.07 -25.15 23.67
N GLU D 74 22.68 -26.24 24.17
CA GLU D 74 23.61 -26.11 25.28
C GLU D 74 24.87 -25.35 24.84
N MET D 75 25.27 -25.57 23.59
CA MET D 75 26.46 -24.89 23.08
C MET D 75 26.20 -23.38 23.05
N ILE D 76 25.01 -23.01 22.58
CA ILE D 76 24.67 -21.59 22.48
C ILE D 76 24.61 -20.98 23.86
N HIS D 77 23.92 -21.66 24.78
CA HIS D 77 23.89 -21.25 26.18
C HIS D 77 25.29 -21.06 26.74
N THR D 78 26.16 -22.05 26.50
CA THR D 78 27.54 -21.94 26.96
C THR D 78 28.20 -20.69 26.41
N MET D 79 28.10 -20.45 25.10
CA MET D 79 28.88 -19.35 24.53
C MET D 79 28.33 -18.01 25.00
N SER D 80 27.02 -17.94 25.30
CA SER D 80 26.51 -16.69 25.84
C SER D 80 27.14 -16.42 27.21
N LEU D 81 27.31 -17.48 28.04
CA LEU D 81 28.02 -17.32 29.30
C LEU D 81 29.48 -16.94 29.10
N ILE D 82 30.18 -17.61 28.15
CA ILE D 82 31.59 -17.29 27.93
C ILE D 82 31.76 -15.80 27.62
N HIS D 83 30.93 -15.31 26.71
CA HIS D 83 31.00 -13.93 26.29
C HIS D 83 30.51 -12.99 27.40
N ASP D 84 29.48 -13.41 28.14
CA ASP D 84 28.92 -12.57 29.19
C ASP D 84 29.92 -12.37 30.31
N ASP D 85 30.77 -13.37 30.55
CA ASP D 85 31.70 -13.30 31.65
C ASP D 85 32.86 -12.35 31.35
N LEU D 86 33.05 -11.98 30.07
CA LEU D 86 34.22 -11.23 29.68
C LEU D 86 34.31 -9.89 30.43
N PRO D 87 35.53 -9.40 30.72
CA PRO D 87 35.73 -8.09 31.32
C PRO D 87 34.88 -6.98 30.75
N ALA D 88 34.77 -6.92 29.42
CA ALA D 88 34.03 -5.85 28.76
C ALA D 88 32.54 -5.91 29.11
N MET D 89 32.11 -7.01 29.72
CA MET D 89 30.70 -7.21 30.02
C MET D 89 30.48 -7.39 31.52
N ASP D 90 30.11 -8.59 31.99
CA ASP D 90 29.82 -8.81 33.41
C ASP D 90 31.11 -8.90 34.23
N ASN D 91 32.23 -9.20 33.57
CA ASN D 91 33.55 -9.27 34.20
C ASN D 91 33.56 -10.28 35.36
N ASP D 92 33.12 -11.51 35.09
CA ASP D 92 33.02 -12.55 36.09
C ASP D 92 34.31 -13.35 36.16
N ASP D 93 34.77 -13.63 37.38
CA ASP D 93 36.07 -14.21 37.64
C ASP D 93 35.92 -15.70 37.92
N LEU D 94 34.72 -16.11 38.33
CA LEU D 94 34.46 -17.53 38.44
C LEU D 94 32.96 -17.82 38.42
N ARG D 95 32.63 -19.11 38.24
CA ARG D 95 31.28 -19.59 37.98
C ARG D 95 31.20 -21.03 38.48
N ARG D 96 30.20 -21.30 39.34
CA ARG D 96 30.03 -22.58 40.01
C ARG D 96 31.32 -22.96 40.74
N GLY D 97 31.99 -21.96 41.32
CA GLY D 97 33.19 -22.20 42.10
C GLY D 97 34.45 -22.37 41.28
N LYS D 98 34.31 -22.62 39.98
CA LYS D 98 35.44 -22.82 39.09
C LYS D 98 35.71 -21.52 38.34
N PRO D 99 36.98 -21.22 37.94
CA PRO D 99 37.27 -19.99 37.20
C PRO D 99 36.57 -19.96 35.83
N THR D 100 36.28 -18.75 35.35
CA THR D 100 35.63 -18.59 34.07
C THR D 100 36.63 -18.77 32.92
N ASN D 101 36.10 -19.08 31.74
CA ASN D 101 36.86 -19.43 30.55
C ASN D 101 38.04 -18.46 30.34
N HIS D 102 37.80 -17.16 30.36
CA HIS D 102 38.84 -16.23 29.98
C HIS D 102 39.96 -16.20 31.01
N LYS D 103 39.64 -16.53 32.26
CA LYS D 103 40.63 -16.55 33.34
C LYS D 103 41.59 -17.72 33.15
N VAL D 104 41.13 -18.77 32.48
CA VAL D 104 42.01 -19.89 32.19
C VAL D 104 42.75 -19.70 30.86
N TYR D 105 42.13 -19.12 29.83
CA TYR D 105 42.70 -19.22 28.48
C TYR D 105 43.03 -17.85 27.90
N GLY D 106 42.56 -16.77 28.53
CA GLY D 106 42.72 -15.42 28.01
C GLY D 106 41.44 -14.93 27.34
N GLU D 107 41.24 -13.61 27.34
CA GLU D 107 40.05 -13.03 26.74
C GLU D 107 39.96 -13.45 25.27
N ASP D 108 41.08 -13.39 24.56
CA ASP D 108 41.12 -13.66 23.13
C ASP D 108 40.61 -15.07 22.83
N ILE D 109 41.15 -16.07 23.52
CA ILE D 109 40.76 -17.44 23.29
C ILE D 109 39.29 -17.62 23.65
N ALA D 110 38.87 -16.96 24.74
CA ALA D 110 37.49 -17.06 25.20
C ALA D 110 36.56 -16.58 24.11
N ILE D 111 36.87 -15.42 23.53
CA ILE D 111 36.04 -14.84 22.47
C ILE D 111 35.91 -15.87 21.35
N LEU D 112 37.05 -16.42 20.92
CA LEU D 112 37.07 -17.38 19.82
C LEU D 112 36.34 -18.67 20.21
N ALA D 113 36.45 -19.07 21.47
CA ALA D 113 35.80 -20.31 21.88
C ALA D 113 34.28 -20.16 21.79
N GLY D 114 33.80 -18.98 22.17
CA GLY D 114 32.39 -18.65 22.08
C GLY D 114 31.91 -18.69 20.63
N ASP D 115 32.72 -18.08 19.75
CA ASP D 115 32.42 -18.03 18.33
C ASP D 115 32.31 -19.44 17.75
N ALA D 116 33.31 -20.27 18.09
CA ALA D 116 33.36 -21.64 17.63
C ALA D 116 32.09 -22.40 18.06
N LEU D 117 31.68 -22.22 19.32
CA LEU D 117 30.50 -22.93 19.82
C LEU D 117 29.23 -22.44 19.12
N LEU D 118 29.12 -21.13 18.91
CA LEU D 118 27.94 -20.58 18.25
C LEU D 118 27.81 -21.17 16.84
N SER D 119 28.92 -21.24 16.08
CA SER D 119 28.78 -21.73 14.73
C SER D 119 28.60 -23.24 14.75
N TYR D 120 29.23 -23.89 15.73
CA TYR D 120 29.13 -25.34 15.80
C TYR D 120 27.70 -25.75 16.07
N ALA D 121 26.99 -24.92 16.86
CA ALA D 121 25.61 -25.22 17.17
C ALA D 121 24.79 -25.44 15.90
N PHE D 122 24.92 -24.51 14.95
CA PHE D 122 24.16 -24.61 13.71
C PHE D 122 24.64 -25.80 12.89
N GLU D 123 25.97 -25.97 12.77
CA GLU D 123 26.51 -27.12 12.06
C GLU D 123 25.88 -28.39 12.63
N TYR D 124 25.77 -28.47 13.97
CA TYR D 124 25.38 -29.72 14.61
C TYR D 124 23.91 -30.01 14.34
N VAL D 125 23.06 -28.97 14.45
CA VAL D 125 21.65 -29.19 14.13
C VAL D 125 21.54 -29.77 12.72
N ALA D 126 22.39 -29.27 11.81
CA ALA D 126 22.23 -29.57 10.40
C ALA D 126 22.72 -30.97 10.09
N ARG D 127 23.58 -31.52 10.96
CA ARG D 127 24.14 -32.86 10.81
C ARG D 127 23.23 -33.91 11.46
N THR D 128 22.10 -33.49 12.05
CA THR D 128 21.19 -34.43 12.67
C THR D 128 20.89 -35.58 11.71
N PRO D 129 21.18 -36.84 12.11
CA PRO D 129 20.98 -38.00 11.24
C PRO D 129 19.65 -38.32 10.58
N ASP D 130 18.55 -38.53 11.31
CA ASP D 130 17.43 -39.20 10.64
C ASP D 130 16.17 -38.33 10.56
N VAL D 131 16.33 -37.08 10.13
CA VAL D 131 15.24 -36.13 10.25
C VAL D 131 15.08 -35.43 8.91
N PRO D 132 13.86 -35.26 8.36
CA PRO D 132 13.67 -34.51 7.13
C PRO D 132 14.34 -33.13 7.25
N ALA D 133 15.01 -32.72 6.18
CA ALA D 133 15.75 -31.47 6.08
C ALA D 133 14.86 -30.26 6.39
N GLU D 134 13.59 -30.33 5.98
CA GLU D 134 12.67 -29.20 6.14
C GLU D 134 12.55 -28.86 7.62
N ARG D 135 12.53 -29.89 8.47
CA ARG D 135 12.38 -29.67 9.89
C ARG D 135 13.64 -28.98 10.42
N LEU D 136 14.79 -29.53 10.05
CA LEU D 136 16.08 -29.00 10.50
C LEU D 136 16.21 -27.53 10.13
N LEU D 137 15.76 -27.15 8.91
CA LEU D 137 15.84 -25.76 8.50
C LEU D 137 15.01 -24.88 9.42
N GLN D 138 13.80 -25.34 9.77
CA GLN D 138 12.95 -24.55 10.64
C GLN D 138 13.64 -24.35 11.99
N VAL D 139 14.27 -25.42 12.50
CA VAL D 139 14.96 -25.31 13.77
C VAL D 139 16.04 -24.24 13.65
N ILE D 140 16.80 -24.30 12.55
CA ILE D 140 17.92 -23.41 12.32
C ILE D 140 17.44 -21.95 12.24
N VAL D 141 16.31 -21.75 11.57
CA VAL D 141 15.78 -20.39 11.48
C VAL D 141 15.38 -19.90 12.88
N ARG D 142 14.64 -20.74 13.63
CA ARG D 142 14.14 -20.32 14.93
C ARG D 142 15.29 -20.11 15.90
N LEU D 143 16.31 -20.96 15.77
CA LEU D 143 17.48 -20.83 16.60
C LEU D 143 18.16 -19.51 16.31
N GLY D 144 18.31 -19.18 15.01
CA GLY D 144 18.85 -17.88 14.64
C GLY D 144 18.09 -16.73 15.28
N GLN D 145 16.76 -16.72 15.14
CA GLN D 145 15.97 -15.64 15.72
C GLN D 145 16.10 -15.57 17.24
N ALA D 146 16.35 -16.72 17.89
CA ALA D 146 16.36 -16.73 19.35
C ALA D 146 17.66 -16.13 19.89
N VAL D 147 18.74 -16.25 19.10
CA VAL D 147 20.09 -15.98 19.56
C VAL D 147 20.47 -14.54 19.26
N GLY D 148 19.96 -14.01 18.14
CA GLY D 148 20.44 -12.76 17.58
C GLY D 148 19.87 -11.49 18.22
N ALA D 149 19.80 -10.45 17.39
CA ALA D 149 19.31 -9.13 17.75
C ALA D 149 17.85 -9.17 18.21
N GLU D 150 17.08 -10.12 17.65
CA GLU D 150 15.67 -10.26 17.98
C GLU D 150 15.49 -11.13 19.23
N GLY D 151 16.59 -11.61 19.81
CA GLY D 151 16.50 -12.45 20.99
C GLY D 151 17.62 -12.19 22.00
N LEU D 152 18.40 -13.24 22.25
CA LEU D 152 19.40 -13.25 23.30
C LEU D 152 20.25 -11.97 23.26
N VAL D 153 20.90 -11.71 22.12
CA VAL D 153 21.83 -10.59 22.03
C VAL D 153 21.05 -9.28 22.23
N GLY D 154 19.87 -9.19 21.59
CA GLY D 154 18.97 -8.07 21.79
C GLY D 154 18.74 -7.76 23.27
N GLY D 155 18.37 -8.79 24.02
CA GLY D 155 18.18 -8.68 25.47
C GLY D 155 19.42 -8.16 26.18
N GLN D 156 20.57 -8.79 25.92
CA GLN D 156 21.81 -8.40 26.55
C GLN D 156 22.09 -6.93 26.26
N VAL D 157 21.72 -6.42 25.09
CA VAL D 157 22.04 -5.03 24.75
C VAL D 157 21.20 -4.07 25.58
N VAL D 158 19.89 -4.32 25.68
CA VAL D 158 18.97 -3.52 26.47
C VAL D 158 19.39 -3.58 27.94
N ASP D 159 19.78 -4.78 28.40
CA ASP D 159 20.28 -5.02 29.75
C ASP D 159 21.45 -4.08 30.03
N LEU D 160 22.39 -3.99 29.07
CA LEU D 160 23.62 -3.25 29.31
C LEU D 160 23.30 -1.76 29.38
N GLU D 161 22.33 -1.32 28.56
CA GLU D 161 21.95 0.07 28.44
C GLU D 161 21.23 0.53 29.71
N SER D 162 20.68 -0.42 30.46
CA SER D 162 19.96 -0.09 31.69
C SER D 162 20.84 -0.34 32.93
N GLU D 163 21.88 -1.16 32.74
CA GLU D 163 22.79 -1.53 33.81
C GLU D 163 23.52 -0.24 34.22
N GLY D 164 23.30 0.11 35.47
CA GLY D 164 23.76 1.35 36.04
C GLY D 164 22.55 2.06 36.63
N LYS D 165 22.15 3.15 35.96
CA LYS D 165 21.07 3.97 36.46
C LYS D 165 19.98 3.95 35.42
N THR D 166 20.03 4.97 34.55
CA THR D 166 18.99 5.31 33.58
C THR D 166 17.71 5.70 34.32
N ASP D 167 17.88 6.42 35.45
CA ASP D 167 16.81 6.88 36.34
C ASP D 167 16.12 5.69 37.01
N VAL D 168 14.79 5.78 37.08
CA VAL D 168 13.96 4.69 37.56
C VAL D 168 13.69 3.76 36.38
N ALA D 169 14.43 2.64 36.30
CA ALA D 169 14.30 1.65 35.25
C ALA D 169 12.87 1.07 35.25
N VAL D 170 12.22 1.09 34.07
CA VAL D 170 10.80 0.76 33.94
C VAL D 170 10.61 -0.76 34.07
N GLU D 171 9.36 -1.18 34.29
CA GLU D 171 9.01 -2.60 34.41
C GLU D 171 8.99 -3.28 33.03
N THR D 172 8.80 -2.47 31.97
CA THR D 172 8.74 -2.95 30.61
C THR D 172 10.16 -3.12 30.07
N LEU D 173 11.11 -2.38 30.65
CA LEU D 173 12.53 -2.51 30.34
C LEU D 173 13.04 -3.80 30.97
N ASN D 174 12.38 -4.23 32.04
CA ASN D 174 12.69 -5.49 32.69
C ASN D 174 12.12 -6.66 31.90
N PHE D 175 10.99 -6.39 31.22
CA PHE D 175 10.33 -7.42 30.45
C PHE D 175 11.08 -7.73 29.14
N ILE D 176 11.80 -6.79 28.56
CA ILE D 176 12.53 -7.16 27.31
C ILE D 176 13.81 -7.95 27.64
N HIS D 177 14.53 -7.55 28.69
CA HIS D 177 15.77 -8.29 29.05
C HIS D 177 15.45 -9.76 29.30
N THR D 178 14.45 -9.97 30.15
CA THR D 178 14.04 -11.32 30.54
C THR D 178 13.43 -12.02 29.33
N HIS D 179 12.73 -11.29 28.46
CA HIS D 179 12.18 -11.88 27.21
C HIS D 179 13.32 -12.52 26.42
N LYS D 180 14.46 -11.84 26.28
CA LYS D 180 15.63 -12.40 25.54
C LYS D 180 16.16 -13.67 26.23
N THR D 181 16.31 -13.64 27.56
CA THR D 181 16.69 -14.95 28.18
C THR D 181 15.60 -16.03 27.91
N GLY D 182 14.32 -15.67 27.95
CA GLY D 182 13.21 -16.61 27.70
C GLY D 182 13.14 -17.06 26.25
N ALA D 183 13.65 -16.25 25.34
CA ALA D 183 13.72 -16.53 23.90
C ALA D 183 14.64 -17.72 23.72
N LEU D 184 15.74 -17.79 24.47
CA LEU D 184 16.49 -19.08 24.28
C LEU D 184 15.65 -20.32 24.68
N LEU D 185 14.94 -20.26 25.82
CA LEU D 185 14.12 -21.24 26.50
C LEU D 185 12.97 -21.68 25.60
N GLU D 186 12.31 -20.72 24.95
CA GLU D 186 11.19 -21.00 24.08
C GLU D 186 11.62 -21.88 22.91
N VAL D 187 12.81 -21.61 22.38
CA VAL D 187 13.24 -22.33 21.20
C VAL D 187 13.61 -23.77 21.54
N CYS D 188 13.92 -24.04 22.82
CA CYS D 188 14.18 -25.39 23.26
C CYS D 188 12.98 -26.30 23.01
N VAL D 189 11.80 -25.87 23.47
CA VAL D 189 10.63 -26.75 23.38
C VAL D 189 10.10 -26.70 21.95
N THR D 190 10.22 -25.53 21.35
CA THR D 190 9.80 -25.32 19.97
C THR D 190 10.58 -26.24 19.01
N ALA D 191 11.92 -26.24 19.14
CA ALA D 191 12.76 -27.09 18.33
C ALA D 191 12.36 -28.56 18.49
N GLY D 192 12.20 -28.99 19.75
CA GLY D 192 11.80 -30.37 20.04
C GLY D 192 10.51 -30.73 19.30
N ALA D 193 9.51 -29.85 19.40
CA ALA D 193 8.23 -30.10 18.75
C ALA D 193 8.44 -30.26 17.24
N ILE D 194 9.19 -29.32 16.64
CA ILE D 194 9.39 -29.34 15.19
C ILE D 194 10.11 -30.63 14.78
N LEU D 195 11.15 -31.02 15.53
CA LEU D 195 11.88 -32.22 15.20
C LEU D 195 10.92 -33.42 15.16
N ALA D 196 9.94 -33.42 16.07
CA ALA D 196 9.01 -34.55 16.18
C ALA D 196 8.04 -34.58 15.00
N GLY D 197 7.89 -33.44 14.32
CA GLY D 197 6.93 -33.36 13.25
C GLY D 197 5.57 -32.84 13.76
N ALA D 198 5.59 -32.13 14.89
CA ALA D 198 4.41 -31.49 15.42
C ALA D 198 3.78 -30.60 14.34
N LYS D 199 2.45 -30.46 14.40
CA LYS D 199 1.71 -29.50 13.59
C LYS D 199 1.82 -28.12 14.25
N PRO D 200 1.79 -27.03 13.44
CA PRO D 200 2.06 -25.67 13.96
C PRO D 200 1.37 -25.22 15.25
N GLU D 201 0.12 -25.66 15.47
CA GLU D 201 -0.64 -25.32 16.66
C GLU D 201 0.08 -25.86 17.90
N GLU D 202 0.66 -27.06 17.78
CA GLU D 202 1.35 -27.70 18.88
C GLU D 202 2.64 -26.95 19.17
N VAL D 203 3.33 -26.55 18.09
CA VAL D 203 4.57 -25.81 18.25
C VAL D 203 4.27 -24.52 19.00
N GLN D 204 3.08 -23.95 18.75
CA GLN D 204 2.72 -22.71 19.41
C GLN D 204 2.33 -22.95 20.88
N LEU D 205 1.57 -24.03 21.11
CA LEU D 205 1.26 -24.50 22.45
C LEU D 205 2.54 -24.53 23.28
N LEU D 206 3.56 -25.22 22.76
CA LEU D 206 4.82 -25.39 23.45
C LEU D 206 5.53 -24.04 23.59
N SER D 207 5.41 -23.20 22.56
CA SER D 207 6.08 -21.92 22.59
C SER D 207 5.58 -21.08 23.78
N ARG D 208 4.25 -21.07 23.96
CA ARG D 208 3.65 -20.23 24.98
C ARG D 208 4.02 -20.80 26.35
N TYR D 209 3.97 -22.14 26.45
CA TYR D 209 4.45 -22.84 27.63
C TYR D 209 5.85 -22.37 28.00
N ALA D 210 6.74 -22.32 27.00
CA ALA D 210 8.14 -22.01 27.20
C ALA D 210 8.33 -20.56 27.61
N GLN D 211 7.54 -19.66 26.97
CA GLN D 211 7.63 -18.24 27.27
C GLN D 211 7.25 -18.00 28.74
N ASN D 212 6.20 -18.69 29.21
CA ASN D 212 5.70 -18.54 30.58
C ASN D 212 6.74 -19.03 31.60
N ILE D 213 7.29 -20.21 31.35
CA ILE D 213 8.30 -20.78 32.23
C ILE D 213 9.51 -19.85 32.27
N GLY D 214 9.98 -19.43 31.09
CA GLY D 214 11.15 -18.58 30.95
C GLY D 214 11.06 -17.35 31.86
N LEU D 215 9.85 -16.77 31.89
CA LEU D 215 9.66 -15.55 32.65
C LEU D 215 9.72 -15.86 34.15
N ALA D 216 9.02 -16.92 34.54
CA ALA D 216 8.89 -17.37 35.92
C ALA D 216 10.27 -17.61 36.54
N PHE D 217 11.20 -18.21 35.77
CA PHE D 217 12.53 -18.52 36.28
C PHE D 217 13.23 -17.27 36.79
N GLN D 218 13.16 -16.18 36.01
CA GLN D 218 13.93 -14.99 36.31
C GLN D 218 13.28 -14.17 37.43
N ILE D 219 11.99 -14.44 37.67
CA ILE D 219 11.27 -13.77 38.74
C ILE D 219 11.78 -14.30 40.08
N VAL D 220 11.92 -15.64 40.19
CA VAL D 220 12.22 -16.25 41.46
C VAL D 220 13.67 -16.02 41.88
N ASP D 221 14.60 -15.87 40.92
CA ASP D 221 16.02 -15.83 41.25
C ASP D 221 16.41 -14.46 41.80
N ASP D 222 15.45 -13.64 42.22
CA ASP D 222 15.66 -12.21 42.45
C ASP D 222 16.46 -11.91 43.73
N ILE D 223 17.77 -11.72 43.51
CA ILE D 223 18.79 -11.33 44.48
C ILE D 223 19.06 -12.42 45.52
N LEU D 224 18.26 -12.46 46.59
CA LEU D 224 18.31 -13.54 47.57
C LEU D 224 17.09 -14.46 47.38
N THR D 225 20.83 -1.66 41.63
CA THR D 225 20.07 -2.35 40.55
C THR D 225 18.63 -2.56 41.02
N TYR D 226 17.68 -2.48 40.07
CA TYR D 226 16.25 -2.58 40.34
C TYR D 226 15.69 -3.87 39.74
N PRO D 227 15.37 -4.92 40.54
CA PRO D 227 14.73 -6.15 40.03
C PRO D 227 13.20 -6.22 39.99
N SER D 228 12.68 -7.33 39.41
CA SER D 228 11.25 -7.58 39.23
C SER D 228 10.58 -7.88 40.56
N LEU D 229 11.41 -8.01 41.61
CA LEU D 229 10.93 -8.24 42.96
C LEU D 229 11.07 -6.97 43.80
N TRP D 230 11.80 -5.96 43.27
CA TRP D 230 11.90 -4.66 43.93
C TRP D 230 10.84 -3.69 43.42
N GLY D 231 9.79 -4.23 42.77
CA GLY D 231 8.49 -3.63 42.56
C GLY D 231 7.36 -4.58 42.99
N ILE D 232 7.41 -4.99 44.27
CA ILE D 232 6.51 -5.88 45.01
C ILE D 232 7.06 -7.31 45.02
N GLU D 233 6.97 -8.00 46.19
CA GLU D 233 7.53 -9.33 46.41
C GLU D 233 6.45 -10.39 46.68
N LYS D 234 5.41 -10.00 47.43
CA LYS D 234 4.27 -10.84 47.74
C LYS D 234 3.39 -11.00 46.51
N SER D 235 3.50 -10.05 45.56
CA SER D 235 2.77 -10.11 44.31
C SER D 235 3.66 -10.58 43.15
N GLN D 236 4.98 -10.40 43.32
CA GLN D 236 5.98 -10.91 42.40
C GLN D 236 5.89 -12.44 42.36
N ALA D 237 5.85 -13.05 43.56
CA ALA D 237 5.77 -14.50 43.71
C ALA D 237 4.41 -15.01 43.24
N GLU D 238 3.39 -14.15 43.25
CA GLU D 238 2.06 -14.49 42.81
C GLU D 238 2.06 -14.65 41.30
N ALA D 239 2.74 -13.74 40.58
CA ALA D 239 2.80 -13.74 39.12
C ALA D 239 3.52 -14.99 38.62
N GLN D 240 4.71 -15.26 39.18
CA GLN D 240 5.48 -16.44 38.83
C GLN D 240 4.58 -17.67 38.89
N LYS D 241 3.68 -17.71 39.87
CA LYS D 241 2.81 -18.85 40.08
C LYS D 241 1.72 -18.90 39.00
N LEU D 242 1.08 -17.77 38.73
CA LEU D 242 0.00 -17.70 37.74
C LEU D 242 0.52 -18.20 36.40
N VAL D 243 1.78 -17.85 36.12
CA VAL D 243 2.38 -18.09 34.82
C VAL D 243 2.75 -19.57 34.68
N ALA D 244 3.42 -20.15 35.69
CA ALA D 244 3.75 -21.58 35.69
C ALA D 244 2.47 -22.42 35.67
N GLU D 245 1.40 -21.85 36.22
CA GLU D 245 0.12 -22.54 36.32
C GLU D 245 -0.52 -22.61 34.94
N ALA D 246 -0.53 -21.47 34.23
CA ALA D 246 -1.09 -21.37 32.88
C ALA D 246 -0.37 -22.37 31.98
N ILE D 247 0.96 -22.42 32.11
CA ILE D 247 1.82 -23.29 31.33
C ILE D 247 1.45 -24.75 31.57
N ALA D 248 1.44 -25.16 32.85
CA ALA D 248 1.21 -26.54 33.26
C ALA D 248 -0.15 -27.02 32.75
N SER D 249 -0.94 -26.10 32.18
CA SER D 249 -2.08 -26.51 31.37
C SER D 249 -1.69 -26.76 29.90
N LEU D 250 -1.06 -27.93 29.71
CA LEU D 250 -1.05 -28.67 28.46
C LEU D 250 -1.62 -30.07 28.77
N GLU D 251 -2.78 -30.07 29.42
CA GLU D 251 -3.43 -31.27 29.96
C GLU D 251 -3.80 -32.24 28.83
N PRO D 252 -4.14 -31.76 27.61
CA PRO D 252 -4.42 -32.64 26.48
C PRO D 252 -3.47 -33.83 26.21
N TYR D 253 -2.27 -33.82 26.78
CA TYR D 253 -1.33 -34.89 26.49
C TYR D 253 -1.36 -35.93 27.60
N GLY D 254 -1.95 -35.55 28.74
CA GLY D 254 -2.06 -36.40 29.90
C GLY D 254 -0.70 -36.79 30.45
N GLU D 255 -0.46 -38.10 30.48
CA GLU D 255 0.68 -38.68 31.18
C GLU D 255 1.94 -38.35 30.40
N LYS D 256 1.81 -38.19 29.07
CA LYS D 256 2.94 -37.93 28.18
C LYS D 256 3.65 -36.63 28.57
N ALA D 257 2.91 -35.77 29.29
CA ALA D 257 3.34 -34.40 29.60
C ALA D 257 3.97 -34.30 30.99
N ASN D 258 4.31 -35.45 31.61
CA ASN D 258 4.78 -35.41 32.98
C ASN D 258 6.10 -34.65 33.09
N PRO D 259 7.11 -34.98 32.25
CA PRO D 259 8.41 -34.31 32.37
C PRO D 259 8.30 -32.79 32.27
N LEU D 260 7.45 -32.33 31.33
CA LEU D 260 7.35 -30.90 31.15
C LEU D 260 6.60 -30.28 32.33
N LYS D 261 5.49 -30.89 32.76
CA LYS D 261 4.78 -30.45 33.95
C LYS D 261 5.71 -30.44 35.15
N ALA D 262 6.43 -31.54 35.35
CA ALA D 262 7.37 -31.64 36.45
C ALA D 262 8.35 -30.47 36.40
N LEU D 263 8.95 -30.28 35.22
CA LEU D 263 10.04 -29.35 35.00
C LEU D 263 9.58 -27.91 35.25
N ALA D 264 8.31 -27.66 34.85
CA ALA D 264 7.66 -26.39 35.07
C ALA D 264 7.71 -26.02 36.56
N GLU D 265 7.38 -27.00 37.43
CA GLU D 265 7.26 -26.78 38.85
C GLU D 265 8.60 -26.37 39.47
N TYR D 266 9.67 -26.12 38.69
CA TYR D 266 10.74 -25.29 39.23
C TYR D 266 10.29 -23.83 39.49
N ILE D 267 9.69 -23.57 40.68
CA ILE D 267 9.47 -22.21 41.12
C ILE D 267 10.10 -21.97 42.50
N VAL E 1 11.84 47.01 -20.97
CA VAL E 1 10.83 46.01 -20.51
C VAL E 1 11.20 45.57 -19.09
N ALA E 2 11.37 46.55 -18.19
CA ALA E 2 11.74 46.34 -16.79
C ALA E 2 11.09 47.41 -15.91
N ASP E 3 10.92 47.13 -14.61
CA ASP E 3 10.33 48.11 -13.71
C ASP E 3 10.62 47.78 -12.25
N ALA E 4 9.80 46.93 -11.61
CA ALA E 4 9.98 46.62 -10.19
C ALA E 4 10.05 45.11 -9.92
N HIS E 5 11.09 44.75 -9.15
CA HIS E 5 11.36 43.43 -8.58
C HIS E 5 12.27 43.65 -7.37
N THR E 6 11.77 43.34 -6.16
CA THR E 6 12.42 43.73 -4.92
C THR E 6 13.62 42.84 -4.64
N GLN E 7 14.55 43.38 -3.84
CA GLN E 7 15.57 42.66 -3.10
C GLN E 7 15.03 41.32 -2.59
N GLY E 8 15.69 40.22 -2.96
CA GLY E 8 15.56 38.95 -2.25
C GLY E 8 14.47 38.01 -2.78
N PHE E 9 13.83 38.42 -3.88
CA PHE E 9 12.89 37.55 -4.57
C PHE E 9 13.44 37.13 -5.93
N SER E 10 13.53 35.82 -6.14
CA SER E 10 14.01 35.30 -7.42
C SER E 10 12.86 34.66 -8.19
N LEU E 11 12.41 35.32 -9.27
CA LEU E 11 11.35 34.80 -10.12
C LEU E 11 11.70 33.40 -10.63
N ALA E 12 12.95 33.19 -11.05
CA ALA E 12 13.34 31.93 -11.67
C ALA E 12 13.13 30.77 -10.70
N GLN E 13 13.43 30.99 -9.42
CA GLN E 13 13.24 29.95 -8.42
C GLN E 13 11.76 29.70 -8.25
N TYR E 14 11.00 30.79 -8.03
CA TYR E 14 9.57 30.78 -7.83
C TYR E 14 8.89 29.99 -8.95
N LEU E 15 9.13 30.41 -10.21
CA LEU E 15 8.56 29.74 -11.37
C LEU E 15 8.89 28.25 -11.35
N GLN E 16 10.13 27.92 -10.95
CA GLN E 16 10.59 26.54 -10.94
C GLN E 16 9.81 25.76 -9.87
N GLU E 17 9.73 26.32 -8.66
CA GLU E 17 9.07 25.66 -7.54
C GLU E 17 7.60 25.46 -7.88
N GLN E 18 6.93 26.54 -8.31
CA GLN E 18 5.49 26.55 -8.57
C GLN E 18 5.18 25.62 -9.74
N LYS E 19 5.96 25.71 -10.82
CA LYS E 19 5.72 24.89 -11.99
C LYS E 19 5.75 23.41 -11.59
N THR E 20 6.62 23.06 -10.64
CA THR E 20 6.76 21.66 -10.26
C THR E 20 5.48 21.20 -9.55
N ILE E 21 5.00 22.03 -8.63
CA ILE E 21 3.86 21.64 -7.82
C ILE E 21 2.59 21.60 -8.68
N VAL E 22 2.48 22.52 -9.64
CA VAL E 22 1.38 22.60 -10.58
C VAL E 22 1.36 21.35 -11.45
N GLU E 23 2.54 20.94 -11.94
CA GLU E 23 2.58 19.80 -12.85
C GLU E 23 2.25 18.49 -12.15
N THR E 24 2.54 18.39 -10.84
CA THR E 24 2.18 17.12 -10.22
C THR E 24 0.67 17.09 -9.98
N ALA E 25 0.08 18.29 -9.79
CA ALA E 25 -1.35 18.39 -9.59
C ALA E 25 -2.07 18.08 -10.90
N LEU E 26 -1.57 18.66 -12.02
CA LEU E 26 -2.17 18.34 -13.31
C LEU E 26 -2.15 16.83 -13.53
N ASP E 27 -1.02 16.19 -13.22
CA ASP E 27 -0.82 14.78 -13.52
C ASP E 27 -1.81 13.94 -12.71
N GLN E 28 -1.94 14.26 -11.41
CA GLN E 28 -2.84 13.60 -10.50
C GLN E 28 -4.30 13.75 -10.92
N SER E 29 -4.65 14.85 -11.61
CA SER E 29 -6.05 15.13 -11.90
C SER E 29 -6.60 14.20 -12.97
N LEU E 30 -5.73 13.65 -13.83
CA LEU E 30 -6.20 12.79 -14.90
C LEU E 30 -5.71 11.35 -14.66
N VAL E 31 -6.50 10.57 -13.91
CA VAL E 31 -6.18 9.17 -13.69
C VAL E 31 -6.84 8.32 -14.78
N ILE E 32 -6.03 7.47 -15.44
CA ILE E 32 -6.38 6.75 -16.65
C ILE E 32 -7.29 5.57 -16.35
N THR E 33 -8.58 5.67 -16.65
CA THR E 33 -9.54 4.55 -16.62
C THR E 33 -10.00 4.31 -18.06
N GLU E 34 -11.01 3.46 -18.28
CA GLU E 34 -11.48 3.20 -19.63
C GLU E 34 -12.48 4.30 -20.04
N PRO E 35 -12.56 4.73 -21.32
CA PRO E 35 -11.66 4.25 -22.38
C PRO E 35 -10.31 4.96 -22.35
N VAL E 36 -9.20 4.20 -22.41
CA VAL E 36 -7.88 4.78 -22.14
C VAL E 36 -7.55 5.90 -23.12
N THR E 37 -8.03 5.76 -24.36
CA THR E 37 -7.63 6.69 -25.39
C THR E 37 -8.02 8.14 -25.03
N ILE E 38 -9.18 8.36 -24.42
CA ILE E 38 -9.59 9.73 -24.13
C ILE E 38 -8.66 10.32 -23.07
N TYR E 39 -8.39 9.57 -22.01
CA TYR E 39 -7.47 10.04 -20.97
C TYR E 39 -6.07 10.28 -21.53
N GLU E 40 -5.65 9.41 -22.45
CA GLU E 40 -4.35 9.54 -23.09
C GLU E 40 -4.29 10.86 -23.85
N ALA E 41 -5.32 11.10 -24.65
CA ALA E 41 -5.42 12.30 -25.48
C ALA E 41 -5.46 13.56 -24.63
N MET E 42 -6.13 13.49 -23.48
CA MET E 42 -6.23 14.65 -22.60
C MET E 42 -4.85 14.91 -21.98
N ARG E 43 -4.22 13.85 -21.46
CA ARG E 43 -2.96 14.00 -20.74
C ARG E 43 -1.89 14.48 -21.71
N TYR E 44 -2.00 14.04 -22.97
CA TYR E 44 -1.01 14.39 -23.97
C TYR E 44 -0.91 15.91 -24.09
N SER E 45 -2.05 16.59 -24.20
CA SER E 45 -2.07 18.02 -24.37
C SER E 45 -1.89 18.73 -23.03
N LEU E 46 -2.48 18.17 -21.96
CA LEU E 46 -2.44 18.89 -20.69
C LEU E 46 -1.04 18.80 -20.07
N LEU E 47 -0.31 17.71 -20.31
CA LEU E 47 0.92 17.46 -19.57
C LEU E 47 2.16 17.79 -20.39
N ALA E 48 2.01 18.01 -21.72
CA ALA E 48 3.02 18.68 -22.51
C ALA E 48 3.35 19.97 -21.78
N GLY E 49 4.61 20.26 -21.52
CA GLY E 49 4.90 21.25 -20.49
C GLY E 49 4.50 22.68 -20.89
N GLY E 50 5.13 23.67 -20.26
CA GLY E 50 4.91 25.05 -20.61
C GLY E 50 5.39 25.96 -19.47
N LYS E 51 5.11 27.26 -19.60
CA LYS E 51 5.43 28.20 -18.53
C LYS E 51 4.46 28.01 -17.35
N ARG E 52 3.19 27.65 -17.66
CA ARG E 52 2.11 27.44 -16.71
C ARG E 52 1.81 28.74 -15.98
N LEU E 53 1.79 29.83 -16.74
CA LEU E 53 1.58 31.16 -16.18
C LEU E 53 0.18 31.29 -15.59
N ARG E 54 -0.84 30.67 -16.24
CA ARG E 54 -2.21 30.90 -15.80
C ARG E 54 -2.45 30.25 -14.43
N PRO E 55 -2.12 28.95 -14.22
CA PRO E 55 -2.17 28.39 -12.87
C PRO E 55 -1.33 29.15 -11.87
N ILE E 56 -0.19 29.67 -12.33
CA ILE E 56 0.71 30.33 -11.36
C ILE E 56 0.16 31.70 -10.94
N LEU E 57 -0.41 32.46 -11.90
CA LEU E 57 -1.06 33.71 -11.55
C LEU E 57 -2.10 33.47 -10.47
N CYS E 58 -2.85 32.37 -10.63
CA CYS E 58 -3.94 32.06 -9.71
C CYS E 58 -3.38 31.82 -8.30
N LEU E 59 -2.43 30.90 -8.17
CA LEU E 59 -1.79 30.65 -6.87
C LEU E 59 -1.18 31.95 -6.32
N ALA E 60 -0.49 32.71 -7.18
CA ALA E 60 0.13 33.93 -6.71
C ALA E 60 -0.93 34.81 -6.05
N ALA E 61 -2.02 35.07 -6.77
CA ALA E 61 -3.05 36.00 -6.33
C ALA E 61 -3.70 35.49 -5.05
N CYS E 62 -3.96 34.18 -5.02
CA CYS E 62 -4.54 33.60 -3.83
C CYS E 62 -3.62 33.78 -2.63
N GLU E 63 -2.33 33.46 -2.82
CA GLU E 63 -1.33 33.47 -1.76
C GLU E 63 -1.09 34.89 -1.23
N MET E 64 -1.11 35.87 -2.12
CA MET E 64 -0.91 37.26 -1.75
C MET E 64 -2.01 37.70 -0.78
N LEU E 65 -3.22 37.14 -0.92
CA LEU E 65 -4.36 37.60 -0.16
C LEU E 65 -4.54 36.73 1.09
N GLY E 66 -3.60 35.81 1.33
CA GLY E 66 -3.64 35.06 2.58
C GLY E 66 -4.15 33.64 2.40
N GLY E 67 -4.44 33.24 1.17
CA GLY E 67 -4.88 31.89 0.92
C GLY E 67 -3.70 30.93 0.74
N THR E 68 -3.99 29.64 0.63
CA THR E 68 -2.98 28.60 0.52
C THR E 68 -3.04 27.96 -0.87
N ALA E 69 -1.96 27.24 -1.21
CA ALA E 69 -1.88 26.50 -2.45
C ALA E 69 -3.04 25.51 -2.54
N ALA E 70 -3.44 24.97 -1.40
CA ALA E 70 -4.45 23.92 -1.36
C ALA E 70 -5.82 24.50 -1.70
N MET E 71 -6.03 25.77 -1.39
CA MET E 71 -7.28 26.44 -1.73
C MET E 71 -7.39 26.70 -3.23
N ALA E 72 -6.25 26.93 -3.91
CA ALA E 72 -6.28 27.47 -5.26
C ALA E 72 -5.90 26.41 -6.29
N MET E 73 -5.42 25.25 -5.81
CA MET E 73 -4.76 24.35 -6.73
C MET E 73 -5.74 23.82 -7.79
N ASN E 74 -6.93 23.38 -7.36
CA ASN E 74 -7.92 22.86 -8.31
C ASN E 74 -8.27 23.94 -9.33
N THR E 75 -8.59 25.15 -8.89
CA THR E 75 -8.87 26.22 -9.83
C THR E 75 -7.68 26.42 -10.77
N ALA E 76 -6.48 26.38 -10.23
CA ALA E 76 -5.28 26.56 -11.02
C ALA E 76 -5.22 25.50 -12.12
N CYS E 77 -5.47 24.24 -11.76
CA CYS E 77 -5.50 23.17 -12.76
C CYS E 77 -6.63 23.38 -13.77
N ALA E 78 -7.78 23.83 -13.27
CA ALA E 78 -8.93 24.11 -14.11
C ALA E 78 -8.56 25.14 -15.18
N LEU E 79 -7.88 26.22 -14.77
CA LEU E 79 -7.50 27.28 -15.70
C LEU E 79 -6.61 26.70 -16.80
N GLU E 80 -5.68 25.82 -16.40
CA GLU E 80 -4.77 25.23 -17.35
C GLU E 80 -5.52 24.27 -18.28
N MET E 81 -6.54 23.60 -17.74
CA MET E 81 -7.32 22.68 -18.55
C MET E 81 -8.04 23.47 -19.64
N ILE E 82 -8.63 24.62 -19.25
CA ILE E 82 -9.38 25.43 -20.19
C ILE E 82 -8.44 25.95 -21.27
N HIS E 83 -7.29 26.48 -20.84
CA HIS E 83 -6.28 26.94 -21.77
C HIS E 83 -5.87 25.82 -22.73
N THR E 84 -5.63 24.61 -22.19
CA THR E 84 -5.30 23.47 -23.04
C THR E 84 -6.37 23.22 -24.09
N MET E 85 -7.65 23.18 -23.66
CA MET E 85 -8.69 22.79 -24.61
C MET E 85 -8.89 23.87 -25.67
N SER E 86 -8.63 25.13 -25.32
CA SER E 86 -8.74 26.16 -26.34
C SER E 86 -7.69 25.94 -27.42
N LEU E 87 -6.47 25.55 -27.03
CA LEU E 87 -5.43 25.23 -27.99
C LEU E 87 -5.81 23.99 -28.80
N ILE E 88 -6.34 22.92 -28.16
CA ILE E 88 -6.66 21.71 -28.90
C ILE E 88 -7.64 22.04 -30.02
N HIS E 89 -8.68 22.81 -29.68
CA HIS E 89 -9.70 23.17 -30.64
C HIS E 89 -9.16 24.14 -31.68
N ASP E 90 -8.30 25.07 -31.25
CA ASP E 90 -7.79 26.09 -32.15
C ASP E 90 -6.90 25.44 -33.21
N ASP E 91 -6.23 24.35 -32.85
CA ASP E 91 -5.29 23.70 -33.75
C ASP E 91 -6.00 22.94 -34.85
N LEU E 92 -7.30 22.68 -34.69
CA LEU E 92 -8.01 21.83 -35.63
C LEU E 92 -7.95 22.36 -37.06
N PRO E 93 -7.93 21.47 -38.07
CA PRO E 93 -7.99 21.88 -39.49
C PRO E 93 -8.99 22.97 -39.80
N ALA E 94 -10.21 22.85 -39.26
CA ALA E 94 -11.25 23.83 -39.57
C ALA E 94 -10.92 25.20 -39.00
N MET E 95 -9.85 25.29 -38.18
CA MET E 95 -9.48 26.55 -37.56
C MET E 95 -8.06 26.97 -37.97
N ASP E 96 -7.10 26.96 -37.04
CA ASP E 96 -5.73 27.38 -37.35
C ASP E 96 -4.97 26.31 -38.14
N ASN E 97 -5.44 25.07 -38.08
CA ASN E 97 -4.86 23.96 -38.83
C ASN E 97 -3.37 23.77 -38.51
N ASP E 98 -3.05 23.66 -37.22
CA ASP E 98 -1.67 23.56 -36.76
C ASP E 98 -1.26 22.10 -36.69
N ASP E 99 -0.03 21.84 -37.12
CA ASP E 99 0.50 20.50 -37.28
C ASP E 99 1.40 20.20 -36.08
N LEU E 100 1.90 21.25 -35.41
CA LEU E 100 2.61 21.03 -34.16
C LEU E 100 2.62 22.29 -33.32
N ARG E 101 3.00 22.12 -32.04
CA ARG E 101 2.89 23.13 -31.00
C ARG E 101 3.96 22.84 -29.95
N ARG E 102 4.78 23.87 -29.66
CA ARG E 102 5.94 23.76 -28.80
C ARG E 102 6.83 22.61 -29.25
N GLY E 103 6.95 22.43 -30.57
CA GLY E 103 7.84 21.43 -31.14
C GLY E 103 7.25 20.02 -31.16
N LYS E 104 6.18 19.79 -30.40
CA LYS E 104 5.54 18.49 -30.38
C LYS E 104 4.33 18.50 -31.33
N PRO E 105 3.95 17.37 -31.97
CA PRO E 105 2.76 17.34 -32.84
C PRO E 105 1.47 17.63 -32.05
N THR E 106 0.49 18.22 -32.73
CA THR E 106 -0.75 18.63 -32.08
C THR E 106 -1.66 17.43 -31.85
N ASN E 107 -2.57 17.59 -30.90
CA ASN E 107 -3.44 16.55 -30.42
C ASN E 107 -4.08 15.78 -31.58
N HIS E 108 -4.68 16.48 -32.54
CA HIS E 108 -5.44 15.79 -33.56
C HIS E 108 -4.56 14.98 -34.48
N LYS E 109 -3.28 15.39 -34.63
CA LYS E 109 -2.33 14.68 -35.49
C LYS E 109 -1.95 13.35 -34.85
N VAL E 110 -2.05 13.26 -33.51
CA VAL E 110 -1.75 12.01 -32.83
C VAL E 110 -3.00 11.14 -32.70
N TYR E 111 -4.20 11.74 -32.47
CA TYR E 111 -5.33 10.91 -32.04
C TYR E 111 -6.49 10.96 -33.03
N GLY E 112 -6.43 11.89 -33.99
CA GLY E 112 -7.54 12.12 -34.92
C GLY E 112 -8.36 13.35 -34.50
N GLU E 113 -8.98 14.01 -35.48
CA GLU E 113 -9.75 15.21 -35.20
C GLU E 113 -10.87 14.88 -34.22
N ASP E 114 -11.52 13.72 -34.41
CA ASP E 114 -12.65 13.32 -33.59
C ASP E 114 -12.27 13.28 -32.11
N ILE E 115 -11.20 12.55 -31.80
CA ILE E 115 -10.73 12.38 -30.44
C ILE E 115 -10.31 13.75 -29.89
N ALA E 116 -9.68 14.56 -30.73
CA ALA E 116 -9.21 15.87 -30.31
C ALA E 116 -10.39 16.73 -29.85
N ILE E 117 -11.48 16.72 -30.65
CA ILE E 117 -12.65 17.51 -30.32
C ILE E 117 -13.16 17.05 -28.95
N LEU E 118 -13.27 15.72 -28.78
CA LEU E 118 -13.78 15.16 -27.55
C LEU E 118 -12.82 15.44 -26.39
N ALA E 119 -11.52 15.43 -26.66
CA ALA E 119 -10.56 15.65 -25.58
C ALA E 119 -10.73 17.06 -25.02
N GLY E 120 -10.92 18.02 -25.95
CA GLY E 120 -11.14 19.41 -25.58
C GLY E 120 -12.41 19.54 -24.74
N ASP E 121 -13.48 18.88 -25.19
CA ASP E 121 -14.77 18.94 -24.50
C ASP E 121 -14.62 18.39 -23.08
N ALA E 122 -13.95 17.24 -22.96
CA ALA E 122 -13.76 16.59 -21.67
C ALA E 122 -13.01 17.52 -20.72
N LEU E 123 -11.95 18.17 -21.21
CA LEU E 123 -11.17 19.10 -20.39
C LEU E 123 -12.03 20.29 -19.96
N LEU E 124 -12.82 20.84 -20.89
CA LEU E 124 -13.62 22.02 -20.58
C LEU E 124 -14.60 21.66 -19.45
N SER E 125 -15.27 20.50 -19.53
CA SER E 125 -16.22 20.21 -18.49
C SER E 125 -15.50 19.84 -17.21
N TYR E 126 -14.35 19.19 -17.35
CA TYR E 126 -13.62 18.72 -16.18
C TYR E 126 -13.15 19.93 -15.39
N ALA E 127 -12.81 21.03 -16.11
CA ALA E 127 -12.36 22.24 -15.43
C ALA E 127 -13.38 22.65 -14.36
N PHE E 128 -14.66 22.73 -14.75
CA PHE E 128 -15.70 23.17 -13.83
C PHE E 128 -15.89 22.15 -12.72
N GLU E 129 -15.94 20.86 -13.07
CA GLU E 129 -16.05 19.83 -12.05
C GLU E 129 -14.92 20.02 -11.03
N TYR E 130 -13.70 20.32 -11.50
CA TYR E 130 -12.54 20.33 -10.63
C TYR E 130 -12.61 21.51 -9.66
N VAL E 131 -12.99 22.70 -10.18
CA VAL E 131 -13.15 23.83 -9.28
C VAL E 131 -14.12 23.43 -8.17
N ALA E 132 -15.16 22.69 -8.52
CA ALA E 132 -16.27 22.46 -7.61
C ALA E 132 -15.90 21.43 -6.57
N ARG E 133 -14.88 20.61 -6.85
CA ARG E 133 -14.39 19.58 -5.94
C ARG E 133 -13.32 20.15 -5.02
N THR E 134 -12.98 21.44 -5.14
CA THR E 134 -11.99 22.04 -4.27
C THR E 134 -12.31 21.72 -2.81
N PRO E 135 -11.40 21.06 -2.07
CA PRO E 135 -11.64 20.66 -0.69
C PRO E 135 -12.08 21.66 0.38
N ASP E 136 -11.30 22.69 0.71
CA ASP E 136 -11.63 23.35 1.98
C ASP E 136 -12.03 24.82 1.80
N VAL E 137 -12.96 25.07 0.88
CA VAL E 137 -13.29 26.44 0.54
C VAL E 137 -14.81 26.60 0.61
N PRO E 138 -15.35 27.65 1.24
CA PRO E 138 -16.79 27.87 1.29
C PRO E 138 -17.36 27.80 -0.13
N ALA E 139 -18.52 27.13 -0.27
CA ALA E 139 -19.15 26.89 -1.55
C ALA E 139 -19.45 28.20 -2.30
N GLU E 140 -19.80 29.25 -1.55
CA GLU E 140 -20.19 30.52 -2.14
C GLU E 140 -19.04 31.05 -3.00
N ARG E 141 -17.80 30.87 -2.51
CA ARG E 141 -16.65 31.40 -3.22
C ARG E 141 -16.47 30.59 -4.51
N LEU E 142 -16.53 29.25 -4.38
CA LEU E 142 -16.37 28.39 -5.53
C LEU E 142 -17.39 28.72 -6.62
N LEU E 143 -18.64 29.03 -6.23
CA LEU E 143 -19.67 29.36 -7.22
C LEU E 143 -19.25 30.62 -7.96
N GLN E 144 -18.75 31.63 -7.23
CA GLN E 144 -18.34 32.87 -7.87
C GLN E 144 -17.23 32.59 -8.88
N VAL E 145 -16.28 31.72 -8.50
CA VAL E 145 -15.20 31.41 -9.42
C VAL E 145 -15.81 30.79 -10.67
N ILE E 146 -16.75 29.85 -10.47
CA ILE E 146 -17.34 29.10 -11.58
C ILE E 146 -18.07 30.08 -12.50
N VAL E 147 -18.77 31.06 -11.92
CA VAL E 147 -19.46 32.03 -12.75
C VAL E 147 -18.47 32.85 -13.55
N ARG E 148 -17.42 33.36 -12.87
CA ARG E 148 -16.46 34.21 -13.53
C ARG E 148 -15.69 33.43 -14.61
N LEU E 149 -15.41 32.17 -14.30
CA LEU E 149 -14.74 31.30 -15.25
C LEU E 149 -15.61 31.15 -16.47
N GLY E 150 -16.91 30.88 -16.27
CA GLY E 150 -17.87 30.79 -17.36
C GLY E 150 -17.84 32.04 -18.22
N GLN E 151 -17.95 33.24 -17.61
CA GLN E 151 -17.93 34.47 -18.39
C GLN E 151 -16.62 34.66 -19.15
N ALA E 152 -15.51 34.14 -18.61
CA ALA E 152 -14.21 34.41 -19.22
C ALA E 152 -14.02 33.53 -20.46
N VAL E 153 -14.65 32.35 -20.46
CA VAL E 153 -14.37 31.30 -21.43
C VAL E 153 -15.31 31.44 -22.63
N GLY E 154 -16.56 31.89 -22.36
CA GLY E 154 -17.63 31.78 -23.31
C GLY E 154 -17.70 32.92 -24.32
N ALA E 155 -18.93 33.18 -24.78
CA ALA E 155 -19.28 34.16 -25.78
C ALA E 155 -18.83 35.57 -25.35
N GLU E 156 -18.84 35.84 -24.04
CA GLU E 156 -18.50 37.15 -23.53
C GLU E 156 -16.99 37.26 -23.32
N GLY E 157 -16.24 36.19 -23.63
CA GLY E 157 -14.81 36.18 -23.38
C GLY E 157 -14.04 35.44 -24.49
N LEU E 158 -13.32 34.39 -24.09
CA LEU E 158 -12.40 33.68 -24.95
C LEU E 158 -13.06 33.37 -26.30
N VAL E 159 -14.19 32.67 -26.29
CA VAL E 159 -14.82 32.22 -27.53
C VAL E 159 -15.28 33.43 -28.32
N GLY E 160 -15.87 34.41 -27.63
CA GLY E 160 -16.21 35.69 -28.25
C GLY E 160 -15.04 36.29 -29.05
N GLY E 161 -13.88 36.38 -28.40
CA GLY E 161 -12.65 36.87 -29.04
C GLY E 161 -12.30 36.04 -30.27
N GLN E 162 -12.26 34.72 -30.13
CA GLN E 162 -11.91 33.84 -31.23
C GLN E 162 -12.86 34.08 -32.40
N VAL E 163 -14.12 34.42 -32.14
CA VAL E 163 -15.09 34.60 -33.22
C VAL E 163 -14.78 35.88 -34.00
N VAL E 164 -14.56 36.98 -33.30
CA VAL E 164 -14.20 38.26 -33.90
C VAL E 164 -12.89 38.12 -34.68
N ASP E 165 -11.93 37.38 -34.09
CA ASP E 165 -10.64 37.07 -34.70
C ASP E 165 -10.87 36.38 -36.04
N LEU E 166 -11.77 35.39 -36.08
CA LEU E 166 -11.98 34.60 -37.29
C LEU E 166 -12.60 35.48 -38.39
N GLU E 167 -13.49 36.39 -37.97
CA GLU E 167 -14.22 37.26 -38.88
C GLU E 167 -13.27 38.30 -39.50
N SER E 168 -12.13 38.54 -38.84
CA SER E 168 -11.17 39.51 -39.34
C SER E 168 -9.99 38.81 -40.03
N GLU E 169 -9.84 37.51 -39.77
CA GLU E 169 -8.74 36.72 -40.32
C GLU E 169 -8.94 36.67 -41.83
N VAL E 170 -7.34 46.35 -44.16
CA VAL E 170 -7.52 47.63 -43.43
C VAL E 170 -8.04 47.35 -42.01
N ALA E 171 -7.21 46.61 -41.25
CA ALA E 171 -7.52 46.19 -39.88
C ALA E 171 -7.72 47.41 -38.98
N VAL E 172 -8.88 47.48 -38.30
CA VAL E 172 -9.22 48.61 -37.42
C VAL E 172 -8.80 48.29 -35.99
N GLU E 173 -8.51 49.35 -35.20
CA GLU E 173 -7.72 49.21 -33.98
C GLU E 173 -8.60 48.72 -32.84
N THR E 174 -9.91 48.95 -32.94
CA THR E 174 -10.88 48.57 -31.91
C THR E 174 -11.27 47.11 -32.14
N LEU E 175 -11.12 46.64 -33.39
CA LEU E 175 -11.34 45.23 -33.71
C LEU E 175 -10.16 44.41 -33.18
N ASN E 176 -9.01 45.08 -33.05
CA ASN E 176 -7.82 44.47 -32.47
C ASN E 176 -7.97 44.39 -30.96
N PHE E 177 -8.70 45.41 -30.46
CA PHE E 177 -9.07 45.59 -29.04
C PHE E 177 -9.87 44.37 -28.60
N ILE E 178 -11.14 44.29 -29.00
CA ILE E 178 -12.08 43.18 -28.64
C ILE E 178 -11.39 41.81 -28.66
N HIS E 179 -10.99 41.33 -29.83
CA HIS E 179 -10.39 39.99 -29.99
C HIS E 179 -9.28 39.70 -28.97
N THR E 180 -8.28 40.56 -28.95
CA THR E 180 -7.15 40.11 -28.12
C THR E 180 -7.36 40.49 -26.64
N HIS E 181 -8.33 41.36 -26.35
CA HIS E 181 -8.73 41.66 -24.96
C HIS E 181 -9.43 40.41 -24.43
N LYS E 182 -10.18 39.69 -25.28
CA LYS E 182 -10.83 38.42 -24.83
C LYS E 182 -9.72 37.40 -24.54
N THR E 183 -8.70 37.40 -25.42
CA THR E 183 -7.57 36.49 -25.12
C THR E 183 -6.96 36.86 -23.76
N GLY E 184 -6.77 38.17 -23.49
CA GLY E 184 -6.21 38.69 -22.23
C GLY E 184 -7.23 38.91 -21.13
N ALA E 185 -8.39 38.26 -21.26
CA ALA E 185 -9.51 38.20 -20.31
C ALA E 185 -9.42 36.81 -19.69
N LEU E 186 -8.88 35.83 -20.42
CA LEU E 186 -8.67 34.56 -19.64
C LEU E 186 -7.75 34.82 -18.42
N LEU E 187 -6.69 35.60 -18.62
CA LEU E 187 -5.68 36.13 -17.74
C LEU E 187 -6.28 36.84 -16.54
N GLU E 188 -7.31 37.66 -16.78
CA GLU E 188 -7.94 38.42 -15.71
C GLU E 188 -8.57 37.46 -14.69
N VAL E 189 -9.15 36.36 -15.19
CA VAL E 189 -9.89 35.50 -14.30
C VAL E 189 -8.93 34.68 -13.44
N CYS E 190 -7.68 34.54 -13.88
CA CYS E 190 -6.66 33.86 -13.09
C CYS E 190 -6.46 34.58 -11.74
N VAL E 191 -6.26 35.91 -11.78
CA VAL E 191 -5.93 36.61 -10.55
C VAL E 191 -7.23 36.83 -9.77
N THR E 192 -8.31 37.04 -10.51
CA THR E 192 -9.62 37.25 -9.91
C THR E 192 -10.06 36.00 -9.12
N ALA E 193 -9.94 34.83 -9.74
CA ALA E 193 -10.30 33.59 -9.07
C ALA E 193 -9.48 33.41 -7.80
N GLY E 194 -8.16 33.64 -7.92
CA GLY E 194 -7.28 33.52 -6.77
C GLY E 194 -7.76 34.40 -5.61
N ALA E 195 -8.05 35.67 -5.93
CA ALA E 195 -8.49 36.60 -4.90
C ALA E 195 -9.78 36.07 -4.25
N ILE E 196 -10.75 35.65 -5.07
CA ILE E 196 -12.03 35.21 -4.54
C ILE E 196 -11.84 33.98 -3.66
N LEU E 197 -11.03 33.03 -4.10
CA LEU E 197 -10.76 31.84 -3.29
C LEU E 197 -10.25 32.25 -1.92
N ALA E 198 -9.42 33.31 -1.87
CA ALA E 198 -8.80 33.72 -0.61
C ALA E 198 -9.82 34.42 0.30
N GLY E 199 -10.93 34.85 -0.27
CA GLY E 199 -11.92 35.55 0.52
C GLY E 199 -11.81 37.05 0.40
N ALA E 200 -11.14 37.50 -0.66
CA ALA E 200 -10.99 38.93 -0.89
C ALA E 200 -12.35 39.63 -0.88
N LYS E 201 -12.35 40.86 -0.37
CA LYS E 201 -13.50 41.76 -0.41
C LYS E 201 -13.51 42.44 -1.78
N PRO E 202 -14.71 42.82 -2.29
CA PRO E 202 -14.85 43.34 -3.66
C PRO E 202 -13.86 44.41 -4.15
N GLU E 203 -13.40 45.30 -3.25
CA GLU E 203 -12.44 46.34 -3.60
C GLU E 203 -11.12 45.70 -4.06
N GLU E 204 -10.74 44.61 -3.38
CA GLU E 204 -9.51 43.90 -3.67
C GLU E 204 -9.64 43.19 -5.02
N VAL E 205 -10.82 42.60 -5.26
CA VAL E 205 -11.08 41.91 -6.49
C VAL E 205 -10.96 42.92 -7.63
N GLN E 206 -11.34 44.17 -7.37
CA GLN E 206 -11.26 45.19 -8.39
C GLN E 206 -9.82 45.65 -8.60
N LEU E 207 -9.10 45.82 -7.49
CA LEU E 207 -7.66 46.08 -7.52
C LEU E 207 -6.99 45.11 -8.48
N LEU E 208 -7.22 43.81 -8.25
CA LEU E 208 -6.60 42.75 -9.06
C LEU E 208 -7.12 42.82 -10.50
N SER E 209 -8.39 43.16 -10.65
CA SER E 209 -8.97 43.22 -11.97
C SER E 209 -8.25 44.25 -12.83
N ARG E 210 -7.99 45.41 -12.24
CA ARG E 210 -7.40 46.50 -13.00
C ARG E 210 -5.93 46.17 -13.30
N TYR E 211 -5.26 45.56 -12.31
CA TYR E 211 -3.94 45.01 -12.52
C TYR E 211 -3.91 44.10 -13.75
N ALA E 212 -4.90 43.22 -13.83
CA ALA E 212 -4.95 42.22 -14.88
C ALA E 212 -5.25 42.87 -16.24
N GLN E 213 -6.14 43.86 -16.22
CA GLN E 213 -6.51 44.53 -17.44
C GLN E 213 -5.32 45.27 -18.04
N ASN E 214 -4.50 45.90 -17.18
CA ASN E 214 -3.30 46.61 -17.60
C ASN E 214 -2.28 45.70 -18.26
N ILE E 215 -2.02 44.51 -17.69
CA ILE E 215 -1.12 43.57 -18.32
C ILE E 215 -1.52 43.29 -19.78
N GLY E 216 -2.81 42.98 -19.99
CA GLY E 216 -3.37 42.75 -21.31
C GLY E 216 -2.93 43.74 -22.37
N LEU E 217 -2.90 45.02 -21.95
CA LEU E 217 -2.58 46.28 -22.69
C LEU E 217 -1.14 46.29 -23.23
N ALA E 218 -0.14 46.24 -22.34
CA ALA E 218 1.27 46.20 -22.81
C ALA E 218 1.52 44.82 -23.41
N PHE E 219 0.86 43.78 -22.91
CA PHE E 219 1.03 42.48 -23.61
C PHE E 219 0.41 42.59 -25.01
N GLN E 220 -0.71 43.31 -25.17
CA GLN E 220 -1.34 43.52 -26.52
C GLN E 220 -0.27 44.19 -27.39
N ILE E 221 0.39 45.23 -26.86
CA ILE E 221 1.50 45.85 -27.63
C ILE E 221 2.50 44.78 -28.11
N VAL E 222 2.95 43.86 -27.24
CA VAL E 222 3.91 42.85 -27.78
C VAL E 222 3.19 41.55 -28.14
N LYS E 223 8.31 51.75 -31.06
CA LYS E 223 8.82 52.92 -30.29
C LYS E 223 7.80 53.26 -29.20
N SER E 224 6.82 54.08 -29.57
CA SER E 224 5.72 54.49 -28.65
C SER E 224 5.08 53.25 -28.01
N GLN E 225 4.78 52.22 -28.81
CA GLN E 225 4.23 50.93 -28.34
C GLN E 225 4.92 50.47 -27.05
N ALA E 226 6.22 50.12 -27.15
CA ALA E 226 6.98 49.60 -25.99
C ALA E 226 7.04 50.64 -24.87
N GLU E 227 7.19 51.92 -25.22
CA GLU E 227 7.24 52.93 -24.13
C GLU E 227 5.94 52.88 -23.33
N ALA E 228 4.80 52.82 -24.02
CA ALA E 228 3.44 52.72 -23.46
C ALA E 228 3.33 51.48 -22.60
N GLN E 229 3.86 50.36 -23.09
CA GLN E 229 3.83 49.10 -22.32
C GLN E 229 4.45 49.38 -20.95
N LYS E 230 5.65 49.96 -20.92
CA LYS E 230 6.25 50.22 -19.59
C LYS E 230 5.35 51.11 -18.74
N LEU E 231 4.40 51.84 -19.34
CA LEU E 231 3.64 52.73 -18.48
C LEU E 231 2.55 51.92 -17.76
N VAL E 232 1.98 50.97 -18.50
CA VAL E 232 0.81 50.23 -18.06
C VAL E 232 1.23 49.16 -17.04
N ALA E 233 2.30 48.39 -17.31
CA ALA E 233 2.82 47.41 -16.36
C ALA E 233 3.32 48.11 -15.10
N GLU E 234 3.72 49.37 -15.24
CA GLU E 234 4.22 50.16 -14.13
C GLU E 234 3.05 50.53 -13.20
N ALA E 235 1.95 51.01 -13.81
CA ALA E 235 0.74 51.37 -13.08
C ALA E 235 0.24 50.16 -12.29
N ILE E 236 0.25 48.99 -12.96
CA ILE E 236 -0.21 47.72 -12.40
C ILE E 236 0.63 47.36 -11.18
N ALA E 237 1.97 47.35 -11.35
CA ALA E 237 2.91 46.97 -10.30
C ALA E 237 2.75 47.87 -9.08
N SER E 238 1.90 48.90 -9.19
CA SER E 238 1.39 49.57 -8.01
C SER E 238 0.14 48.88 -7.43
N LEU E 239 0.42 47.75 -6.77
CA LEU E 239 -0.38 47.20 -5.69
C LEU E 239 0.55 47.10 -4.47
N GLU E 240 1.26 48.20 -4.18
CA GLU E 240 2.28 48.30 -3.15
C GLU E 240 1.67 48.05 -1.77
N PRO E 241 0.38 48.40 -1.51
CA PRO E 241 -0.29 48.07 -0.25
C PRO E 241 -0.07 46.69 0.36
N TYR E 242 0.40 45.72 -0.41
CA TYR E 242 0.53 44.35 0.10
C TYR E 242 1.97 44.08 0.52
N GLY E 243 2.87 44.98 0.10
CA GLY E 243 4.27 44.92 0.44
C GLY E 243 4.93 43.67 -0.14
N GLU E 244 5.49 42.85 0.77
CA GLU E 244 6.33 41.75 0.38
C GLU E 244 5.47 40.65 -0.26
N LYS E 245 4.20 40.58 0.18
CA LYS E 245 3.28 39.55 -0.25
C LYS E 245 3.03 39.66 -1.76
N ALA E 246 3.32 40.84 -2.32
CA ALA E 246 3.01 41.19 -3.70
C ALA E 246 4.18 40.94 -4.66
N ASN E 247 5.24 40.29 -4.18
CA ASN E 247 6.45 40.21 -5.00
C ASN E 247 6.16 39.35 -6.23
N PRO E 248 5.59 38.13 -6.04
CA PRO E 248 5.33 37.25 -7.19
C PRO E 248 4.47 37.92 -8.25
N LEU E 249 3.43 38.67 -7.85
CA LEU E 249 2.60 39.31 -8.85
C LEU E 249 3.35 40.45 -9.54
N LYS E 250 4.08 41.28 -8.78
CA LYS E 250 4.92 42.33 -9.37
C LYS E 250 5.93 41.69 -10.35
N ALA E 251 6.63 40.66 -9.86
CA ALA E 251 7.59 39.97 -10.72
C ALA E 251 6.90 39.52 -12.02
N LEU E 252 5.78 38.83 -11.85
CA LEU E 252 5.06 38.11 -12.89
C LEU E 252 4.52 39.11 -13.91
N ALA E 253 4.15 40.30 -13.45
CA ALA E 253 3.73 41.41 -14.29
C ALA E 253 4.79 41.68 -15.35
N GLU E 254 6.06 41.77 -14.91
CA GLU E 254 7.14 42.06 -15.87
C GLU E 254 7.31 40.89 -16.84
N TYR E 255 7.16 39.69 -16.30
CA TYR E 255 7.51 38.47 -17.01
C TYR E 255 6.50 38.21 -18.12
N ILE E 256 5.27 38.71 -17.99
CA ILE E 256 4.25 38.57 -19.00
C ILE E 256 4.52 39.49 -20.21
N VAL E 257 4.92 40.75 -19.95
CA VAL E 257 5.17 41.67 -21.06
C VAL E 257 6.56 41.41 -21.68
N ASN E 258 7.55 41.02 -20.88
CA ASN E 258 8.88 40.76 -21.44
C ASN E 258 8.80 39.53 -22.36
N ARG E 259 8.74 38.34 -21.75
CA ARG E 259 8.52 37.05 -22.41
C ARG E 259 9.64 36.75 -23.42
N GLN F 1 35.83 -11.53 -28.73
CA GLN F 1 34.99 -10.91 -27.67
C GLN F 1 35.22 -11.64 -26.34
N GLY F 2 35.62 -10.88 -25.33
CA GLY F 2 35.99 -11.42 -24.03
C GLY F 2 35.29 -10.66 -22.90
N PHE F 3 35.84 -10.77 -21.68
CA PHE F 3 35.11 -10.51 -20.46
C PHE F 3 35.78 -9.38 -19.66
N SER F 4 34.98 -8.40 -19.21
CA SER F 4 35.48 -7.32 -18.39
C SER F 4 35.07 -7.45 -16.91
N LEU F 5 36.09 -7.77 -16.10
CA LEU F 5 35.94 -7.94 -14.67
C LEU F 5 35.40 -6.64 -14.04
N ALA F 6 35.89 -5.50 -14.49
CA ALA F 6 35.55 -4.22 -13.87
C ALA F 6 34.04 -3.99 -13.95
N GLN F 7 33.44 -4.33 -15.10
CA GLN F 7 32.01 -4.16 -15.27
C GLN F 7 31.27 -5.10 -14.32
N TYR F 8 31.67 -6.38 -14.40
CA TYR F 8 31.10 -7.46 -13.61
C TYR F 8 31.10 -7.08 -12.13
N LEU F 9 32.28 -6.77 -11.59
CA LEU F 9 32.44 -6.38 -10.20
C LEU F 9 31.51 -5.23 -9.84
N GLN F 10 31.36 -4.28 -10.78
CA GLN F 10 30.52 -3.12 -10.55
C GLN F 10 29.06 -3.53 -10.43
N GLU F 11 28.61 -4.33 -11.41
CA GLU F 11 27.24 -4.80 -11.46
C GLU F 11 26.92 -5.62 -10.20
N GLN F 12 27.77 -6.62 -9.92
CA GLN F 12 27.56 -7.55 -8.82
C GLN F 12 27.61 -6.83 -7.47
N LYS F 13 28.62 -5.97 -7.30
CA LYS F 13 28.77 -5.23 -6.07
C LYS F 13 27.49 -4.46 -5.75
N THR F 14 26.84 -3.94 -6.79
CA THR F 14 25.65 -3.13 -6.60
C THR F 14 24.53 -4.00 -6.03
N ILE F 15 24.34 -5.16 -6.65
CA ILE F 15 23.20 -6.00 -6.29
C ILE F 15 23.44 -6.62 -4.90
N VAL F 16 24.69 -6.94 -4.58
CA VAL F 16 25.09 -7.47 -3.28
C VAL F 16 24.81 -6.43 -2.19
N GLU F 17 25.18 -5.16 -2.46
CA GLU F 17 25.06 -4.15 -1.43
C GLU F 17 23.59 -3.82 -1.16
N THR F 18 22.70 -3.98 -2.16
CA THR F 18 21.32 -3.68 -1.83
C THR F 18 20.74 -4.81 -1.00
N ALA F 19 21.26 -6.02 -1.24
CA ALA F 19 20.82 -7.17 -0.47
C ALA F 19 21.32 -7.07 0.98
N LEU F 20 22.59 -6.69 1.16
CA LEU F 20 23.12 -6.49 2.49
C LEU F 20 22.26 -5.49 3.25
N ASP F 21 21.92 -4.39 2.58
CA ASP F 21 21.23 -3.30 3.25
C ASP F 21 19.84 -3.76 3.70
N GLN F 22 19.13 -4.45 2.79
CA GLN F 22 17.81 -4.99 3.06
C GLN F 22 17.82 -6.02 4.20
N SER F 23 18.93 -6.74 4.39
CA SER F 23 18.97 -7.84 5.35
C SER F 23 18.92 -7.34 6.82
N LEU F 24 19.37 -6.11 7.06
CA LEU F 24 19.43 -5.58 8.41
C LEU F 24 18.42 -4.44 8.58
N VAL F 25 17.17 -4.80 8.92
CA VAL F 25 16.12 -3.82 9.14
C VAL F 25 16.11 -3.45 10.63
N ILE F 26 16.16 -2.14 10.89
CA ILE F 26 16.40 -1.57 12.22
C ILE F 26 15.15 -1.65 13.07
N THR F 27 15.10 -2.58 14.04
CA THR F 27 14.08 -2.69 15.08
C THR F 27 14.74 -2.38 16.43
N GLU F 28 14.03 -2.59 17.54
CA GLU F 28 14.63 -2.27 18.84
C GLU F 28 15.39 -3.50 19.33
N PRO F 29 16.52 -3.38 20.08
CA PRO F 29 17.15 -2.10 20.40
C PRO F 29 17.98 -1.56 19.23
N VAL F 30 17.80 -0.28 18.89
CA VAL F 30 18.39 0.27 17.67
C VAL F 30 19.92 0.15 17.68
N THR F 31 20.52 0.26 18.87
CA THR F 31 21.98 0.32 18.92
C THR F 31 22.64 -0.94 18.32
N ILE F 32 22.05 -2.12 18.52
CA ILE F 32 22.66 -3.33 18.00
C ILE F 32 22.62 -3.32 16.47
N TYR F 33 21.46 -2.98 15.90
CA TYR F 33 21.32 -2.91 14.45
C TYR F 33 22.25 -1.84 13.86
N GLU F 34 22.40 -0.72 14.59
CA GLU F 34 23.28 0.35 14.16
C GLU F 34 24.71 -0.18 14.07
N ALA F 35 25.14 -0.85 15.15
CA ALA F 35 26.48 -1.39 15.25
C ALA F 35 26.75 -2.42 14.16
N MET F 36 25.74 -3.24 13.83
CA MET F 36 25.88 -4.26 12.82
C MET F 36 26.01 -3.60 11.44
N ARG F 37 25.11 -2.65 11.17
CA ARG F 37 25.06 -2.00 9.87
C ARG F 37 26.37 -1.24 9.62
N TYR F 38 26.90 -0.68 10.70
CA TYR F 38 28.10 0.14 10.60
C TYR F 38 29.23 -0.67 9.97
N SER F 39 29.45 -1.87 10.49
CA SER F 39 30.53 -2.71 10.01
C SER F 39 30.14 -3.42 8.70
N LEU F 40 28.87 -3.85 8.59
CA LEU F 40 28.51 -4.66 7.45
C LEU F 40 28.41 -3.79 6.19
N LEU F 41 28.00 -2.52 6.37
CA LEU F 41 27.65 -1.73 5.19
C LEU F 41 28.76 -0.73 4.82
N ALA F 42 29.77 -0.57 5.68
CA ALA F 42 31.06 0.01 5.28
C ALA F 42 31.49 -0.72 4.01
N GLY F 43 31.77 -0.01 2.94
CA GLY F 43 31.88 -0.70 1.67
C GLY F 43 33.12 -1.60 1.60
N GLY F 44 33.29 -2.28 0.46
CA GLY F 44 34.50 -3.06 0.24
C GLY F 44 34.46 -3.71 -1.13
N LYS F 45 35.37 -4.66 -1.37
CA LYS F 45 35.41 -5.35 -2.65
C LYS F 45 34.25 -6.33 -2.79
N ARG F 46 33.84 -6.94 -1.67
CA ARG F 46 32.75 -7.91 -1.57
C ARG F 46 33.07 -9.16 -2.38
N LEU F 47 34.32 -9.61 -2.29
CA LEU F 47 34.73 -10.73 -3.13
C LEU F 47 34.05 -12.03 -2.71
N ARG F 48 33.81 -12.19 -1.40
CA ARG F 48 33.26 -13.45 -0.91
C ARG F 48 31.83 -13.64 -1.40
N PRO F 49 30.90 -12.68 -1.21
CA PRO F 49 29.58 -12.79 -1.81
C PRO F 49 29.64 -12.97 -3.33
N ILE F 50 30.62 -12.32 -3.97
CA ILE F 50 30.66 -12.38 -5.42
C ILE F 50 31.14 -13.75 -5.92
N LEU F 51 32.15 -14.33 -5.27
CA LEU F 51 32.58 -15.69 -5.59
C LEU F 51 31.39 -16.64 -5.51
N CYS F 52 30.54 -16.45 -4.49
CA CYS F 52 29.40 -17.33 -4.28
C CYS F 52 28.42 -17.24 -5.46
N LEU F 53 27.99 -16.02 -5.79
CA LEU F 53 27.12 -15.82 -6.94
C LEU F 53 27.80 -16.34 -8.22
N ALA F 54 29.09 -16.04 -8.38
CA ALA F 54 29.79 -16.50 -9.57
C ALA F 54 29.62 -18.01 -9.71
N ALA F 55 29.97 -18.73 -8.64
CA ALA F 55 30.00 -20.18 -8.68
C ALA F 55 28.60 -20.74 -8.91
N CYS F 56 27.62 -20.12 -8.25
CA CYS F 56 26.26 -20.57 -8.43
C CYS F 56 25.83 -20.38 -9.88
N GLU F 57 26.11 -19.19 -10.43
CA GLU F 57 25.68 -18.81 -11.78
C GLU F 57 26.36 -19.68 -12.84
N MET F 58 27.63 -20.03 -12.63
CA MET F 58 28.38 -20.86 -13.54
C MET F 58 27.71 -22.23 -13.68
N LEU F 59 27.06 -22.71 -12.61
CA LEU F 59 26.51 -24.06 -12.60
C LEU F 59 25.04 -24.02 -12.98
N GLY F 60 24.53 -22.86 -13.39
CA GLY F 60 23.17 -22.78 -13.89
C GLY F 60 22.18 -22.22 -12.88
N GLY F 61 22.66 -21.82 -11.70
CA GLY F 61 21.79 -21.21 -10.72
C GLY F 61 21.60 -19.71 -10.96
N THR F 62 20.73 -19.10 -10.16
CA THR F 62 20.42 -17.69 -10.28
C THR F 62 20.91 -16.93 -9.05
N ALA F 63 20.98 -15.61 -9.19
CA ALA F 63 21.32 -14.70 -8.13
C ALA F 63 20.38 -14.90 -6.94
N ALA F 64 19.11 -15.20 -7.24
CA ALA F 64 18.10 -15.31 -6.20
C ALA F 64 18.31 -16.56 -5.37
N MET F 65 18.90 -17.60 -5.96
CA MET F 65 19.23 -18.80 -5.21
C MET F 65 20.40 -18.57 -4.24
N ALA F 66 21.33 -17.69 -4.60
CA ALA F 66 22.60 -17.61 -3.88
C ALA F 66 22.68 -16.35 -3.03
N MET F 67 21.73 -15.45 -3.17
CA MET F 67 21.90 -14.13 -2.60
C MET F 67 21.99 -14.16 -1.07
N ASN F 68 21.08 -14.88 -0.42
CA ASN F 68 21.09 -15.03 1.02
C ASN F 68 22.44 -15.60 1.49
N THR F 69 22.87 -16.71 0.89
CA THR F 69 24.15 -17.29 1.25
C THR F 69 25.27 -16.26 1.05
N ALA F 70 25.19 -15.52 -0.06
CA ALA F 70 26.21 -14.51 -0.36
C ALA F 70 26.26 -13.48 0.76
N CYS F 71 25.09 -13.02 1.21
CA CYS F 71 25.05 -12.07 2.32
C CYS F 71 25.56 -12.70 3.62
N ALA F 72 25.19 -13.96 3.83
CA ALA F 72 25.66 -14.72 4.99
C ALA F 72 27.19 -14.72 5.05
N LEU F 73 27.83 -15.02 3.91
CA LEU F 73 29.29 -15.09 3.84
C LEU F 73 29.89 -13.75 4.24
N GLU F 74 29.27 -12.66 3.74
CA GLU F 74 29.78 -11.33 4.04
C GLU F 74 29.58 -11.01 5.53
N MET F 75 28.46 -11.50 6.08
CA MET F 75 28.19 -11.24 7.48
C MET F 75 29.27 -11.90 8.33
N ILE F 76 29.60 -13.16 7.98
CA ILE F 76 30.59 -13.91 8.75
C ILE F 76 31.95 -13.19 8.65
N HIS F 77 32.34 -12.82 7.43
CA HIS F 77 33.55 -12.07 7.21
C HIS F 77 33.57 -10.78 8.05
N THR F 78 32.45 -10.04 8.06
CA THR F 78 32.37 -8.83 8.85
C THR F 78 32.60 -9.14 10.33
N MET F 79 31.93 -10.18 10.85
CA MET F 79 32.01 -10.39 12.28
C MET F 79 33.41 -10.84 12.69
N SER F 80 34.09 -11.54 11.78
CA SER F 80 35.46 -11.91 12.10
C SER F 80 36.34 -10.65 12.24
N LEU F 81 36.13 -9.66 11.37
CA LEU F 81 36.84 -8.38 11.50
C LEU F 81 36.45 -7.64 12.80
N ILE F 82 35.14 -7.60 13.14
CA ILE F 82 34.73 -6.88 14.34
C ILE F 82 35.44 -7.47 15.56
N HIS F 83 35.45 -8.80 15.64
CA HIS F 83 36.06 -9.48 16.77
C HIS F 83 37.57 -9.36 16.73
N ASP F 84 38.16 -9.39 15.52
CA ASP F 84 39.61 -9.34 15.39
C ASP F 84 40.14 -7.99 15.85
N ASP F 85 39.33 -6.95 15.66
CA ASP F 85 39.79 -5.61 15.97
C ASP F 85 39.81 -5.35 17.48
N LEU F 86 39.13 -6.20 18.25
CA LEU F 86 38.98 -5.94 19.68
C LEU F 86 40.33 -5.82 20.40
N PRO F 87 40.42 -4.96 21.44
CA PRO F 87 41.62 -4.84 22.26
C PRO F 87 42.26 -6.18 22.66
N ALA F 88 41.44 -7.15 23.07
CA ALA F 88 41.97 -8.42 23.52
C ALA F 88 42.64 -9.19 22.38
N MET F 89 42.50 -8.71 21.15
CA MET F 89 43.04 -9.40 19.98
C MET F 89 44.02 -8.47 19.24
N ASP F 90 43.68 -8.01 18.03
CA ASP F 90 44.59 -7.20 17.23
C ASP F 90 44.64 -5.76 17.74
N ASN F 91 43.61 -5.34 18.51
CA ASN F 91 43.54 -4.01 19.09
C ASN F 91 43.64 -2.91 18.04
N ASP F 92 42.79 -2.97 17.01
CA ASP F 92 42.80 -2.01 15.91
C ASP F 92 41.87 -0.84 16.23
N ASP F 93 42.35 0.38 15.94
CA ASP F 93 41.66 1.60 16.31
C ASP F 93 40.93 2.16 15.11
N LEU F 94 41.35 1.75 13.91
CA LEU F 94 40.59 2.09 12.72
C LEU F 94 40.90 1.11 11.59
N ARG F 95 40.05 1.16 10.55
CA ARG F 95 40.01 0.20 9.46
C ARG F 95 39.44 0.91 8.24
N ARG F 96 40.18 0.85 7.11
CA ARG F 96 39.88 1.59 5.89
C ARG F 96 39.69 3.08 6.20
N GLY F 97 40.50 3.59 7.13
CA GLY F 97 40.49 5.01 7.46
C GLY F 97 39.38 5.40 8.44
N LYS F 98 38.37 4.54 8.61
CA LYS F 98 37.24 4.82 9.48
C LYS F 98 37.46 4.10 10.81
N PRO F 99 36.97 4.62 11.96
CA PRO F 99 37.17 3.97 13.25
C PRO F 99 36.50 2.59 13.32
N THR F 100 37.08 1.69 14.12
CA THR F 100 36.56 0.35 14.22
C THR F 100 35.32 0.31 15.11
N ASN F 101 34.53 -0.74 14.94
CA ASN F 101 33.24 -0.91 15.58
C ASN F 101 33.31 -0.59 17.08
N HIS F 102 34.27 -1.17 17.80
CA HIS F 102 34.26 -1.03 19.24
C HIS F 102 34.58 0.41 19.67
N LYS F 103 35.31 1.14 18.83
CA LYS F 103 35.66 2.53 19.12
C LYS F 103 34.42 3.41 19.01
N VAL F 104 33.44 3.00 18.21
CA VAL F 104 32.21 3.75 18.08
C VAL F 104 31.18 3.31 19.12
N TYR F 105 31.09 2.01 19.46
CA TYR F 105 29.93 1.53 20.22
C TYR F 105 30.33 0.93 21.56
N GLY F 106 31.63 0.69 21.78
CA GLY F 106 32.11 0.00 22.96
C GLY F 106 32.45 -1.47 22.68
N GLU F 107 33.39 -2.03 23.44
CA GLU F 107 33.81 -3.40 23.24
C GLU F 107 32.63 -4.34 23.39
N ASP F 108 31.80 -4.07 24.40
CA ASP F 108 30.67 -4.92 24.72
C ASP F 108 29.73 -5.05 23.52
N ILE F 109 29.32 -3.90 22.97
CA ILE F 109 28.38 -3.88 21.86
C ILE F 109 29.04 -4.56 20.66
N ALA F 110 30.35 -4.32 20.47
CA ALA F 110 31.07 -4.89 19.34
C ALA F 110 31.01 -6.41 19.41
N ILE F 111 31.26 -6.97 20.60
CA ILE F 111 31.25 -8.42 20.77
C ILE F 111 29.86 -8.93 20.37
N LEU F 112 28.82 -8.28 20.90
CA LEU F 112 27.45 -8.71 20.64
C LEU F 112 27.09 -8.51 19.17
N ALA F 113 27.62 -7.44 18.54
CA ALA F 113 27.30 -7.19 17.15
C ALA F 113 27.84 -8.32 16.28
N GLY F 114 29.05 -8.78 16.62
CA GLY F 114 29.68 -9.89 15.93
C GLY F 114 28.86 -11.15 16.08
N ASP F 115 28.42 -11.42 17.32
CA ASP F 115 27.62 -12.60 17.63
C ASP F 115 26.31 -12.57 16.84
N ALA F 116 25.65 -11.42 16.82
CA ALA F 116 24.41 -11.25 16.08
C ALA F 116 24.60 -11.57 14.60
N LEU F 117 25.69 -11.04 14.00
CA LEU F 117 25.97 -11.29 12.59
C LEU F 117 26.26 -12.78 12.34
N LEU F 118 27.03 -13.40 13.22
CA LEU F 118 27.36 -14.81 13.07
C LEU F 118 26.09 -15.66 13.07
N SER F 119 25.17 -15.39 14.00
CA SER F 119 23.98 -16.24 14.05
C SER F 119 23.06 -15.87 12.89
N TYR F 120 23.06 -14.59 12.53
CA TYR F 120 22.16 -14.17 11.47
C TYR F 120 22.57 -14.81 10.15
N ALA F 121 23.88 -15.01 9.98
CA ALA F 121 24.37 -15.66 8.77
C ALA F 121 23.63 -17.00 8.54
N PHE F 122 23.59 -17.82 9.58
CA PHE F 122 22.98 -19.14 9.48
C PHE F 122 21.48 -19.00 9.26
N GLU F 123 20.83 -18.13 10.03
CA GLU F 123 19.41 -17.90 9.87
C GLU F 123 19.15 -17.55 8.40
N TYR F 124 20.01 -16.70 7.81
CA TYR F 124 19.74 -16.18 6.49
C TYR F 124 19.87 -17.26 5.42
N VAL F 125 20.90 -18.07 5.52
CA VAL F 125 21.03 -19.19 4.60
C VAL F 125 19.75 -20.02 4.64
N ALA F 126 19.21 -20.20 5.84
CA ALA F 126 18.12 -21.14 6.03
C ALA F 126 16.80 -20.57 5.51
N ARG F 127 16.73 -19.24 5.38
CA ARG F 127 15.55 -18.56 4.87
C ARG F 127 15.58 -18.46 3.35
N THR F 128 16.65 -18.93 2.71
CA THR F 128 16.76 -18.85 1.26
C THR F 128 15.48 -19.37 0.62
N PRO F 129 14.78 -18.57 -0.20
CA PRO F 129 13.59 -19.05 -0.91
C PRO F 129 13.92 -20.05 -2.02
N ASP F 130 12.94 -20.88 -2.36
CA ASP F 130 12.95 -21.64 -3.59
C ASP F 130 14.23 -22.43 -3.85
N VAL F 131 14.83 -22.99 -2.80
CA VAL F 131 15.93 -23.91 -2.96
C VAL F 131 15.60 -25.12 -2.08
N PRO F 132 15.78 -26.37 -2.58
CA PRO F 132 15.53 -27.56 -1.77
C PRO F 132 16.30 -27.46 -0.46
N ALA F 133 15.64 -27.85 0.63
CA ALA F 133 16.20 -27.82 1.98
C ALA F 133 17.48 -28.63 2.08
N GLU F 134 17.59 -29.73 1.33
CA GLU F 134 18.74 -30.62 1.41
C GLU F 134 20.00 -29.83 1.06
N ARG F 135 19.88 -28.94 0.07
CA ARG F 135 21.03 -28.17 -0.38
C ARG F 135 21.41 -27.17 0.72
N LEU F 136 20.40 -26.48 1.25
CA LEU F 136 20.63 -25.49 2.30
C LEU F 136 21.31 -26.14 3.51
N LEU F 137 20.93 -27.37 3.87
CA LEU F 137 21.56 -28.04 5.00
C LEU F 137 23.04 -28.24 4.70
N GLN F 138 23.36 -28.67 3.47
CA GLN F 138 24.75 -28.88 3.11
C GLN F 138 25.54 -27.59 3.23
N VAL F 139 24.93 -26.48 2.77
CA VAL F 139 25.63 -25.20 2.85
C VAL F 139 25.89 -24.92 4.32
N ILE F 140 24.87 -25.13 5.18
CA ILE F 140 24.97 -24.81 6.58
C ILE F 140 26.06 -25.64 7.22
N VAL F 141 26.17 -26.91 6.85
CA VAL F 141 27.23 -27.74 7.42
C VAL F 141 28.59 -27.21 6.99
N ARG F 142 28.74 -26.94 5.69
CA ARG F 142 30.03 -26.51 5.17
C ARG F 142 30.40 -25.14 5.73
N LEU F 143 29.40 -24.29 5.87
CA LEU F 143 29.60 -22.98 6.45
C LEU F 143 30.09 -23.15 7.90
N GLY F 144 29.45 -24.04 8.66
CA GLY F 144 29.88 -24.35 10.01
C GLY F 144 31.34 -24.77 10.05
N GLN F 145 31.73 -25.72 9.19
CA GLN F 145 33.11 -26.19 9.16
C GLN F 145 34.07 -25.07 8.80
N ALA F 146 33.63 -24.11 7.98
CA ALA F 146 34.56 -23.12 7.47
C ALA F 146 34.85 -22.07 8.53
N VAL F 147 33.87 -21.84 9.43
CA VAL F 147 33.89 -20.70 10.33
C VAL F 147 34.54 -21.09 11.66
N GLY F 148 34.34 -22.35 12.07
CA GLY F 148 34.64 -22.77 13.43
C GLY F 148 36.10 -23.18 13.65
N ALA F 149 36.28 -24.11 14.59
CA ALA F 149 37.58 -24.59 15.04
C ALA F 149 38.35 -25.25 13.90
N GLU F 150 37.62 -25.85 12.94
CA GLU F 150 38.25 -26.52 11.81
C GLU F 150 38.58 -25.53 10.69
N GLY F 151 38.25 -24.25 10.89
CA GLY F 151 38.45 -23.25 9.85
C GLY F 151 38.89 -21.91 10.43
N LEU F 152 38.07 -20.88 10.16
CA LEU F 152 38.41 -19.50 10.45
C LEU F 152 38.94 -19.37 11.88
N VAL F 153 38.15 -19.79 12.87
CA VAL F 153 38.51 -19.58 14.27
C VAL F 153 39.77 -20.38 14.58
N GLY F 154 39.84 -21.61 14.08
CA GLY F 154 41.04 -22.43 14.18
C GLY F 154 42.28 -21.67 13.73
N GLY F 155 42.22 -21.08 12.53
CA GLY F 155 43.30 -20.26 11.99
C GLY F 155 43.66 -19.11 12.90
N GLN F 156 42.67 -18.35 13.35
CA GLN F 156 42.90 -17.21 14.23
C GLN F 156 43.62 -17.69 15.50
N VAL F 157 43.34 -18.91 15.97
CA VAL F 157 43.95 -19.37 17.21
C VAL F 157 45.44 -19.65 16.99
N VAL F 158 45.77 -20.37 15.91
CA VAL F 158 47.14 -20.69 15.54
C VAL F 158 47.91 -19.39 15.27
N ASP F 159 47.26 -18.45 14.61
CA ASP F 159 47.79 -17.13 14.31
C ASP F 159 48.20 -16.44 15.60
N LEU F 160 47.35 -16.50 16.63
CA LEU F 160 47.62 -15.80 17.87
C LEU F 160 48.80 -16.43 18.59
N GLU F 161 48.89 -17.76 18.50
CA GLU F 161 49.91 -18.54 19.17
C GLU F 161 51.28 -18.29 18.51
N SER F 162 51.27 -17.81 17.27
CA SER F 162 52.51 -17.55 16.55
C SER F 162 52.83 -16.05 16.54
N GLU F 163 51.83 -15.22 16.84
CA GLU F 163 51.96 -13.77 16.80
C GLU F 163 52.98 -13.39 17.87
N GLY F 164 53.21 -14.28 18.84
CA GLY F 164 54.24 -14.12 19.84
C GLY F 164 55.62 -14.52 19.35
N LYS F 165 55.82 -14.45 18.03
CA LYS F 165 57.10 -14.70 17.35
C LYS F 165 57.59 -16.14 17.59
N GLU F 166 56.69 -20.84 7.23
CA GLU F 166 56.37 -22.02 6.40
C GLU F 166 55.72 -23.08 7.31
N THR F 167 54.66 -23.74 6.80
CA THR F 167 53.90 -24.74 7.55
C THR F 167 52.95 -24.19 8.63
N LEU F 168 53.46 -23.45 9.63
CA LEU F 168 52.62 -22.74 10.59
C LEU F 168 51.97 -21.54 9.91
N ASN F 169 52.62 -21.06 8.84
CA ASN F 169 52.08 -20.00 8.00
C ASN F 169 50.98 -20.56 7.13
N PHE F 170 51.09 -21.83 6.74
CA PHE F 170 50.15 -22.47 5.83
C PHE F 170 48.85 -22.82 6.55
N ILE F 171 48.91 -23.29 7.81
CA ILE F 171 47.70 -23.55 8.57
C ILE F 171 46.99 -22.23 8.94
N HIS F 172 47.63 -21.06 8.97
CA HIS F 172 46.83 -19.81 9.26
C HIS F 172 46.04 -19.32 8.02
N THR F 173 46.74 -19.25 6.87
CA THR F 173 46.10 -18.77 5.61
C THR F 173 45.16 -19.84 5.07
N HIS F 174 45.42 -21.10 5.43
CA HIS F 174 44.51 -22.23 5.10
C HIS F 174 43.11 -21.86 5.61
N LYS F 175 42.98 -21.41 6.86
CA LYS F 175 41.68 -21.02 7.48
C LYS F 175 41.11 -19.77 6.80
N THR F 176 41.96 -18.78 6.44
CA THR F 176 41.27 -17.69 5.66
C THR F 176 40.72 -18.22 4.31
N GLY F 177 41.42 -19.14 3.65
CA GLY F 177 40.95 -19.76 2.40
C GLY F 177 39.78 -20.70 2.61
N ALA F 178 39.59 -21.20 3.84
CA ALA F 178 38.44 -22.03 4.24
C ALA F 178 37.21 -21.14 4.13
N LEU F 179 37.32 -19.88 4.58
CA LEU F 179 36.16 -19.01 4.31
C LEU F 179 36.02 -18.84 2.79
N LEU F 180 37.15 -18.61 2.10
CA LEU F 180 37.10 -18.48 0.62
C LEU F 180 36.54 -19.73 -0.11
N GLU F 181 36.99 -20.93 0.23
CA GLU F 181 36.62 -22.21 -0.37
C GLU F 181 35.11 -22.41 -0.29
N VAL F 182 34.53 -22.01 0.85
CA VAL F 182 33.13 -22.33 1.07
C VAL F 182 32.26 -21.39 0.22
N CYS F 183 32.81 -20.25 -0.21
CA CYS F 183 32.08 -19.36 -1.10
C CYS F 183 31.73 -20.08 -2.40
N VAL F 184 32.72 -20.73 -3.05
CA VAL F 184 32.46 -21.32 -4.35
C VAL F 184 31.74 -22.64 -4.15
N THR F 185 32.09 -23.34 -3.06
CA THR F 185 31.46 -24.59 -2.70
C THR F 185 29.95 -24.40 -2.47
N ALA F 186 29.61 -23.41 -1.63
CA ALA F 186 28.21 -23.13 -1.33
C ALA F 186 27.46 -22.82 -2.63
N GLY F 187 28.05 -21.94 -3.46
CA GLY F 187 27.43 -21.59 -4.73
C GLY F 187 27.12 -22.82 -5.56
N ALA F 188 28.11 -23.71 -5.69
CA ALA F 188 27.93 -24.91 -6.48
C ALA F 188 26.76 -25.72 -5.88
N ILE F 189 26.76 -25.94 -4.56
CA ILE F 189 25.74 -26.76 -3.93
C ILE F 189 24.37 -26.14 -4.15
N LEU F 190 24.24 -24.82 -3.97
CA LEU F 190 22.97 -24.15 -4.21
C LEU F 190 22.47 -24.46 -5.62
N ALA F 191 23.39 -24.52 -6.59
CA ALA F 191 23.00 -24.73 -7.97
C ALA F 191 22.59 -26.18 -8.23
N GLY F 192 22.92 -27.07 -7.31
CA GLY F 192 22.54 -28.46 -7.50
C GLY F 192 23.68 -29.29 -8.04
N ALA F 193 24.90 -28.80 -7.85
CA ALA F 193 26.07 -29.54 -8.28
C ALA F 193 26.07 -30.95 -7.72
N LYS F 194 26.60 -31.89 -8.50
CA LYS F 194 26.87 -33.25 -8.05
C LYS F 194 28.23 -33.23 -7.34
N PRO F 195 28.46 -34.12 -6.36
CA PRO F 195 29.69 -34.10 -5.54
C PRO F 195 31.04 -33.93 -6.24
N GLU F 196 31.20 -34.51 -7.44
CA GLU F 196 32.44 -34.40 -8.20
C GLU F 196 32.72 -32.93 -8.56
N GLU F 197 31.63 -32.21 -8.88
CA GLU F 197 31.73 -30.81 -9.26
C GLU F 197 32.10 -29.99 -8.02
N VAL F 198 31.49 -30.33 -6.88
CA VAL F 198 31.78 -29.63 -5.65
C VAL F 198 33.27 -29.80 -5.34
N GLN F 199 33.83 -30.96 -5.70
CA GLN F 199 35.24 -31.23 -5.48
C GLN F 199 36.12 -30.40 -6.43
N LEU F 200 35.71 -30.41 -7.71
CA LEU F 200 36.33 -29.58 -8.72
C LEU F 200 36.49 -28.14 -8.20
N LEU F 201 35.36 -27.57 -7.76
CA LEU F 201 35.32 -26.20 -7.27
C LEU F 201 36.15 -26.07 -6.01
N SER F 202 36.12 -27.10 -5.16
CA SER F 202 36.83 -27.06 -3.90
C SER F 202 38.31 -26.88 -4.15
N ARG F 203 38.85 -27.63 -5.12
CA ARG F 203 40.27 -27.60 -5.37
C ARG F 203 40.65 -26.25 -5.98
N TYR F 204 39.79 -25.78 -6.90
CA TYR F 204 39.92 -24.43 -7.43
C TYR F 204 40.03 -23.40 -6.30
N ALA F 205 39.14 -23.53 -5.31
CA ALA F 205 39.03 -22.58 -4.22
C ALA F 205 40.23 -22.66 -3.30
N GLN F 206 40.69 -23.89 -3.04
CA GLN F 206 41.83 -24.09 -2.17
C GLN F 206 43.08 -23.45 -2.76
N ASN F 207 43.25 -23.58 -4.09
CA ASN F 207 44.39 -23.01 -4.79
C ASN F 207 44.39 -21.48 -4.71
N ILE F 208 43.24 -20.88 -5.02
CA ILE F 208 43.09 -19.45 -4.97
C ILE F 208 43.38 -18.95 -3.55
N GLY F 209 42.74 -19.59 -2.55
CA GLY F 209 42.86 -19.22 -1.15
C GLY F 209 44.32 -19.06 -0.72
N LEU F 210 45.12 -20.04 -1.18
CA LEU F 210 46.52 -20.08 -0.78
C LEU F 210 47.27 -18.94 -1.45
N ALA F 211 47.03 -18.78 -2.76
CA ALA F 211 47.68 -17.81 -3.62
C ALA F 211 47.53 -16.42 -3.06
N PHE F 212 46.35 -16.08 -2.50
CA PHE F 212 46.14 -14.73 -1.98
C PHE F 212 47.21 -14.35 -0.94
N GLN F 213 47.45 -15.29 0.00
CA GLN F 213 48.28 -14.99 1.14
C GLN F 213 49.76 -15.06 0.78
N ILE F 214 50.06 -15.71 -0.34
CA ILE F 214 51.43 -15.76 -0.83
C ILE F 214 51.83 -14.39 -1.37
N VAL F 215 50.95 -13.80 -2.19
CA VAL F 215 51.26 -12.56 -2.87
C VAL F 215 51.21 -11.38 -1.90
N ASP F 216 50.36 -11.44 -0.86
CA ASP F 216 50.34 -10.43 0.19
C ASP F 216 51.65 -10.46 1.00
N ASP F 217 52.27 -11.64 1.07
CA ASP F 217 53.57 -11.85 1.68
C ASP F 217 54.66 -11.42 0.67
N SER F 218 60.66 -17.06 -5.55
CA SER F 218 60.06 -18.41 -5.74
C SER F 218 58.68 -18.47 -5.09
N GLN F 219 58.43 -17.57 -4.11
CA GLN F 219 57.12 -17.40 -3.50
C GLN F 219 56.13 -16.95 -4.57
N ALA F 220 56.52 -15.95 -5.37
CA ALA F 220 55.68 -15.41 -6.43
C ALA F 220 55.50 -16.42 -7.57
N GLU F 221 56.46 -17.35 -7.68
CA GLU F 221 56.40 -18.41 -8.68
C GLU F 221 55.27 -19.39 -8.33
N ALA F 222 55.19 -19.76 -7.05
CA ALA F 222 54.20 -20.72 -6.55
C ALA F 222 52.78 -20.17 -6.71
N GLN F 223 52.57 -18.92 -6.25
CA GLN F 223 51.28 -18.26 -6.37
C GLN F 223 50.78 -18.37 -7.81
N LYS F 224 51.70 -18.28 -8.78
CA LYS F 224 51.35 -18.29 -10.19
C LYS F 224 50.97 -19.71 -10.62
N LEU F 225 51.78 -20.71 -10.23
CA LEU F 225 51.54 -22.10 -10.62
C LEU F 225 50.16 -22.51 -10.13
N VAL F 226 49.79 -22.01 -8.95
CA VAL F 226 48.59 -22.43 -8.25
C VAL F 226 47.36 -21.80 -8.90
N ALA F 227 47.39 -20.48 -9.18
CA ALA F 227 46.31 -19.79 -9.87
C ALA F 227 46.14 -20.36 -11.28
N GLU F 228 47.25 -20.87 -11.84
CA GLU F 228 47.24 -21.43 -13.17
C GLU F 228 46.49 -22.76 -13.18
N ALA F 229 46.84 -23.62 -12.21
CA ALA F 229 46.21 -24.92 -12.05
C ALA F 229 44.70 -24.74 -11.87
N ILE F 230 44.33 -23.75 -11.04
CA ILE F 230 42.95 -23.43 -10.72
C ILE F 230 42.21 -23.03 -11.98
N ALA F 231 42.74 -22.06 -12.73
CA ALA F 231 42.11 -21.50 -13.92
C ALA F 231 41.85 -22.61 -14.94
N SER F 232 42.37 -23.82 -14.68
CA SER F 232 41.87 -24.99 -15.38
C SER F 232 40.63 -25.62 -14.71
N LEU F 233 39.50 -24.96 -14.93
CA LEU F 233 38.18 -25.56 -14.89
C LEU F 233 37.52 -25.31 -16.24
N GLU F 234 38.27 -25.69 -17.29
CA GLU F 234 37.95 -25.45 -18.69
C GLU F 234 36.62 -26.12 -19.07
N PRO F 235 36.26 -27.28 -18.49
CA PRO F 235 34.97 -27.93 -18.77
C PRO F 235 33.71 -27.07 -18.84
N TYR F 236 33.75 -25.85 -18.29
CA TYR F 236 32.53 -25.04 -18.22
C TYR F 236 32.54 -24.02 -19.35
N GLY F 237 33.72 -23.84 -19.94
CA GLY F 237 33.93 -22.92 -21.06
C GLY F 237 33.66 -21.49 -20.64
N GLU F 238 32.71 -20.87 -21.34
CA GLU F 238 32.48 -19.43 -21.25
C GLU F 238 31.85 -19.13 -19.90
N LYS F 239 31.10 -20.11 -19.36
CA LYS F 239 30.36 -19.95 -18.12
C LYS F 239 31.32 -19.69 -16.96
N ALA F 240 32.60 -20.04 -17.17
CA ALA F 240 33.63 -19.99 -16.14
C ALA F 240 34.42 -18.67 -16.14
N ASN F 241 33.98 -17.68 -16.91
CA ASN F 241 34.81 -16.50 -17.09
C ASN F 241 34.93 -15.74 -15.78
N PRO F 242 33.80 -15.44 -15.08
CA PRO F 242 33.86 -14.69 -13.82
C PRO F 242 34.79 -15.34 -12.79
N LEU F 243 34.73 -16.68 -12.67
CA LEU F 243 35.59 -17.34 -11.71
C LEU F 243 37.04 -17.26 -12.15
N LYS F 244 37.32 -17.55 -13.44
CA LYS F 244 38.68 -17.42 -13.95
C LYS F 244 39.18 -15.99 -13.77
N ALA F 245 38.35 -15.01 -14.16
CA ALA F 245 38.72 -13.61 -13.97
C ALA F 245 39.08 -13.35 -12.52
N LEU F 246 38.19 -13.77 -11.61
CA LEU F 246 38.27 -13.45 -10.20
C LEU F 246 39.50 -14.09 -9.56
N ALA F 247 39.85 -15.28 -10.06
CA ALA F 247 41.06 -15.99 -9.68
C ALA F 247 42.27 -15.08 -9.87
N GLU F 248 42.35 -14.44 -11.03
CA GLU F 248 43.48 -13.61 -11.38
C GLU F 248 43.50 -12.37 -10.48
N TYR F 249 42.31 -11.85 -10.17
CA TYR F 249 42.21 -10.60 -9.44
C TYR F 249 42.66 -10.77 -8.00
N ILE F 250 42.47 -11.97 -7.45
CA ILE F 250 42.85 -12.28 -6.07
C ILE F 250 44.37 -12.49 -6.02
N VAL F 251 44.93 -13.23 -6.99
CA VAL F 251 46.34 -13.58 -6.93
C VAL F 251 47.23 -12.43 -7.42
N ASN F 252 46.71 -11.53 -8.28
CA ASN F 252 47.51 -10.49 -8.92
C ASN F 252 47.03 -9.12 -8.46
N ARG F 253 47.00 -8.90 -7.15
CA ARG F 253 46.71 -7.59 -6.58
C ARG F 253 46.90 -7.64 -5.05
#